data_8IG0
#
_entry.id   8IG0
#
_cell.length_a   141.576
_cell.length_b   70.151
_cell.length_c   144.426
_cell.angle_alpha   90.000
_cell.angle_beta   91.470
_cell.angle_gamma   90.000
#
_symmetry.space_group_name_H-M   'P 1 21 1'
#
loop_
_entity.id
_entity.type
_entity.pdbx_description
1 polymer Menin
2 non-polymer (1R,2S,4R)-4-[[4-(5,6-dimethoxypyridazin-3-yl)phenyl]methylamino]-2-[methyl-[6-[2,2,2-tris(fluoranyl)ethyl]thieno[2,3-d]pyrimidin-4-yl]amino]cyclopentan-1-ol
3 non-polymer 'UNKNOWN ATOM OR ION'
4 non-polymer 'DIMETHYL SULFOXIDE'
5 water water
#
_entity_poly.entity_id   1
_entity_poly.type   'polypeptide(L)'
_entity_poly.pdbx_seq_one_letter_code
;MGLKAAQKTLFPLRSIDDVVRLFAAELGREEPDLVLLSLVLGFVEHFLAVNRVIPTNVPELTFQPSPAPDPPGGLTYFPV
ADLSIIAALYARFTAQIRGAVDLSLYPREGGVSSRELVKKVSDVIWNSLSRSYFKDRAHIQSLFSFITGTKLDSSGVAFA
VVGACQALGLRDVHLALSEDHAWVVFGPNGEQTAEVTWHGKGNEDRRGQTVNAGVAERSWLYLKGSYMRCDRKMEVAFMV
CAINPSIDLHTDSLELLQLQQKLLWLLYDLGHLERYPMALGNLADLEELEPTPGRPDPLTLYHKGIASAKTYYRDEHIYP
YMYLAGYHCRNRNVREALQAWADTATVIQDYNYCREDEEIYKEFFEVANDVIPNLLKEAASLLEAGEERPGEQSQGTQSQ
GSALQDPECFAHLLRFYDGICKWEEGSPTPVLHVGWATFLVQSLGRFEGQVRQKVRIVSGTVAGTARGPEGGSTAQVPAP
TASPPPEGPVLTFQSEKMKGMKELLVATKINSSAIKLQLTAQSQVQMKKQKVSTPSDYTLSFLKRQRKGL
;
_entity_poly.pdbx_strand_id   A,B,C,D
#
loop_
_chem_comp.id
_chem_comp.type
_chem_comp.name
_chem_comp.formula
7IX non-polymer (1R,2S,4R)-4-[[4-(5,6-dimethoxypyridazin-3-yl)phenyl]methylamino]-2-[methyl-[6-[2,2,2-tris(fluoranyl)ethyl]thieno[2,3-d]pyrimidin-4-yl]amino]cyclopentan-1-ol 'C27 H29 F3 N6 O3 S'
DMS non-polymer 'DIMETHYL SULFOXIDE' 'C2 H6 O S'
UNX non-polymer 'UNKNOWN ATOM OR ION' ?
#
# COMPACT_ATOMS: atom_id res chain seq x y z
N GLY A 2 13.06 -31.77 -25.82
CA GLY A 2 11.80 -31.93 -26.62
C GLY A 2 11.34 -30.61 -27.26
N LEU A 3 12.02 -30.23 -28.35
CA LEU A 3 11.59 -29.07 -29.13
C LEU A 3 10.56 -29.52 -30.16
N LYS A 4 9.63 -28.63 -30.49
CA LYS A 4 8.73 -28.88 -31.61
C LYS A 4 9.50 -28.58 -32.90
N ALA A 5 9.08 -29.25 -33.99
CA ALA A 5 9.76 -29.13 -35.26
C ALA A 5 9.58 -27.72 -35.80
N ALA A 6 8.57 -27.02 -35.29
CA ALA A 6 8.28 -25.68 -35.78
C ALA A 6 9.29 -24.69 -35.18
N GLN A 7 9.99 -25.16 -34.14
CA GLN A 7 10.98 -24.35 -33.46
C GLN A 7 12.32 -24.50 -34.19
N LYS A 8 12.67 -25.75 -34.51
CA LYS A 8 13.96 -26.09 -35.11
C LYS A 8 14.10 -25.42 -36.47
N THR A 9 12.99 -25.25 -37.17
CA THR A 9 12.99 -24.88 -38.57
C THR A 9 13.60 -23.49 -38.73
N LEU A 10 13.87 -22.82 -37.61
CA LEU A 10 14.33 -21.43 -37.63
C LEU A 10 15.83 -21.34 -37.42
N PHE A 11 16.41 -22.44 -36.94
CA PHE A 11 17.84 -22.57 -36.69
C PHE A 11 18.54 -22.96 -37.99
N PRO A 12 19.83 -22.58 -38.17
CA PRO A 12 20.56 -21.81 -37.16
C PRO A 12 20.31 -20.30 -37.28
N LEU A 13 20.45 -19.59 -36.16
CA LEU A 13 20.25 -18.16 -36.14
C LEU A 13 21.62 -17.49 -36.37
N ARG A 14 21.75 -16.72 -37.45
CA ARG A 14 23.06 -16.23 -37.85
C ARG A 14 23.16 -14.73 -37.61
N SER A 15 22.08 -14.10 -37.16
CA SER A 15 22.13 -12.66 -37.01
C SER A 15 21.12 -12.19 -35.99
N ILE A 16 21.13 -10.88 -35.76
CA ILE A 16 20.25 -10.25 -34.79
C ILE A 16 18.82 -10.49 -35.24
N ASP A 17 18.60 -10.23 -36.54
CA ASP A 17 17.29 -10.34 -37.15
C ASP A 17 16.80 -11.77 -37.04
N ASP A 18 17.72 -12.72 -37.22
CA ASP A 18 17.33 -14.11 -37.10
C ASP A 18 16.69 -14.32 -35.73
N VAL A 19 17.27 -13.70 -34.69
CA VAL A 19 16.86 -13.90 -33.31
C VAL A 19 15.49 -13.28 -33.12
N VAL A 20 15.36 -12.03 -33.58
CA VAL A 20 14.10 -11.31 -33.57
C VAL A 20 13.01 -12.17 -34.20
N ARG A 21 13.31 -12.80 -35.35
CA ARG A 21 12.36 -13.67 -36.03
C ARG A 21 11.90 -14.80 -35.10
N LEU A 22 12.84 -15.43 -34.41
CA LEU A 22 12.49 -16.54 -33.53
C LEU A 22 11.57 -16.04 -32.41
N PHE A 23 11.74 -14.78 -32.01
CA PHE A 23 10.97 -14.21 -30.91
C PHE A 23 9.54 -13.96 -31.37
N ALA A 24 9.42 -13.39 -32.57
CA ALA A 24 8.12 -13.17 -33.20
C ALA A 24 7.38 -14.50 -33.36
N ALA A 25 8.08 -15.51 -33.89
CA ALA A 25 7.49 -16.83 -33.94
C ALA A 25 6.93 -17.21 -32.57
N GLU A 26 7.73 -17.05 -31.52
CA GLU A 26 7.38 -17.67 -30.27
C GLU A 26 6.24 -16.90 -29.61
N LEU A 27 6.21 -15.59 -29.85
CA LEU A 27 5.18 -14.75 -29.24
C LEU A 27 3.83 -15.05 -29.89
N GLY A 28 3.89 -15.62 -31.10
CA GLY A 28 2.71 -16.04 -31.82
C GLY A 28 1.98 -17.16 -31.10
N ARG A 29 2.73 -18.11 -30.53
CA ARG A 29 2.14 -19.30 -29.90
C ARG A 29 1.47 -18.90 -28.59
N GLU A 30 0.63 -19.79 -28.04
CA GLU A 30 -0.10 -19.47 -26.81
C GLU A 30 0.90 -19.34 -25.66
N GLU A 31 1.89 -20.25 -25.66
CA GLU A 31 2.88 -20.32 -24.60
C GLU A 31 4.26 -20.32 -25.24
N PRO A 32 4.87 -19.13 -25.49
CA PRO A 32 6.25 -19.08 -25.97
C PRO A 32 7.16 -19.91 -25.07
N ASP A 33 8.10 -20.61 -25.70
CA ASP A 33 9.03 -21.44 -24.94
C ASP A 33 10.04 -20.54 -24.22
N LEU A 34 9.86 -20.39 -22.90
CA LEU A 34 10.66 -19.46 -22.11
C LEU A 34 12.11 -19.94 -22.08
N VAL A 35 12.28 -21.25 -21.84
CA VAL A 35 13.59 -21.88 -21.75
C VAL A 35 14.34 -21.74 -23.07
N LEU A 36 13.64 -22.00 -24.18
CA LEU A 36 14.27 -21.85 -25.47
C LEU A 36 14.75 -20.41 -25.69
N LEU A 37 13.92 -19.43 -25.32
CA LEU A 37 14.27 -18.05 -25.66
C LEU A 37 15.38 -17.57 -24.74
N SER A 38 15.40 -18.07 -23.51
CA SER A 38 16.43 -17.65 -22.56
C SER A 38 17.78 -18.18 -23.00
N LEU A 39 17.84 -19.50 -23.31
CA LEU A 39 19.05 -20.13 -23.82
C LEU A 39 19.63 -19.31 -24.95
N VAL A 40 18.78 -18.94 -25.91
CA VAL A 40 19.27 -18.26 -27.10
C VAL A 40 19.93 -16.95 -26.67
N LEU A 41 19.20 -16.17 -25.86
CA LEU A 41 19.71 -14.86 -25.43
C LEU A 41 20.97 -15.09 -24.61
N GLY A 42 20.97 -16.17 -23.82
CA GLY A 42 22.12 -16.56 -23.00
C GLY A 42 23.33 -16.94 -23.85
N PHE A 43 23.08 -17.69 -24.91
CA PHE A 43 24.11 -18.07 -25.86
C PHE A 43 24.66 -16.84 -26.56
N VAL A 44 23.78 -15.98 -27.06
CA VAL A 44 24.22 -14.81 -27.80
C VAL A 44 25.00 -13.86 -26.90
N GLU A 45 24.61 -13.75 -25.62
CA GLU A 45 25.21 -12.75 -24.75
C GLU A 45 26.62 -13.21 -24.37
N HIS A 46 26.75 -14.52 -24.18
CA HIS A 46 28.01 -15.13 -23.82
C HIS A 46 29.15 -14.68 -24.73
N PHE A 47 28.91 -14.63 -26.05
CA PHE A 47 29.98 -14.37 -27.01
C PHE A 47 30.05 -12.89 -27.34
N LEU A 48 29.00 -12.14 -27.03
CA LEU A 48 29.02 -10.75 -27.45
C LEU A 48 29.57 -9.86 -26.33
N ALA A 49 29.56 -10.40 -25.09
CA ALA A 49 29.90 -9.63 -23.90
C ALA A 49 30.82 -10.41 -22.94
N VAL A 50 30.52 -11.68 -22.67
CA VAL A 50 31.29 -12.42 -21.68
C VAL A 50 32.63 -12.86 -22.25
N ASN A 51 32.63 -13.84 -23.16
CA ASN A 51 33.88 -14.30 -23.78
C ASN A 51 33.88 -14.03 -25.29
N ARG A 52 34.47 -12.91 -25.72
CA ARG A 52 34.35 -12.47 -27.10
C ARG A 52 35.43 -13.08 -28.00
N VAL A 53 36.28 -13.92 -27.41
CA VAL A 53 37.40 -14.45 -28.17
C VAL A 53 36.89 -15.65 -28.97
N ILE A 54 36.97 -15.54 -30.30
CA ILE A 54 36.29 -16.50 -31.17
C ILE A 54 37.02 -17.83 -31.16
N PRO A 55 36.39 -18.90 -30.61
CA PRO A 55 36.95 -20.26 -30.68
C PRO A 55 37.03 -20.77 -32.11
N THR A 56 38.05 -21.58 -32.39
CA THR A 56 38.22 -22.08 -33.75
C THR A 56 38.59 -23.55 -33.72
N ASN A 57 38.13 -24.26 -32.70
CA ASN A 57 38.37 -25.70 -32.61
C ASN A 57 37.23 -26.35 -31.85
N VAL A 58 36.05 -25.72 -31.92
CA VAL A 58 34.84 -26.25 -31.31
C VAL A 58 33.92 -26.73 -32.43
N PRO A 59 33.36 -27.95 -32.28
CA PRO A 59 32.39 -28.46 -33.25
C PRO A 59 31.06 -27.72 -33.11
N GLU A 60 30.54 -27.23 -34.24
CA GLU A 60 29.19 -26.72 -34.21
C GLU A 60 29.22 -25.23 -33.90
N LEU A 61 30.42 -24.72 -33.63
CA LEU A 61 30.47 -23.32 -33.28
C LEU A 61 31.11 -22.54 -34.42
N THR A 62 30.35 -21.59 -35.00
CA THR A 62 30.88 -20.79 -36.08
C THR A 62 30.43 -19.35 -35.89
N PHE A 63 31.09 -18.44 -36.59
CA PHE A 63 30.76 -17.04 -36.42
C PHE A 63 30.33 -16.47 -37.76
N GLN A 64 29.41 -15.51 -37.70
CA GLN A 64 28.76 -15.01 -38.90
C GLN A 64 29.22 -13.58 -39.15
N PRO A 65 30.00 -13.35 -40.23
CA PRO A 65 30.48 -12.01 -40.55
C PRO A 65 29.38 -11.17 -41.18
N SER A 66 29.52 -9.85 -41.06
CA SER A 66 28.61 -8.90 -41.69
C SER A 66 29.14 -7.48 -41.48
N PRO A 67 28.70 -6.50 -42.31
CA PRO A 67 29.11 -5.11 -42.15
C PRO A 67 28.72 -4.57 -40.78
N ALA A 68 29.64 -3.85 -40.14
CA ALA A 68 29.35 -3.14 -38.91
C ALA A 68 29.02 -1.70 -39.26
N PRO A 69 28.30 -0.95 -38.40
CA PRO A 69 27.90 0.42 -38.75
C PRO A 69 29.10 1.36 -38.70
N ASP A 70 29.15 2.31 -39.65
CA ASP A 70 30.04 3.46 -39.55
C ASP A 70 29.52 4.35 -38.42
N PRO A 71 30.38 5.00 -37.61
CA PRO A 71 31.81 5.15 -37.89
C PRO A 71 32.62 3.87 -38.10
N PRO A 72 32.65 2.95 -37.11
CA PRO A 72 33.59 1.82 -37.12
C PRO A 72 33.80 1.21 -38.50
N GLY A 73 32.70 0.95 -39.23
CA GLY A 73 32.79 0.22 -40.48
C GLY A 73 33.26 -1.20 -40.24
N GLY A 74 33.96 -1.77 -41.24
CA GLY A 74 34.55 -3.08 -41.10
C GLY A 74 33.51 -4.19 -40.91
N LEU A 75 33.92 -5.26 -40.23
CA LEU A 75 33.04 -6.41 -40.05
C LEU A 75 32.64 -6.55 -38.58
N THR A 76 31.53 -7.24 -38.34
CA THR A 76 31.17 -7.66 -36.99
C THR A 76 30.82 -9.15 -37.04
N TYR A 77 31.14 -9.86 -35.96
CA TYR A 77 31.08 -11.31 -35.99
C TYR A 77 30.02 -11.78 -34.98
N PHE A 78 28.92 -12.36 -35.49
CA PHE A 78 27.82 -12.78 -34.65
C PHE A 78 27.93 -14.29 -34.38
N PRO A 79 27.72 -14.75 -33.14
CA PRO A 79 27.79 -16.18 -32.83
C PRO A 79 26.59 -16.89 -33.43
N VAL A 80 26.87 -17.79 -34.38
CA VAL A 80 25.84 -18.59 -35.01
C VAL A 80 25.27 -19.57 -33.99
N ALA A 81 23.97 -19.39 -33.68
CA ALA A 81 23.26 -20.29 -32.77
C ALA A 81 22.83 -21.54 -33.53
N ASP A 82 23.67 -22.57 -33.46
CA ASP A 82 23.40 -23.80 -34.16
C ASP A 82 22.40 -24.62 -33.36
N LEU A 83 21.54 -25.35 -34.08
CA LEU A 83 20.47 -26.08 -33.44
C LEU A 83 21.06 -27.07 -32.44
N SER A 84 22.20 -27.68 -32.80
CA SER A 84 22.76 -28.81 -32.08
C SER A 84 23.21 -28.39 -30.68
N ILE A 85 23.76 -27.18 -30.59
CA ILE A 85 24.23 -26.62 -29.32
C ILE A 85 23.02 -26.27 -28.46
N ILE A 86 22.12 -25.47 -29.03
CA ILE A 86 20.97 -24.93 -28.32
C ILE A 86 20.06 -26.06 -27.88
N ALA A 87 19.81 -27.00 -28.80
CA ALA A 87 18.90 -28.09 -28.50
C ALA A 87 19.49 -28.99 -27.41
N ALA A 88 20.81 -29.13 -27.43
CA ALA A 88 21.44 -29.99 -26.45
C ALA A 88 21.33 -29.34 -25.07
N LEU A 89 21.61 -28.01 -25.02
CA LEU A 89 21.47 -27.24 -23.80
C LEU A 89 20.04 -27.40 -23.30
N TYR A 90 19.09 -27.27 -24.25
CA TYR A 90 17.68 -27.27 -23.95
C TYR A 90 17.32 -28.59 -23.31
N ALA A 91 17.86 -29.69 -23.86
CA ALA A 91 17.46 -31.02 -23.41
C ALA A 91 18.04 -31.30 -22.03
N ARG A 92 19.16 -30.65 -21.70
CA ARG A 92 19.79 -30.76 -20.40
C ARG A 92 18.92 -30.11 -19.33
N PHE A 93 18.29 -28.98 -19.67
CA PHE A 93 17.40 -28.34 -18.71
C PHE A 93 16.18 -29.22 -18.42
N THR A 94 15.49 -29.66 -19.47
CA THR A 94 14.23 -30.38 -19.32
C THR A 94 14.47 -31.74 -18.67
N ALA A 95 15.57 -32.38 -19.08
CA ALA A 95 15.98 -33.62 -18.46
C ALA A 95 16.14 -33.42 -16.96
N GLN A 96 16.85 -32.37 -16.57
CA GLN A 96 17.13 -32.11 -15.16
C GLN A 96 15.83 -31.92 -14.39
N ILE A 97 14.87 -31.24 -15.03
CA ILE A 97 13.62 -30.88 -14.38
C ILE A 97 12.70 -32.09 -14.29
N ARG A 98 12.41 -32.74 -15.42
CA ARG A 98 11.39 -33.77 -15.44
C ARG A 98 11.84 -34.97 -14.62
N GLY A 99 13.15 -35.04 -14.37
CA GLY A 99 13.74 -36.18 -13.71
C GLY A 99 13.66 -36.02 -12.20
N ALA A 100 13.66 -34.76 -11.76
CA ALA A 100 13.75 -34.43 -10.35
C ALA A 100 12.35 -34.23 -9.76
N VAL A 101 11.37 -34.05 -10.64
CA VAL A 101 10.02 -33.75 -10.21
C VAL A 101 9.06 -34.76 -10.84
N ASP A 102 8.44 -35.58 -9.99
CA ASP A 102 7.48 -36.57 -10.43
C ASP A 102 6.07 -36.02 -10.22
N LEU A 103 5.43 -35.55 -11.30
CA LEU A 103 4.16 -34.85 -11.11
C LEU A 103 3.17 -35.74 -10.36
N SER A 104 3.29 -37.06 -10.58
CA SER A 104 2.37 -38.02 -10.01
C SER A 104 2.27 -37.85 -8.49
N LEU A 105 3.38 -37.46 -7.86
CA LEU A 105 3.39 -37.33 -6.41
C LEU A 105 2.57 -36.11 -5.99
N TYR A 106 2.16 -35.27 -6.95
CA TYR A 106 1.52 -34.01 -6.60
C TYR A 106 0.12 -33.94 -7.20
N PRO A 107 -0.94 -34.31 -6.45
CA PRO A 107 -2.30 -34.32 -6.99
C PRO A 107 -2.70 -32.90 -7.40
N ARG A 108 -2.39 -32.57 -8.65
CA ARG A 108 -2.69 -31.27 -9.21
C ARG A 108 -4.11 -31.33 -9.80
N GLU A 109 -5.06 -30.68 -9.12
CA GLU A 109 -6.46 -30.78 -9.49
C GLU A 109 -6.95 -29.41 -9.98
N GLY A 110 -7.92 -29.43 -10.89
CA GLY A 110 -8.56 -28.21 -11.35
C GLY A 110 -7.63 -27.32 -12.17
N GLY A 111 -6.52 -27.89 -12.65
CA GLY A 111 -5.56 -27.12 -13.42
C GLY A 111 -4.87 -26.07 -12.57
N VAL A 112 -4.62 -26.43 -11.29
CA VAL A 112 -4.10 -25.51 -10.29
C VAL A 112 -2.94 -26.19 -9.58
N SER A 113 -1.80 -25.50 -9.52
CA SER A 113 -0.60 -26.08 -8.95
C SER A 113 -0.60 -25.92 -7.43
N SER A 114 -0.39 -27.02 -6.72
CA SER A 114 -0.31 -26.98 -5.26
C SER A 114 0.88 -26.15 -4.82
N ARG A 115 0.79 -25.61 -3.60
CA ARG A 115 1.89 -24.87 -3.04
C ARG A 115 3.09 -25.78 -2.84
N GLU A 116 2.85 -27.10 -2.70
CA GLU A 116 3.95 -28.01 -2.44
C GLU A 116 4.70 -28.28 -3.73
N LEU A 117 3.93 -28.39 -4.83
CA LEU A 117 4.54 -28.61 -6.13
C LEU A 117 5.50 -27.45 -6.41
N VAL A 118 5.01 -26.23 -6.20
CA VAL A 118 5.74 -25.01 -6.54
C VAL A 118 6.97 -24.87 -5.65
N LYS A 119 6.86 -25.26 -4.37
CA LYS A 119 8.02 -25.22 -3.51
C LYS A 119 9.05 -26.23 -4.03
N LYS A 120 8.57 -27.41 -4.45
CA LYS A 120 9.45 -28.47 -4.94
C LYS A 120 10.27 -27.98 -6.13
N VAL A 121 9.58 -27.54 -7.19
CA VAL A 121 10.24 -27.01 -8.38
C VAL A 121 11.24 -25.92 -7.96
N SER A 122 10.81 -25.03 -7.06
CA SER A 122 11.66 -23.94 -6.61
C SER A 122 12.95 -24.50 -6.01
N ASP A 123 12.81 -25.58 -5.24
CA ASP A 123 13.92 -26.19 -4.51
C ASP A 123 14.91 -26.86 -5.46
N VAL A 124 14.37 -27.55 -6.48
CA VAL A 124 15.17 -28.15 -7.53
C VAL A 124 16.15 -27.11 -8.07
N ILE A 125 15.59 -26.11 -8.77
CA ILE A 125 16.38 -25.00 -9.24
C ILE A 125 17.34 -24.54 -8.15
N TRP A 126 16.86 -24.43 -6.91
CA TRP A 126 17.65 -23.85 -5.84
C TRP A 126 18.88 -24.71 -5.56
N ASN A 127 18.67 -25.99 -5.26
CA ASN A 127 19.74 -26.89 -4.84
C ASN A 127 20.73 -27.17 -5.97
N SER A 128 20.50 -26.59 -7.15
CA SER A 128 21.29 -26.88 -8.34
C SER A 128 22.38 -25.83 -8.52
N LEU A 129 22.38 -24.82 -7.66
CA LEU A 129 23.24 -23.69 -7.97
C LEU A 129 24.60 -23.91 -7.30
N SER A 130 25.66 -23.43 -7.97
CA SER A 130 26.98 -23.27 -7.36
C SER A 130 26.80 -22.63 -5.99
N ARG A 131 27.50 -23.19 -4.99
CA ARG A 131 27.42 -22.68 -3.62
C ARG A 131 28.30 -21.45 -3.44
N SER A 132 29.24 -21.20 -4.36
CA SER A 132 30.33 -20.27 -4.06
C SER A 132 30.24 -18.91 -4.79
N TYR A 133 29.53 -18.82 -5.92
CA TYR A 133 29.75 -17.66 -6.79
C TYR A 133 29.32 -16.35 -6.13
N PHE A 134 29.90 -15.24 -6.60
CA PHE A 134 29.43 -13.89 -6.30
C PHE A 134 28.09 -13.64 -6.99
N LYS A 135 27.05 -13.33 -6.19
CA LYS A 135 25.67 -13.33 -6.65
C LYS A 135 25.29 -12.00 -7.30
N ASP A 136 26.16 -10.99 -7.18
CA ASP A 136 25.91 -9.70 -7.78
C ASP A 136 26.76 -9.54 -9.04
N ARG A 137 26.83 -10.57 -9.88
CA ARG A 137 27.67 -10.53 -11.06
C ARG A 137 26.80 -10.41 -12.32
N ALA A 138 27.29 -9.65 -13.31
CA ALA A 138 26.59 -9.48 -14.57
C ALA A 138 26.62 -10.79 -15.38
N HIS A 139 25.60 -11.00 -16.22
CA HIS A 139 25.56 -12.11 -17.17
C HIS A 139 25.32 -13.48 -16.50
N ILE A 140 24.67 -13.52 -15.34
CA ILE A 140 24.24 -14.83 -14.88
C ILE A 140 22.73 -14.82 -14.68
N GLN A 141 22.01 -14.25 -15.66
CA GLN A 141 20.57 -14.05 -15.59
C GLN A 141 19.83 -15.10 -16.41
N SER A 142 20.47 -15.57 -17.49
CA SER A 142 19.88 -16.44 -18.50
C SER A 142 20.00 -17.91 -18.11
N LEU A 143 19.08 -18.73 -18.63
CA LEU A 143 19.13 -20.17 -18.38
C LEU A 143 20.36 -20.77 -19.05
N PHE A 144 20.91 -20.07 -20.03
CA PHE A 144 22.17 -20.51 -20.59
C PHE A 144 23.16 -20.63 -19.44
N SER A 145 23.29 -19.52 -18.70
CA SER A 145 24.17 -19.46 -17.55
C SER A 145 23.78 -20.52 -16.50
N PHE A 146 22.50 -20.77 -16.32
CA PHE A 146 22.13 -21.78 -15.34
C PHE A 146 22.67 -23.14 -15.73
N ILE A 147 22.50 -23.52 -17.00
CA ILE A 147 22.83 -24.90 -17.35
C ILE A 147 24.34 -25.00 -17.49
N THR A 148 24.91 -24.03 -18.20
CA THR A 148 26.34 -23.94 -18.40
C THR A 148 27.07 -23.89 -17.07
N GLY A 149 26.79 -22.85 -16.27
CA GLY A 149 27.63 -22.49 -15.13
C GLY A 149 27.00 -22.77 -13.78
N THR A 150 25.74 -23.20 -13.76
CA THR A 150 24.94 -23.29 -12.54
C THR A 150 25.06 -22.01 -11.71
N LYS A 151 25.16 -20.86 -12.37
CA LYS A 151 25.11 -19.58 -11.69
C LYS A 151 23.88 -18.80 -12.16
N LEU A 152 23.08 -18.32 -11.19
CA LEU A 152 21.96 -17.44 -11.47
C LEU A 152 21.97 -16.26 -10.51
N ASP A 153 21.67 -15.07 -11.03
CA ASP A 153 21.42 -13.94 -10.17
C ASP A 153 20.02 -14.08 -9.56
N SER A 154 19.67 -13.11 -8.71
CA SER A 154 18.52 -13.21 -7.83
C SER A 154 17.23 -13.47 -8.60
N SER A 155 16.92 -12.52 -9.50
CA SER A 155 15.70 -12.56 -10.27
C SER A 155 15.81 -13.67 -11.31
N GLY A 156 17.04 -14.03 -11.68
CA GLY A 156 17.20 -15.20 -12.51
C GLY A 156 16.54 -16.46 -11.91
N VAL A 157 16.68 -16.65 -10.59
CA VAL A 157 16.25 -17.90 -9.98
C VAL A 157 14.74 -17.99 -10.13
N ALA A 158 14.11 -16.83 -9.91
CA ALA A 158 12.67 -16.70 -10.05
C ALA A 158 12.31 -17.10 -11.48
N PHE A 159 12.98 -16.46 -12.45
CA PHE A 159 12.64 -16.67 -13.86
C PHE A 159 12.82 -18.15 -14.20
N ALA A 160 13.93 -18.72 -13.74
CA ALA A 160 14.20 -20.13 -13.98
C ALA A 160 13.11 -21.01 -13.36
N VAL A 161 12.59 -20.62 -12.18
CA VAL A 161 11.60 -21.48 -11.53
C VAL A 161 10.32 -21.44 -12.35
N VAL A 162 10.05 -20.27 -12.95
CA VAL A 162 8.89 -20.15 -13.82
C VAL A 162 9.10 -21.05 -15.05
N GLY A 163 10.30 -20.95 -15.66
CA GLY A 163 10.66 -21.68 -16.86
C GLY A 163 10.59 -23.19 -16.62
N ALA A 164 10.98 -23.62 -15.42
CA ALA A 164 10.87 -25.02 -15.04
C ALA A 164 9.40 -25.43 -15.05
N CYS A 165 8.55 -24.58 -14.48
CA CYS A 165 7.12 -24.89 -14.37
C CYS A 165 6.47 -25.00 -15.74
N GLN A 166 6.83 -24.11 -16.68
CA GLN A 166 6.35 -24.23 -18.04
C GLN A 166 6.74 -25.60 -18.58
N ALA A 167 8.03 -25.93 -18.44
CA ALA A 167 8.56 -27.17 -18.98
C ALA A 167 7.85 -28.36 -18.33
N LEU A 168 7.22 -28.12 -17.18
CA LEU A 168 6.53 -29.21 -16.50
C LEU A 168 5.06 -29.23 -16.88
N GLY A 169 4.63 -28.26 -17.71
CA GLY A 169 3.26 -28.20 -18.19
C GLY A 169 2.33 -27.40 -17.29
N LEU A 170 2.87 -26.86 -16.19
CA LEU A 170 2.12 -26.02 -15.26
C LEU A 170 1.98 -24.61 -15.84
N ARG A 171 0.82 -24.31 -16.43
CA ARG A 171 0.66 -23.05 -17.13
C ARG A 171 0.13 -21.99 -16.18
N ASP A 172 -0.02 -22.37 -14.92
CA ASP A 172 -0.65 -21.47 -13.97
C ASP A 172 0.38 -20.78 -13.06
N VAL A 173 1.67 -21.15 -13.18
CA VAL A 173 2.70 -20.55 -12.35
C VAL A 173 3.35 -19.43 -13.13
N HIS A 174 3.36 -18.22 -12.57
CA HIS A 174 3.86 -17.06 -13.31
C HIS A 174 4.80 -16.22 -12.45
N LEU A 175 5.59 -15.41 -13.16
CA LEU A 175 6.64 -14.60 -12.57
C LEU A 175 6.04 -13.27 -12.10
N ALA A 176 6.21 -12.96 -10.81
CA ALA A 176 5.85 -11.68 -10.21
C ALA A 176 7.09 -10.80 -10.09
N LEU A 177 6.94 -9.51 -10.43
CA LEU A 177 8.08 -8.61 -10.44
C LEU A 177 7.72 -7.34 -9.66
N SER A 178 8.50 -7.04 -8.63
CA SER A 178 8.54 -5.75 -7.97
C SER A 178 9.44 -4.83 -8.79
N GLU A 179 9.76 -3.63 -8.30
CA GLU A 179 10.72 -2.80 -8.99
C GLU A 179 12.16 -3.18 -8.60
N ASP A 180 12.32 -4.17 -7.69
CA ASP A 180 13.63 -4.55 -7.19
C ASP A 180 13.58 -5.96 -6.58
N HIS A 181 12.52 -6.71 -6.86
CA HIS A 181 12.49 -8.08 -6.38
C HIS A 181 11.68 -8.93 -7.34
N ALA A 182 11.70 -10.24 -7.15
CA ALA A 182 10.99 -11.13 -8.03
C ALA A 182 10.52 -12.33 -7.21
N TRP A 183 9.30 -12.78 -7.45
CA TRP A 183 8.86 -14.04 -6.88
C TRP A 183 7.90 -14.70 -7.86
N VAL A 184 7.02 -15.53 -7.31
CA VAL A 184 6.19 -16.38 -8.12
C VAL A 184 4.76 -16.26 -7.61
N VAL A 185 3.80 -16.21 -8.54
CA VAL A 185 2.37 -16.30 -8.26
C VAL A 185 1.76 -17.47 -9.03
N PHE A 186 0.73 -18.06 -8.43
CA PHE A 186 0.08 -19.23 -8.99
C PHE A 186 -1.27 -19.36 -8.32
N GLY A 187 -1.95 -20.48 -8.54
CA GLY A 187 -3.23 -20.70 -7.88
C GLY A 187 -4.41 -20.29 -8.75
N PRO A 188 -5.64 -20.61 -8.30
CA PRO A 188 -6.83 -20.50 -9.15
C PRO A 188 -6.97 -19.11 -9.76
N ASN A 189 -6.95 -18.09 -8.90
CA ASN A 189 -7.24 -16.73 -9.32
C ASN A 189 -5.92 -16.06 -9.73
N GLY A 190 -4.82 -16.77 -9.48
CA GLY A 190 -3.51 -16.18 -9.66
C GLY A 190 -3.14 -15.35 -8.44
N GLU A 191 -3.73 -15.73 -7.30
CA GLU A 191 -3.69 -14.92 -6.10
C GLU A 191 -2.84 -15.60 -5.02
N GLN A 192 -2.14 -16.67 -5.39
CA GLN A 192 -1.26 -17.37 -4.46
C GLN A 192 0.18 -16.93 -4.70
N THR A 193 0.93 -16.66 -3.62
CA THR A 193 2.32 -16.23 -3.80
C THR A 193 3.31 -17.11 -3.02
N ALA A 194 4.54 -17.17 -3.56
CA ALA A 194 5.63 -17.82 -2.85
C ALA A 194 6.96 -17.15 -3.23
N GLU A 195 7.81 -16.91 -2.23
CA GLU A 195 9.15 -16.44 -2.52
C GLU A 195 9.96 -17.63 -3.00
N VAL A 196 10.97 -17.37 -3.86
CA VAL A 196 11.71 -18.46 -4.48
C VAL A 196 13.18 -18.10 -4.58
N THR A 197 13.49 -16.82 -4.36
CA THR A 197 14.86 -16.36 -4.49
C THR A 197 15.21 -15.49 -3.28
N TRP A 198 16.45 -15.01 -3.22
CA TRP A 198 16.93 -14.16 -2.13
C TRP A 198 16.77 -12.71 -2.57
N HIS A 199 16.88 -11.78 -1.61
CA HIS A 199 16.93 -10.37 -1.95
C HIS A 199 18.07 -9.67 -1.21
N GLY A 200 18.57 -8.57 -1.79
CA GLY A 200 19.52 -7.69 -1.12
C GLY A 200 20.88 -8.36 -0.98
N LYS A 201 21.50 -8.21 0.18
CA LYS A 201 22.78 -8.83 0.45
C LYS A 201 22.56 -10.20 1.10
N GLY A 202 22.30 -11.20 0.23
CA GLY A 202 22.44 -12.61 0.53
C GLY A 202 21.17 -13.26 1.09
N ASN A 203 20.29 -12.46 1.70
CA ASN A 203 19.19 -12.94 2.54
C ASN A 203 18.19 -13.80 1.78
N GLU A 204 18.48 -15.12 1.73
CA GLU A 204 17.71 -16.11 0.99
C GLU A 204 16.64 -16.69 1.91
N ASP A 205 16.34 -15.92 2.97
CA ASP A 205 15.68 -16.47 4.14
C ASP A 205 14.24 -16.82 3.79
N ARG A 206 13.57 -15.94 3.05
CA ARG A 206 12.11 -15.90 3.02
C ARG A 206 11.53 -16.95 2.08
N ARG A 207 12.39 -17.78 1.46
CA ARG A 207 11.95 -18.76 0.47
C ARG A 207 10.74 -19.56 0.98
N GLY A 208 9.70 -19.69 0.14
CA GLY A 208 8.57 -20.55 0.46
C GLY A 208 7.36 -19.80 1.01
N GLN A 209 7.59 -18.75 1.80
CA GLN A 209 6.52 -17.99 2.42
C GLN A 209 5.84 -17.11 1.36
N THR A 210 4.66 -16.58 1.72
CA THR A 210 3.91 -15.69 0.84
C THR A 210 4.49 -14.29 0.95
N VAL A 211 3.89 -13.33 0.22
CA VAL A 211 4.45 -11.99 0.23
C VAL A 211 3.55 -11.04 1.02
N ASN A 212 2.66 -11.62 1.81
CA ASN A 212 1.60 -10.86 2.48
C ASN A 212 2.20 -9.81 3.40
N ALA A 213 3.24 -10.20 4.14
CA ALA A 213 3.80 -9.36 5.17
C ALA A 213 4.57 -8.22 4.52
N GLY A 214 5.15 -8.48 3.35
CA GLY A 214 5.87 -7.47 2.59
C GLY A 214 4.92 -6.37 2.11
N VAL A 215 3.74 -6.80 1.64
CA VAL A 215 2.78 -5.86 1.10
C VAL A 215 2.20 -5.03 2.23
N ALA A 216 1.95 -5.69 3.37
CA ALA A 216 1.31 -5.07 4.51
C ALA A 216 2.21 -4.00 5.14
N GLU A 217 3.52 -4.21 5.10
CA GLU A 217 4.39 -3.28 5.80
C GLU A 217 4.70 -2.07 4.91
N ARG A 218 4.01 -2.01 3.77
CA ARG A 218 4.06 -0.82 2.94
C ARG A 218 5.48 -0.52 2.45
N SER A 219 6.31 -1.55 2.33
CA SER A 219 7.65 -1.35 1.80
C SER A 219 7.60 -1.29 0.29
N TRP A 220 8.54 -0.54 -0.29
CA TRP A 220 8.63 -0.30 -1.72
C TRP A 220 8.99 -1.58 -2.44
N LEU A 221 9.52 -2.53 -1.67
CA LEU A 221 9.97 -3.76 -2.30
C LEU A 221 8.76 -4.54 -2.76
N TYR A 222 7.64 -4.39 -2.06
CA TYR A 222 6.47 -5.18 -2.43
C TYR A 222 5.40 -4.28 -3.02
N LEU A 223 5.68 -2.97 -3.10
CA LEU A 223 4.81 -2.06 -3.83
C LEU A 223 3.37 -2.14 -3.32
N LYS A 224 3.21 -2.32 -2.00
CA LYS A 224 1.92 -2.27 -1.35
C LYS A 224 0.91 -3.13 -2.09
N GLY A 225 1.40 -4.11 -2.85
CA GLY A 225 0.53 -4.98 -3.62
C GLY A 225 0.49 -4.64 -5.12
N SER A 226 0.97 -3.46 -5.52
CA SER A 226 0.82 -3.12 -6.92
C SER A 226 2.02 -3.56 -7.74
N TYR A 227 2.48 -4.79 -7.48
CA TYR A 227 3.58 -5.34 -8.25
C TYR A 227 3.08 -5.95 -9.55
N MET A 228 4.00 -6.32 -10.44
CA MET A 228 3.64 -6.88 -11.74
C MET A 228 3.37 -8.38 -11.57
N ARG A 229 2.20 -8.82 -12.07
CA ARG A 229 1.92 -10.23 -12.24
C ARG A 229 2.01 -10.54 -13.73
N CYS A 230 2.92 -11.44 -14.10
CA CYS A 230 3.23 -11.60 -15.50
C CYS A 230 2.36 -12.68 -16.14
N ASP A 231 2.15 -12.51 -17.45
CA ASP A 231 1.73 -13.62 -18.29
C ASP A 231 2.97 -14.06 -19.10
N ARG A 232 2.83 -15.15 -19.86
CA ARG A 232 3.95 -15.63 -20.66
C ARG A 232 4.49 -14.48 -21.51
N LYS A 233 3.61 -13.67 -22.08
CA LYS A 233 4.13 -12.67 -23.00
C LYS A 233 5.02 -11.69 -22.24
N MET A 234 4.64 -11.38 -20.99
CA MET A 234 5.34 -10.39 -20.19
C MET A 234 6.67 -10.95 -19.68
N GLU A 235 6.68 -12.25 -19.38
CA GLU A 235 7.88 -12.98 -19.03
C GLU A 235 8.91 -12.89 -20.16
N VAL A 236 8.47 -12.86 -21.40
CA VAL A 236 9.42 -12.69 -22.50
C VAL A 236 9.94 -11.26 -22.44
N ALA A 237 9.06 -10.32 -22.10
CA ALA A 237 9.48 -8.94 -22.01
C ALA A 237 10.56 -8.80 -20.93
N PHE A 238 10.40 -9.59 -19.86
CA PHE A 238 11.31 -9.54 -18.73
C PHE A 238 12.71 -9.96 -19.15
N MET A 239 12.80 -11.08 -19.88
CA MET A 239 14.09 -11.65 -20.24
C MET A 239 14.75 -10.76 -21.27
N VAL A 240 13.94 -9.96 -21.97
CA VAL A 240 14.48 -9.05 -22.98
C VAL A 240 15.09 -7.86 -22.27
N CYS A 241 14.44 -7.44 -21.17
CA CYS A 241 14.95 -6.36 -20.35
C CYS A 241 16.20 -6.86 -19.62
N ALA A 242 16.20 -8.17 -19.31
CA ALA A 242 17.26 -8.79 -18.55
C ALA A 242 18.55 -8.90 -19.37
N ILE A 243 18.45 -8.68 -20.70
CA ILE A 243 19.62 -8.71 -21.56
C ILE A 243 20.60 -7.67 -21.02
N ASN A 244 21.84 -8.08 -20.76
CA ASN A 244 22.82 -7.18 -20.18
C ASN A 244 23.91 -6.93 -21.22
N PRO A 245 23.83 -5.81 -21.96
CA PRO A 245 24.80 -5.50 -22.98
C PRO A 245 26.17 -5.05 -22.48
N SER A 246 26.34 -4.98 -21.16
CA SER A 246 27.59 -4.45 -20.63
C SER A 246 28.73 -5.47 -20.74
N ILE A 247 29.82 -5.03 -21.37
CA ILE A 247 31.03 -5.84 -21.52
C ILE A 247 31.90 -5.59 -20.31
N ASP A 248 32.16 -4.31 -20.03
CA ASP A 248 32.85 -3.89 -18.81
C ASP A 248 32.15 -2.65 -18.23
N LEU A 249 32.83 -1.96 -17.32
CA LEU A 249 32.24 -0.87 -16.56
C LEU A 249 31.86 0.28 -17.50
N HIS A 250 32.53 0.39 -18.66
CA HIS A 250 32.37 1.56 -19.50
C HIS A 250 32.16 1.21 -20.98
N THR A 251 31.81 -0.05 -21.25
CA THR A 251 31.85 -0.57 -22.62
C THR A 251 30.63 -1.44 -22.88
N ASP A 252 29.91 -1.16 -23.98
CA ASP A 252 28.71 -1.91 -24.32
C ASP A 252 28.88 -2.61 -25.68
N SER A 253 28.38 -3.84 -25.77
CA SER A 253 28.28 -4.53 -27.05
C SER A 253 27.14 -3.92 -27.86
N LEU A 254 27.48 -3.33 -29.01
CA LEU A 254 26.46 -2.68 -29.82
C LEU A 254 25.48 -3.70 -30.39
N GLU A 255 25.93 -4.95 -30.56
CA GLU A 255 25.01 -5.97 -31.05
C GLU A 255 23.94 -6.22 -30.00
N LEU A 256 24.34 -6.22 -28.73
CA LEU A 256 23.39 -6.55 -27.68
C LEU A 256 22.45 -5.37 -27.48
N LEU A 257 22.96 -4.18 -27.77
CA LEU A 257 22.17 -2.97 -27.61
C LEU A 257 21.10 -2.96 -28.70
N GLN A 258 21.51 -3.25 -29.92
CA GLN A 258 20.61 -3.21 -31.05
C GLN A 258 19.55 -4.29 -30.84
N LEU A 259 19.98 -5.46 -30.38
CA LEU A 259 19.12 -6.63 -30.33
C LEU A 259 18.04 -6.46 -29.26
N GLN A 260 18.43 -5.95 -28.08
CA GLN A 260 17.50 -5.72 -26.98
C GLN A 260 16.47 -4.66 -27.40
N GLN A 261 16.95 -3.68 -28.17
CA GLN A 261 16.16 -2.56 -28.64
C GLN A 261 15.08 -3.06 -29.61
N LYS A 262 15.48 -3.94 -30.54
CA LYS A 262 14.58 -4.45 -31.56
C LYS A 262 13.54 -5.37 -30.93
N LEU A 263 13.98 -6.21 -29.98
CA LEU A 263 13.08 -7.14 -29.31
C LEU A 263 12.03 -6.36 -28.51
N LEU A 264 12.39 -5.17 -28.04
CA LEU A 264 11.45 -4.43 -27.23
C LEU A 264 10.37 -3.84 -28.13
N TRP A 265 10.79 -3.27 -29.26
CA TRP A 265 9.84 -2.78 -30.25
C TRP A 265 8.94 -3.91 -30.73
N LEU A 266 9.51 -5.08 -31.02
CA LEU A 266 8.66 -6.22 -31.35
C LEU A 266 7.59 -6.36 -30.27
N LEU A 267 8.02 -6.41 -29.01
CA LEU A 267 7.12 -6.61 -27.88
C LEU A 267 6.17 -5.43 -27.78
N TYR A 268 6.71 -4.23 -27.99
CA TYR A 268 5.92 -3.02 -27.86
C TYR A 268 4.73 -3.08 -28.80
N ASP A 269 5.01 -3.48 -30.07
CA ASP A 269 4.06 -3.47 -31.15
C ASP A 269 2.96 -4.49 -30.87
N LEU A 270 3.34 -5.62 -30.29
CA LEU A 270 2.32 -6.61 -29.97
C LEU A 270 1.58 -6.17 -28.72
N GLY A 271 2.02 -5.02 -28.18
CA GLY A 271 1.40 -4.37 -27.02
C GLY A 271 1.70 -5.08 -25.70
N HIS A 272 2.80 -5.83 -25.66
CA HIS A 272 3.15 -6.62 -24.49
C HIS A 272 3.90 -5.78 -23.46
N LEU A 273 4.23 -4.53 -23.79
CA LEU A 273 4.80 -3.59 -22.85
C LEU A 273 3.73 -2.66 -22.28
N GLU A 274 2.46 -3.03 -22.49
CA GLU A 274 1.35 -2.23 -22.03
C GLU A 274 1.40 -2.05 -20.52
N ARG A 275 1.65 -3.14 -19.80
CA ARG A 275 1.63 -3.06 -18.34
C ARG A 275 3.04 -3.20 -17.77
N TYR A 276 4.04 -2.70 -18.51
CA TYR A 276 5.43 -2.86 -18.12
C TYR A 276 6.13 -1.50 -18.16
N PRO A 277 5.87 -0.62 -17.17
CA PRO A 277 6.46 0.71 -17.18
C PRO A 277 7.97 0.64 -17.36
N MET A 278 8.63 -0.27 -16.62
CA MET A 278 10.09 -0.33 -16.64
C MET A 278 10.58 -0.64 -18.06
N ALA A 279 9.89 -1.55 -18.75
CA ALA A 279 10.28 -1.89 -20.12
C ALA A 279 10.23 -0.66 -21.00
N LEU A 280 9.11 0.09 -20.92
CA LEU A 280 8.90 1.28 -21.74
C LEU A 280 10.02 2.28 -21.47
N GLY A 281 10.40 2.41 -20.19
CA GLY A 281 11.48 3.31 -19.83
C GLY A 281 12.81 2.83 -20.37
N ASN A 282 13.01 1.50 -20.31
CA ASN A 282 14.22 0.86 -20.78
C ASN A 282 14.33 1.08 -22.29
N LEU A 283 13.18 1.01 -22.97
CA LEU A 283 13.14 1.19 -24.41
C LEU A 283 13.52 2.63 -24.75
N ALA A 284 12.98 3.58 -23.97
CA ALA A 284 13.22 5.01 -24.14
C ALA A 284 14.70 5.31 -23.92
N ASP A 285 15.29 4.70 -22.89
CA ASP A 285 16.71 4.91 -22.60
C ASP A 285 17.53 4.53 -23.83
N LEU A 286 17.11 3.45 -24.52
CA LEU A 286 17.83 2.90 -25.64
C LEU A 286 17.63 3.77 -26.88
N GLU A 287 16.54 4.53 -26.91
CA GLU A 287 16.21 5.36 -28.05
C GLU A 287 16.96 6.70 -27.98
N GLU A 288 17.39 7.11 -26.77
CA GLU A 288 18.13 8.35 -26.65
C GLU A 288 19.56 8.13 -27.14
N LEU A 289 20.03 6.89 -27.07
CA LEU A 289 21.35 6.51 -27.53
C LEU A 289 21.36 6.35 -29.04
N GLU A 290 20.47 5.47 -29.54
CA GLU A 290 20.42 5.12 -30.96
C GLU A 290 18.98 5.24 -31.47
N PRO A 291 18.48 6.46 -31.75
CA PRO A 291 17.07 6.66 -32.11
C PRO A 291 16.66 6.00 -33.43
N THR A 292 15.83 4.96 -33.36
CA THR A 292 15.39 4.27 -34.56
C THR A 292 14.25 5.03 -35.25
N PRO A 293 14.38 5.31 -36.58
CA PRO A 293 13.60 6.35 -37.24
C PRO A 293 12.12 6.01 -37.45
N GLY A 294 11.25 6.99 -37.19
CA GLY A 294 9.81 6.83 -37.34
C GLY A 294 9.17 6.24 -36.08
N ARG A 295 9.96 6.11 -35.02
CA ARG A 295 9.47 5.61 -33.74
C ARG A 295 9.29 6.80 -32.81
N PRO A 296 8.42 6.69 -31.79
CA PRO A 296 8.18 7.79 -30.84
C PRO A 296 9.49 8.30 -30.24
N ASP A 297 9.51 9.59 -29.88
CA ASP A 297 10.66 10.15 -29.18
C ASP A 297 10.70 9.59 -27.76
N PRO A 298 11.90 9.47 -27.13
CA PRO A 298 12.02 9.02 -25.75
C PRO A 298 11.01 9.64 -24.79
N LEU A 299 10.86 10.97 -24.91
CA LEU A 299 9.98 11.69 -24.02
C LEU A 299 8.61 11.03 -24.04
N THR A 300 8.14 10.70 -25.26
CA THR A 300 6.83 10.07 -25.42
C THR A 300 6.83 8.72 -24.71
N LEU A 301 7.97 8.04 -24.81
CA LEU A 301 8.06 6.72 -24.19
C LEU A 301 8.03 6.87 -22.67
N TYR A 302 8.77 7.85 -22.15
CA TYR A 302 8.85 8.00 -20.72
C TYR A 302 7.45 8.22 -20.17
N HIS A 303 6.66 8.98 -20.94
CA HIS A 303 5.31 9.34 -20.55
C HIS A 303 4.40 8.13 -20.62
N LYS A 304 4.57 7.29 -21.65
CA LYS A 304 3.79 6.07 -21.75
C LYS A 304 4.01 5.25 -20.48
N GLY A 305 5.27 5.26 -20.00
CA GLY A 305 5.62 4.52 -18.80
C GLY A 305 4.83 5.04 -17.60
N ILE A 306 4.76 6.37 -17.50
CA ILE A 306 4.15 6.98 -16.33
C ILE A 306 2.65 6.70 -16.39
N ALA A 307 2.08 6.84 -17.61
CA ALA A 307 0.68 6.56 -17.87
C ALA A 307 0.32 5.14 -17.44
N SER A 308 1.21 4.20 -17.79
CA SER A 308 1.00 2.79 -17.55
C SER A 308 0.93 2.53 -16.04
N ALA A 309 1.87 3.14 -15.33
CA ALA A 309 1.99 2.96 -13.89
C ALA A 309 0.69 3.43 -13.22
N LYS A 310 0.16 4.55 -13.74
CA LYS A 310 -1.00 5.21 -13.19
C LYS A 310 -2.25 4.40 -13.48
N THR A 311 -2.33 3.81 -14.68
CA THR A 311 -3.53 3.10 -15.06
C THR A 311 -3.60 1.76 -14.36
N TYR A 312 -2.46 1.04 -14.35
CA TYR A 312 -2.48 -0.36 -13.98
C TYR A 312 -1.83 -0.58 -12.62
N TYR A 313 -1.02 0.38 -12.16
CA TYR A 313 -0.30 0.12 -10.93
C TYR A 313 -0.60 1.15 -9.85
N ARG A 314 -1.73 1.87 -9.99
CA ARG A 314 -2.23 2.79 -8.98
C ARG A 314 -1.20 3.89 -8.73
N ASP A 315 -0.39 4.17 -9.75
CA ASP A 315 0.67 5.16 -9.63
C ASP A 315 1.50 4.95 -8.36
N GLU A 316 2.01 3.73 -8.16
CA GLU A 316 2.73 3.34 -6.95
C GLU A 316 4.17 2.98 -7.29
N HIS A 317 4.55 3.23 -8.56
CA HIS A 317 5.87 2.89 -9.02
C HIS A 317 6.74 4.14 -9.03
N ILE A 318 8.01 3.96 -8.65
CA ILE A 318 8.93 5.07 -8.49
C ILE A 318 9.70 5.28 -9.78
N TYR A 319 10.17 4.18 -10.39
CA TYR A 319 11.16 4.32 -11.45
C TYR A 319 10.63 5.11 -12.64
N PRO A 320 9.32 5.02 -12.99
CA PRO A 320 8.81 5.71 -14.17
C PRO A 320 9.15 7.19 -14.12
N TYR A 321 9.09 7.78 -12.92
CA TYR A 321 9.41 9.19 -12.76
C TYR A 321 10.93 9.40 -12.77
N MET A 322 11.67 8.44 -12.20
CA MET A 322 13.12 8.54 -12.22
C MET A 322 13.62 8.47 -13.66
N TYR A 323 13.05 7.56 -14.44
CA TYR A 323 13.41 7.43 -15.84
C TYR A 323 13.26 8.78 -16.54
N LEU A 324 12.18 9.50 -16.20
CA LEU A 324 11.87 10.73 -16.90
C LEU A 324 12.78 11.84 -16.37
N ALA A 325 12.93 11.87 -15.04
CA ALA A 325 13.78 12.85 -14.39
C ALA A 325 15.16 12.82 -15.05
N GLY A 326 15.71 11.60 -15.15
CA GLY A 326 17.03 11.38 -15.71
C GLY A 326 17.22 12.09 -17.05
N TYR A 327 16.23 11.91 -17.92
CA TYR A 327 16.26 12.50 -19.25
C TYR A 327 16.43 14.02 -19.14
N HIS A 328 15.63 14.64 -18.26
CA HIS A 328 15.64 16.09 -18.18
C HIS A 328 16.92 16.58 -17.52
N CYS A 329 17.67 15.67 -16.91
CA CYS A 329 18.92 16.05 -16.28
C CYS A 329 20.00 16.08 -17.36
N ARG A 330 19.95 15.08 -18.24
CA ARG A 330 20.96 14.94 -19.28
C ARG A 330 20.68 15.91 -20.43
N ASN A 331 19.58 16.67 -20.36
CA ASN A 331 19.29 17.62 -21.43
C ASN A 331 19.31 19.03 -20.86
N ARG A 332 19.51 19.11 -19.54
CA ARG A 332 19.67 20.34 -18.76
C ARG A 332 18.35 21.10 -18.66
N ASN A 333 17.23 20.38 -18.72
CA ASN A 333 15.92 20.99 -18.55
C ASN A 333 15.64 21.04 -17.06
N VAL A 334 16.17 22.07 -16.40
CA VAL A 334 16.23 22.14 -14.95
C VAL A 334 14.83 22.15 -14.35
N ARG A 335 13.94 22.96 -14.92
CA ARG A 335 12.59 23.08 -14.39
C ARG A 335 11.91 21.70 -14.42
N GLU A 336 11.92 21.07 -15.60
CA GLU A 336 11.24 19.80 -15.79
C GLU A 336 11.94 18.73 -14.96
N ALA A 337 13.27 18.84 -14.89
CA ALA A 337 14.08 17.87 -14.18
C ALA A 337 13.70 17.89 -12.71
N LEU A 338 13.53 19.08 -12.15
CA LEU A 338 13.20 19.16 -10.74
C LEU A 338 11.77 18.69 -10.52
N GLN A 339 10.88 19.06 -11.44
CA GLN A 339 9.48 18.67 -11.30
C GLN A 339 9.35 17.14 -11.18
N ALA A 340 9.98 16.42 -12.11
CA ALA A 340 9.93 14.96 -12.13
C ALA A 340 10.46 14.35 -10.83
N TRP A 341 11.57 14.89 -10.30
CA TRP A 341 12.11 14.46 -9.02
C TRP A 341 11.08 14.69 -7.91
N ALA A 342 10.36 15.81 -8.02
CA ALA A 342 9.32 16.12 -7.07
C ALA A 342 8.20 15.08 -7.20
N ASP A 343 7.81 14.79 -8.44
CA ASP A 343 6.76 13.83 -8.69
C ASP A 343 7.18 12.46 -8.15
N THR A 344 8.48 12.15 -8.29
CA THR A 344 9.00 10.89 -7.83
C THR A 344 8.83 10.79 -6.32
N ALA A 345 9.20 11.87 -5.61
CA ALA A 345 9.11 11.91 -4.17
C ALA A 345 7.65 11.84 -3.74
N THR A 346 6.80 12.46 -4.54
CA THR A 346 5.39 12.55 -4.22
C THR A 346 4.78 11.15 -4.14
N VAL A 347 5.37 10.18 -4.87
CA VAL A 347 4.94 8.80 -4.84
C VAL A 347 5.48 8.07 -3.61
N ILE A 348 6.78 8.26 -3.31
CA ILE A 348 7.43 7.50 -2.26
C ILE A 348 6.83 7.88 -0.89
N GLN A 349 6.19 9.06 -0.83
CA GLN A 349 5.71 9.60 0.43
C GLN A 349 4.79 8.60 1.13
N ASP A 350 4.00 7.86 0.34
CA ASP A 350 2.96 7.04 0.93
C ASP A 350 3.50 5.65 1.23
N TYR A 351 4.84 5.51 1.19
CA TYR A 351 5.50 4.25 1.54
C TYR A 351 6.21 4.36 2.88
N ASN A 352 6.62 3.20 3.41
CA ASN A 352 7.34 3.16 4.67
C ASN A 352 8.70 2.50 4.45
N TYR A 353 9.78 3.19 4.82
CA TYR A 353 11.13 2.75 4.50
C TYR A 353 11.57 1.58 5.38
N CYS A 354 11.94 0.47 4.73
CA CYS A 354 12.42 -0.71 5.42
C CYS A 354 13.86 -1.00 4.99
N ARG A 355 14.44 -2.06 5.54
CA ARG A 355 15.84 -2.37 5.28
C ARG A 355 15.97 -2.88 3.86
N GLU A 356 14.93 -3.62 3.44
CA GLU A 356 14.85 -4.30 2.16
C GLU A 356 14.86 -3.29 1.01
N ASP A 357 14.63 -2.01 1.33
CA ASP A 357 14.37 -1.00 0.31
C ASP A 357 15.61 -0.19 -0.03
N GLU A 358 16.79 -0.69 0.37
CA GLU A 358 18.05 0.05 0.39
C GLU A 358 18.29 0.72 -0.97
N GLU A 359 17.81 0.07 -2.03
CA GLU A 359 18.12 0.44 -3.40
C GLU A 359 17.53 1.81 -3.76
N ILE A 360 16.26 2.02 -3.42
CA ILE A 360 15.62 3.27 -3.78
C ILE A 360 16.16 4.36 -2.85
N TYR A 361 16.50 3.98 -1.61
CA TYR A 361 17.11 4.91 -0.68
C TYR A 361 18.35 5.53 -1.33
N LYS A 362 19.23 4.66 -1.86
CA LYS A 362 20.46 5.13 -2.48
C LYS A 362 20.09 6.07 -3.63
N GLU A 363 19.05 5.70 -4.37
CA GLU A 363 18.66 6.46 -5.54
C GLU A 363 18.15 7.84 -5.10
N PHE A 364 17.35 7.86 -4.03
CA PHE A 364 16.85 9.13 -3.56
C PHE A 364 18.01 9.91 -2.96
N PHE A 365 18.85 9.21 -2.20
CA PHE A 365 19.97 9.87 -1.56
C PHE A 365 20.83 10.58 -2.62
N GLU A 366 21.16 9.87 -3.69
CA GLU A 366 21.98 10.45 -4.75
C GLU A 366 21.24 11.62 -5.41
N VAL A 367 19.91 11.57 -5.48
CA VAL A 367 19.17 12.65 -6.11
C VAL A 367 19.37 13.93 -5.31
N ALA A 368 19.19 13.79 -3.99
CA ALA A 368 19.09 14.91 -3.07
C ALA A 368 20.46 15.50 -2.81
N ASN A 369 21.49 14.63 -2.80
CA ASN A 369 22.81 14.98 -2.29
C ASN A 369 23.84 15.02 -3.41
N ASP A 370 23.40 14.88 -4.67
CA ASP A 370 24.33 14.84 -5.77
C ASP A 370 23.69 15.44 -7.03
N VAL A 371 22.62 14.80 -7.50
CA VAL A 371 22.06 15.18 -8.79
C VAL A 371 21.48 16.59 -8.70
N ILE A 372 20.73 16.87 -7.63
CA ILE A 372 20.05 18.16 -7.55
C ILE A 372 21.08 19.24 -7.29
N PRO A 373 21.98 19.08 -6.29
CA PRO A 373 22.98 20.10 -5.97
C PRO A 373 23.81 20.43 -7.21
N ASN A 374 24.26 19.38 -7.90
CA ASN A 374 25.06 19.56 -9.10
C ASN A 374 24.26 20.36 -10.13
N LEU A 375 22.98 19.98 -10.28
CA LEU A 375 22.11 20.55 -11.29
C LEU A 375 22.04 22.06 -11.08
N LEU A 376 21.91 22.44 -9.81
CA LEU A 376 21.77 23.84 -9.45
C LEU A 376 23.08 24.59 -9.69
N LYS A 377 24.21 24.00 -9.27
CA LYS A 377 25.50 24.64 -9.47
C LYS A 377 25.69 24.95 -10.95
N GLU A 378 25.56 23.92 -11.80
CA GLU A 378 25.77 24.09 -13.23
C GLU A 378 24.76 25.08 -13.81
N ALA A 379 23.75 25.46 -13.02
CA ALA A 379 22.75 26.42 -13.47
C ALA A 379 23.10 27.80 -12.96
N ALA A 380 23.81 27.84 -11.83
CA ALA A 380 24.31 29.08 -11.26
C ALA A 380 25.55 29.53 -12.03
N SER A 381 26.22 28.56 -12.67
CA SER A 381 27.37 28.85 -13.52
C SER A 381 26.90 29.50 -14.82
N LEU A 382 25.63 29.26 -15.16
CA LEU A 382 25.05 29.81 -16.38
C LEU A 382 24.67 31.27 -16.15
N LEU A 383 24.19 31.58 -14.92
CA LEU A 383 23.77 32.94 -14.60
C LEU A 383 24.99 33.83 -14.37
N GLU A 384 25.89 33.40 -13.48
CA GLU A 384 27.04 34.20 -13.08
C GLU A 384 27.91 34.53 -14.29
N ALA A 385 27.62 33.87 -15.43
CA ALA A 385 28.28 34.17 -16.68
C ALA A 385 27.46 35.21 -17.46
N SER A 402 15.93 31.69 -16.91
CA SER A 402 16.81 31.05 -15.89
C SER A 402 15.98 30.34 -14.82
N ALA A 403 16.45 29.15 -14.44
CA ALA A 403 15.77 28.28 -13.51
C ALA A 403 15.86 28.83 -12.08
N LEU A 404 16.97 29.50 -11.77
CA LEU A 404 17.18 29.95 -10.42
C LEU A 404 16.30 31.16 -10.14
N GLN A 405 15.86 31.83 -11.22
CA GLN A 405 14.99 32.98 -11.11
C GLN A 405 13.54 32.52 -10.95
N ASP A 406 13.27 31.27 -11.34
CA ASP A 406 11.92 30.71 -11.41
C ASP A 406 11.52 30.10 -10.07
N PRO A 407 10.46 30.61 -9.41
CA PRO A 407 10.06 30.11 -8.09
C PRO A 407 9.36 28.75 -8.18
N GLU A 408 8.87 28.41 -9.38
CA GLU A 408 8.31 27.08 -9.62
C GLU A 408 9.34 26.07 -9.14
N CYS A 409 10.59 26.26 -9.60
CA CYS A 409 11.70 25.35 -9.36
C CYS A 409 11.94 25.26 -7.86
N PHE A 410 11.77 26.38 -7.17
CA PHE A 410 11.94 26.33 -5.73
C PHE A 410 10.84 25.48 -5.13
N ALA A 411 9.61 25.65 -5.62
CA ALA A 411 8.48 24.91 -5.11
C ALA A 411 8.67 23.42 -5.40
N HIS A 412 9.08 23.09 -6.64
CA HIS A 412 9.44 21.71 -6.96
C HIS A 412 10.39 21.13 -5.91
N LEU A 413 11.43 21.91 -5.54
CA LEU A 413 12.47 21.40 -4.67
C LEU A 413 11.90 21.19 -3.26
N LEU A 414 10.99 22.07 -2.85
CA LEU A 414 10.39 21.94 -1.54
C LEU A 414 9.47 20.71 -1.52
N ARG A 415 8.79 20.45 -2.65
CA ARG A 415 7.87 19.33 -2.77
C ARG A 415 8.64 18.00 -2.71
N PHE A 416 9.84 17.99 -3.31
CA PHE A 416 10.73 16.83 -3.30
C PHE A 416 11.05 16.44 -1.85
N TYR A 417 11.45 17.44 -1.06
CA TYR A 417 11.89 17.12 0.29
C TYR A 417 10.67 16.72 1.13
N ASP A 418 9.51 17.31 0.78
CA ASP A 418 8.27 17.09 1.51
C ASP A 418 7.93 15.60 1.43
N GLY A 419 8.00 15.06 0.19
CA GLY A 419 7.78 13.66 -0.10
C GLY A 419 8.68 12.79 0.77
N ILE A 420 9.98 13.14 0.79
CA ILE A 420 10.97 12.40 1.56
C ILE A 420 10.65 12.45 3.06
N CYS A 421 10.18 13.61 3.56
CA CYS A 421 9.89 13.68 4.98
C CYS A 421 8.67 12.83 5.31
N LYS A 422 7.67 12.86 4.41
CA LYS A 422 6.43 12.12 4.63
C LYS A 422 6.75 10.63 4.56
N TRP A 423 7.68 10.29 3.64
CA TRP A 423 8.14 8.93 3.43
C TRP A 423 8.54 8.35 4.77
N GLU A 424 9.50 9.06 5.39
CA GLU A 424 10.10 8.76 6.69
C GLU A 424 9.03 8.52 7.74
N GLU A 425 8.02 9.40 7.79
CA GLU A 425 6.94 9.27 8.77
C GLU A 425 6.39 7.85 8.71
N GLY A 426 6.33 7.20 9.88
CA GLY A 426 5.73 5.89 9.99
C GLY A 426 6.71 4.75 9.72
N SER A 427 7.90 5.10 9.24
CA SER A 427 8.91 4.11 8.87
C SER A 427 9.55 3.54 10.13
N PRO A 428 9.89 2.23 10.16
CA PRO A 428 10.71 1.67 11.23
C PRO A 428 12.20 2.00 11.16
N THR A 429 12.62 2.75 10.13
CA THR A 429 14.00 3.21 10.10
C THR A 429 14.05 4.65 9.59
N PRO A 430 14.76 5.56 10.29
CA PRO A 430 14.84 6.94 9.84
C PRO A 430 15.42 6.98 8.43
N VAL A 431 15.00 7.99 7.66
CA VAL A 431 15.51 8.23 6.32
C VAL A 431 16.59 9.32 6.40
N LEU A 432 16.16 10.53 6.79
CA LEU A 432 17.01 11.71 6.83
C LEU A 432 17.97 11.67 8.02
N HIS A 433 19.23 12.02 7.75
CA HIS A 433 20.24 12.29 8.74
C HIS A 433 21.04 13.52 8.32
N VAL A 434 22.15 13.79 9.02
CA VAL A 434 22.84 15.06 8.87
C VAL A 434 23.52 15.14 7.51
N GLY A 435 23.75 13.98 6.89
CA GLY A 435 24.24 13.90 5.52
C GLY A 435 23.37 14.73 4.59
N TRP A 436 22.06 14.69 4.82
CA TRP A 436 21.10 15.37 3.96
C TRP A 436 21.06 16.85 4.31
N ALA A 437 21.39 17.15 5.57
CA ALA A 437 21.19 18.48 6.12
C ALA A 437 21.98 19.49 5.29
N THR A 438 23.26 19.20 5.09
CA THR A 438 24.10 20.16 4.39
C THR A 438 23.44 20.54 3.07
N PHE A 439 23.18 19.53 2.25
CA PHE A 439 22.82 19.76 0.85
C PHE A 439 21.47 20.46 0.73
N LEU A 440 20.59 20.23 1.70
CA LEU A 440 19.32 20.94 1.72
C LEU A 440 19.62 22.44 1.75
N VAL A 441 20.45 22.84 2.73
CA VAL A 441 20.85 24.22 2.95
C VAL A 441 21.61 24.74 1.74
N GLN A 442 22.62 23.99 1.29
CA GLN A 442 23.37 24.36 0.10
C GLN A 442 22.40 24.65 -1.06
N SER A 443 21.45 23.73 -1.28
CA SER A 443 20.49 23.82 -2.38
C SER A 443 19.51 24.96 -2.14
N LEU A 444 18.99 25.07 -0.92
CA LEU A 444 18.08 26.15 -0.58
C LEU A 444 18.74 27.48 -0.92
N GLY A 445 19.99 27.62 -0.47
CA GLY A 445 20.73 28.87 -0.60
C GLY A 445 21.20 29.10 -2.02
N ARG A 446 20.50 28.51 -2.99
CA ARG A 446 20.82 28.68 -4.39
C ARG A 446 19.68 29.47 -5.04
N PHE A 447 18.69 29.83 -4.23
CA PHE A 447 17.54 30.62 -4.68
C PHE A 447 17.48 31.93 -3.89
N GLU A 448 17.61 33.04 -4.63
CA GLU A 448 17.50 34.37 -4.04
C GLU A 448 16.29 34.41 -3.11
N GLY A 449 16.45 35.04 -1.94
CA GLY A 449 15.37 35.16 -0.98
C GLY A 449 14.14 35.88 -1.56
N GLN A 450 14.35 36.60 -2.68
CA GLN A 450 13.29 37.33 -3.35
C GLN A 450 12.42 36.34 -4.12
N VAL A 451 13.07 35.27 -4.58
CA VAL A 451 12.44 34.25 -5.39
C VAL A 451 11.71 33.29 -4.46
N ARG A 452 12.39 32.85 -3.40
CA ARG A 452 11.84 31.87 -2.48
C ARG A 452 10.56 32.39 -1.84
N GLN A 453 10.46 33.71 -1.67
CA GLN A 453 9.35 34.27 -0.92
C GLN A 453 8.10 34.34 -1.79
N LYS A 454 8.26 34.15 -3.10
CA LYS A 454 7.13 34.23 -4.01
C LYS A 454 6.27 32.97 -3.90
N VAL A 455 6.71 32.03 -3.07
CA VAL A 455 6.00 30.77 -2.91
C VAL A 455 5.18 30.83 -1.63
N ARG A 456 3.86 30.80 -1.79
CA ARG A 456 2.94 30.77 -0.66
C ARG A 456 2.72 29.31 -0.25
N ILE A 457 2.97 29.01 1.02
CA ILE A 457 2.87 27.65 1.50
C ILE A 457 1.63 27.53 2.38
N VAL A 458 0.49 27.10 1.81
CA VAL A 458 -0.79 27.19 2.51
C VAL A 458 -1.31 25.83 2.98
N SER A 459 -2.56 25.85 3.46
CA SER A 459 -3.31 24.68 3.85
C SER A 459 -4.44 24.42 2.85
N GLY A 460 -4.82 25.48 2.12
CA GLY A 460 -6.11 25.52 1.46
C GLY A 460 -7.20 25.96 2.45
N THR A 461 -8.04 26.90 2.02
CA THR A 461 -9.01 27.43 2.96
C THR A 461 -10.37 26.79 2.70
N VAL A 462 -10.67 26.47 1.43
CA VAL A 462 -11.95 25.84 1.14
C VAL A 462 -11.81 24.59 0.29
N ALA A 463 -12.50 23.53 0.69
CA ALA A 463 -12.45 22.26 0.00
C ALA A 463 -13.32 22.27 -1.27
N GLY A 464 -12.76 21.77 -2.37
CA GLY A 464 -13.57 21.44 -3.53
C GLY A 464 -13.90 22.66 -4.38
N THR A 465 -14.73 22.48 -5.40
CA THR A 465 -15.28 23.61 -6.13
C THR A 465 -16.80 23.47 -6.18
N ALA A 466 -17.46 24.36 -6.94
CA ALA A 466 -18.92 24.48 -6.97
C ALA A 466 -19.42 24.78 -8.40
N ARG A 467 -20.43 24.03 -8.87
CA ARG A 467 -21.01 24.24 -10.19
C ARG A 467 -22.01 25.39 -10.11
N GLY A 468 -22.88 25.34 -9.09
CA GLY A 468 -23.91 26.33 -8.88
C GLY A 468 -23.61 27.65 -9.56
N GLY A 488 2.86 34.05 -7.46
CA GLY A 488 3.74 32.92 -7.83
C GLY A 488 3.13 31.56 -7.45
N PRO A 489 3.95 30.48 -7.42
CA PRO A 489 3.45 29.13 -7.13
C PRO A 489 2.78 29.03 -5.77
N VAL A 490 1.87 28.05 -5.65
CA VAL A 490 1.26 27.69 -4.39
C VAL A 490 1.62 26.24 -4.08
N LEU A 491 1.73 25.90 -2.79
CA LEU A 491 2.34 24.64 -2.40
C LEU A 491 1.87 24.26 -1.00
N THR A 492 1.61 22.97 -0.79
CA THR A 492 1.02 22.50 0.45
C THR A 492 1.79 21.27 0.95
N PHE A 493 2.51 21.43 2.06
CA PHE A 493 3.28 20.32 2.61
C PHE A 493 2.35 19.25 3.15
N GLN A 494 2.82 18.01 3.14
CA GLN A 494 2.04 16.90 3.66
C GLN A 494 2.79 16.30 4.84
N SER A 495 4.05 16.70 4.99
CA SER A 495 4.91 16.13 6.01
C SER A 495 4.99 17.05 7.23
N GLU A 496 5.25 16.46 8.39
CA GLU A 496 5.38 17.24 9.62
C GLU A 496 6.59 18.14 9.52
N LYS A 497 7.76 17.52 9.36
CA LYS A 497 9.02 18.22 9.41
C LYS A 497 8.97 19.45 8.51
N MET A 498 8.48 19.29 7.29
CA MET A 498 8.53 20.39 6.34
C MET A 498 7.53 21.50 6.69
N LYS A 499 6.35 21.14 7.22
CA LYS A 499 5.38 22.17 7.54
C LYS A 499 5.76 22.80 8.87
N GLY A 500 6.48 22.02 9.68
CA GLY A 500 7.05 22.53 10.91
C GLY A 500 8.08 23.63 10.65
N MET A 501 8.70 23.61 9.46
CA MET A 501 9.71 24.61 9.16
C MET A 501 9.26 25.45 7.99
N LYS A 502 7.94 25.75 7.98
CA LYS A 502 7.27 26.47 6.90
C LYS A 502 7.99 27.78 6.62
N GLU A 503 8.36 28.49 7.69
CA GLU A 503 8.89 29.85 7.59
C GLU A 503 10.38 29.84 7.30
N LEU A 504 11.13 29.00 8.02
CA LEU A 504 12.57 28.99 7.87
C LEU A 504 12.95 28.96 6.39
N LEU A 505 12.04 28.44 5.56
CA LEU A 505 12.37 28.14 4.17
C LEU A 505 12.23 29.37 3.30
N VAL A 506 11.34 30.30 3.70
CA VAL A 506 11.03 31.45 2.86
C VAL A 506 11.74 32.70 3.37
N ALA A 507 12.37 32.60 4.55
CA ALA A 507 13.10 33.72 5.13
C ALA A 507 14.27 34.09 4.21
N THR A 508 14.79 35.32 4.34
CA THR A 508 15.83 35.80 3.45
C THR A 508 17.21 35.32 3.90
N LYS A 509 17.40 35.22 5.22
CA LYS A 509 18.59 34.58 5.77
C LYS A 509 18.26 33.12 6.10
N ILE A 510 18.88 32.21 5.34
CA ILE A 510 18.79 30.79 5.61
C ILE A 510 19.39 30.51 7.00
N ASN A 511 18.52 30.15 7.96
CA ASN A 511 18.94 29.79 9.30
C ASN A 511 19.57 28.40 9.27
N SER A 512 20.81 28.35 8.78
CA SER A 512 21.43 27.11 8.35
C SER A 512 21.69 26.18 9.54
N SER A 513 21.04 26.44 10.67
CA SER A 513 21.32 25.65 11.85
C SER A 513 20.03 25.07 12.40
N ALA A 514 18.95 25.85 12.23
CA ALA A 514 17.62 25.48 12.72
C ALA A 514 16.96 24.51 11.74
N ILE A 515 17.34 24.62 10.45
CA ILE A 515 16.88 23.71 9.42
C ILE A 515 17.48 22.32 9.66
N LYS A 516 18.81 22.27 9.82
CA LYS A 516 19.51 21.02 10.04
C LYS A 516 18.99 20.35 11.30
N LEU A 517 18.50 21.16 12.24
CA LEU A 517 18.06 20.60 13.50
C LEU A 517 16.72 19.91 13.28
N GLN A 518 15.90 20.52 12.42
CA GLN A 518 14.49 20.14 12.29
C GLN A 518 14.32 19.04 11.25
N LEU A 519 15.18 19.05 10.22
CA LEU A 519 15.22 18.01 9.21
C LEU A 519 15.55 16.66 9.85
N THR A 520 16.20 16.70 11.02
CA THR A 520 16.60 15.50 11.75
C THR A 520 15.77 15.40 13.03
N ALA A 521 15.39 14.19 13.41
CA ALA A 521 14.51 14.06 14.57
C ALA A 521 14.29 12.60 14.97
N GLN A 522 13.45 12.43 15.99
CA GLN A 522 13.18 11.15 16.66
C GLN A 522 11.85 11.27 17.42
N GLY B 2 56.23 -46.65 -35.89
CA GLY B 2 56.66 -48.07 -35.68
C GLY B 2 57.16 -48.32 -34.26
N LEU B 3 56.62 -49.39 -33.63
CA LEU B 3 57.02 -49.84 -32.31
C LEU B 3 58.37 -50.54 -32.41
N LYS B 4 59.12 -50.56 -31.30
CA LYS B 4 60.32 -51.37 -31.23
C LYS B 4 59.90 -52.83 -31.00
N ALA B 5 60.85 -53.76 -31.20
CA ALA B 5 60.57 -55.18 -31.08
C ALA B 5 60.39 -55.54 -29.61
N ALA B 6 61.09 -54.77 -28.77
CA ALA B 6 61.21 -54.96 -27.33
C ALA B 6 59.89 -54.67 -26.63
N GLN B 7 58.92 -54.15 -27.38
CA GLN B 7 57.67 -53.70 -26.77
C GLN B 7 56.54 -54.63 -27.18
N LYS B 8 56.65 -55.22 -28.38
CA LYS B 8 55.57 -56.02 -28.95
C LYS B 8 55.40 -57.30 -28.15
N THR B 9 56.52 -57.78 -27.57
CA THR B 9 56.54 -59.08 -26.94
C THR B 9 55.68 -59.08 -25.67
N LEU B 10 55.08 -57.94 -25.34
CA LEU B 10 54.34 -57.79 -24.09
C LEU B 10 52.83 -57.86 -24.33
N PHE B 11 52.42 -57.59 -25.57
CA PHE B 11 51.03 -57.74 -25.96
C PHE B 11 50.77 -59.22 -26.22
N PRO B 12 49.54 -59.74 -25.99
CA PRO B 12 48.37 -58.94 -25.68
C PRO B 12 48.24 -58.61 -24.20
N LEU B 13 47.66 -57.43 -23.89
CA LEU B 13 47.40 -57.07 -22.51
C LEU B 13 46.06 -57.66 -22.11
N ARG B 14 46.08 -58.71 -21.28
CA ARG B 14 44.88 -59.49 -21.00
C ARG B 14 44.32 -59.09 -19.64
N SER B 15 45.12 -58.35 -18.85
CA SER B 15 44.73 -58.01 -17.50
C SER B 15 45.43 -56.72 -17.07
N ILE B 16 45.11 -56.32 -15.82
CA ILE B 16 45.69 -55.15 -15.19
C ILE B 16 47.20 -55.38 -15.06
N ASP B 17 47.56 -56.57 -14.57
CA ASP B 17 48.94 -56.93 -14.25
C ASP B 17 49.78 -56.85 -15.51
N ASP B 18 49.15 -57.16 -16.65
CA ASP B 18 49.81 -57.14 -17.93
C ASP B 18 50.13 -55.69 -18.28
N VAL B 19 49.21 -54.78 -17.90
CA VAL B 19 49.35 -53.37 -18.20
C VAL B 19 50.45 -52.77 -17.34
N VAL B 20 50.46 -53.19 -16.07
CA VAL B 20 51.55 -52.89 -15.15
C VAL B 20 52.87 -53.28 -15.81
N ARG B 21 53.01 -54.57 -16.15
CA ARG B 21 54.23 -55.11 -16.74
C ARG B 21 54.67 -54.24 -17.92
N LEU B 22 53.71 -53.89 -18.78
CA LEU B 22 54.08 -53.09 -19.93
C LEU B 22 54.67 -51.77 -19.42
N PHE B 23 54.08 -51.23 -18.36
CA PHE B 23 54.52 -49.96 -17.81
C PHE B 23 55.93 -50.09 -17.25
N ALA B 24 56.15 -51.14 -16.44
CA ALA B 24 57.46 -51.49 -15.92
C ALA B 24 58.50 -51.44 -17.04
N ALA B 25 58.24 -52.22 -18.10
CA ALA B 25 59.10 -52.26 -19.27
C ALA B 25 59.45 -50.84 -19.72
N GLU B 26 58.42 -50.02 -19.90
CA GLU B 26 58.61 -48.70 -20.47
C GLU B 26 59.38 -47.81 -19.51
N LEU B 27 59.11 -47.96 -18.20
CA LEU B 27 59.69 -47.12 -17.16
C LEU B 27 61.17 -47.43 -16.98
N GLY B 28 61.65 -48.49 -17.65
CA GLY B 28 63.03 -48.93 -17.50
C GLY B 28 63.94 -48.47 -18.63
N ARG B 29 63.39 -47.68 -19.57
CA ARG B 29 64.15 -47.18 -20.70
C ARG B 29 64.57 -45.74 -20.42
N GLU B 30 65.37 -45.14 -21.31
CA GLU B 30 65.79 -43.75 -21.12
C GLU B 30 64.63 -42.86 -21.54
N GLU B 31 63.83 -43.37 -22.49
CA GLU B 31 62.60 -42.72 -22.91
C GLU B 31 61.50 -43.76 -22.91
N PRO B 32 60.66 -43.83 -21.86
CA PRO B 32 59.39 -44.55 -21.96
C PRO B 32 58.51 -43.90 -23.03
N ASP B 33 57.92 -44.72 -23.91
CA ASP B 33 57.01 -44.24 -24.94
C ASP B 33 55.71 -43.69 -24.32
N LEU B 34 55.57 -42.36 -24.38
CA LEU B 34 54.39 -41.68 -23.88
C LEU B 34 53.20 -42.10 -24.75
N VAL B 35 53.42 -42.06 -26.08
CA VAL B 35 52.36 -42.32 -27.04
C VAL B 35 51.84 -43.75 -26.86
N LEU B 36 52.73 -44.71 -26.64
CA LEU B 36 52.33 -46.10 -26.50
C LEU B 36 51.50 -46.29 -25.23
N LEU B 37 51.93 -45.63 -24.14
CA LEU B 37 51.38 -45.86 -22.81
C LEU B 37 50.05 -45.11 -22.64
N SER B 38 49.97 -43.93 -23.28
CA SER B 38 48.75 -43.14 -23.28
C SER B 38 47.66 -43.85 -24.07
N LEU B 39 48.03 -44.37 -25.24
CA LEU B 39 47.12 -45.11 -26.09
C LEU B 39 46.57 -46.31 -25.34
N VAL B 40 47.46 -47.06 -24.69
CA VAL B 40 47.03 -48.27 -24.00
C VAL B 40 46.03 -47.92 -22.91
N LEU B 41 46.34 -46.83 -22.18
CA LEU B 41 45.53 -46.40 -21.04
C LEU B 41 44.18 -45.90 -21.54
N GLY B 42 44.22 -45.05 -22.57
CA GLY B 42 43.03 -44.62 -23.29
C GLY B 42 42.14 -45.82 -23.64
N PHE B 43 42.73 -46.78 -24.36
CA PHE B 43 42.02 -47.98 -24.74
C PHE B 43 41.34 -48.58 -23.51
N VAL B 44 42.11 -48.95 -22.50
CA VAL B 44 41.55 -49.73 -21.42
C VAL B 44 40.41 -48.95 -20.71
N GLU B 45 40.62 -47.63 -20.52
CA GLU B 45 39.67 -46.77 -19.84
C GLU B 45 38.40 -46.71 -20.70
N HIS B 46 38.61 -46.69 -22.02
CA HIS B 46 37.51 -46.64 -22.95
C HIS B 46 36.47 -47.72 -22.62
N PHE B 47 36.86 -48.99 -22.69
CA PHE B 47 35.89 -50.06 -22.54
C PHE B 47 35.54 -50.26 -21.07
N LEU B 48 36.23 -49.52 -20.19
CA LEU B 48 36.05 -49.76 -18.76
C LEU B 48 35.17 -48.67 -18.13
N ALA B 49 35.06 -47.51 -18.79
CA ALA B 49 34.19 -46.45 -18.29
C ALA B 49 33.35 -45.80 -19.40
N VAL B 50 33.97 -45.45 -20.53
CA VAL B 50 33.30 -44.76 -21.63
C VAL B 50 32.17 -45.62 -22.21
N ASN B 51 32.50 -46.79 -22.77
CA ASN B 51 31.50 -47.68 -23.34
C ASN B 51 31.76 -49.10 -22.85
N ARG B 52 31.04 -49.53 -21.82
CA ARG B 52 31.33 -50.80 -21.15
C ARG B 52 30.61 -51.96 -21.83
N VAL B 53 29.90 -51.66 -22.92
CA VAL B 53 29.12 -52.69 -23.61
C VAL B 53 30.04 -53.42 -24.56
N ILE B 54 30.09 -54.75 -24.41
CA ILE B 54 30.92 -55.64 -25.21
C ILE B 54 30.38 -55.65 -26.63
N PRO B 55 31.13 -55.12 -27.63
CA PRO B 55 30.62 -55.01 -29.00
C PRO B 55 30.33 -56.37 -29.60
N THR B 56 29.16 -56.49 -30.25
CA THR B 56 28.76 -57.69 -30.97
C THR B 56 29.33 -57.65 -32.39
N ASN B 57 29.33 -56.45 -33.01
CA ASN B 57 29.77 -56.27 -34.38
C ASN B 57 31.29 -56.23 -34.47
N VAL B 58 31.95 -56.04 -33.32
CA VAL B 58 33.39 -55.81 -33.26
C VAL B 58 34.14 -57.12 -33.54
N PRO B 59 35.11 -57.07 -34.48
CA PRO B 59 35.96 -58.24 -34.79
C PRO B 59 37.20 -58.46 -33.91
N GLU B 60 38.06 -57.43 -33.83
CA GLU B 60 39.40 -57.59 -33.29
C GLU B 60 39.43 -57.38 -31.77
N LEU B 61 38.32 -56.89 -31.19
CA LEU B 61 38.26 -56.68 -29.75
C LEU B 61 37.83 -57.97 -29.08
N THR B 62 38.62 -58.40 -28.09
CA THR B 62 38.28 -59.60 -27.34
C THR B 62 38.35 -59.24 -25.87
N PHE B 63 37.68 -60.01 -25.01
CA PHE B 63 37.56 -59.71 -23.59
C PHE B 63 38.00 -60.91 -22.74
N GLN B 64 38.79 -60.62 -21.69
CA GLN B 64 39.23 -61.67 -20.80
C GLN B 64 38.44 -61.60 -19.50
N PRO B 65 37.84 -62.72 -19.05
CA PRO B 65 37.18 -62.77 -17.75
C PRO B 65 38.19 -63.00 -16.63
N SER B 66 37.72 -62.90 -15.39
CA SER B 66 38.44 -63.31 -14.19
C SER B 66 37.53 -63.09 -12.98
N PRO B 67 37.87 -63.68 -11.81
CA PRO B 67 37.05 -63.48 -10.61
C PRO B 67 36.98 -62.00 -10.21
N ALA B 68 35.80 -61.62 -9.71
CA ALA B 68 35.54 -60.27 -9.26
C ALA B 68 35.66 -60.23 -7.75
N PRO B 69 35.96 -59.06 -7.15
CA PRO B 69 36.14 -58.98 -5.70
C PRO B 69 34.79 -59.12 -5.00
N ASP B 70 34.78 -59.88 -3.90
CA ASP B 70 33.62 -60.01 -3.03
C ASP B 70 33.45 -58.73 -2.21
N PRO B 71 32.27 -58.48 -1.60
CA PRO B 71 31.13 -59.39 -1.67
C PRO B 71 30.47 -59.62 -3.03
N PRO B 72 30.24 -58.60 -3.90
CA PRO B 72 29.43 -58.79 -5.10
C PRO B 72 29.72 -60.14 -5.74
N GLY B 73 30.96 -60.34 -6.20
CA GLY B 73 31.36 -61.59 -6.80
C GLY B 73 31.10 -61.62 -8.30
N GLY B 74 31.05 -62.82 -8.87
CA GLY B 74 30.88 -62.98 -10.31
C GLY B 74 32.23 -62.95 -11.02
N LEU B 75 32.22 -62.53 -12.30
CA LEU B 75 33.39 -62.49 -13.14
C LEU B 75 33.52 -61.09 -13.75
N THR B 76 34.76 -60.64 -13.92
CA THR B 76 35.04 -59.31 -14.45
C THR B 76 35.81 -59.40 -15.77
N TYR B 77 35.21 -58.85 -16.83
CA TYR B 77 35.69 -59.00 -18.19
C TYR B 77 36.57 -57.83 -18.57
N PHE B 78 37.83 -58.11 -18.89
CA PHE B 78 38.79 -57.05 -19.17
C PHE B 78 38.93 -56.88 -20.68
N PRO B 79 39.08 -55.65 -21.20
CA PRO B 79 39.29 -55.42 -22.63
C PRO B 79 40.71 -55.73 -23.06
N VAL B 80 40.87 -56.82 -23.81
CA VAL B 80 42.18 -57.23 -24.29
C VAL B 80 42.72 -56.24 -25.32
N ALA B 81 43.84 -55.60 -24.96
CA ALA B 81 44.56 -54.71 -25.83
C ALA B 81 45.39 -55.55 -26.79
N ASP B 82 44.90 -55.67 -28.02
CA ASP B 82 45.53 -56.46 -29.06
C ASP B 82 46.66 -55.66 -29.73
N LEU B 83 47.77 -56.35 -30.04
CA LEU B 83 48.94 -55.72 -30.62
C LEU B 83 48.60 -55.00 -31.91
N SER B 84 47.76 -55.64 -32.73
CA SER B 84 47.39 -55.09 -34.03
C SER B 84 46.71 -53.74 -33.83
N ILE B 85 45.74 -53.70 -32.91
CA ILE B 85 44.99 -52.47 -32.63
C ILE B 85 45.95 -51.37 -32.21
N ILE B 86 46.69 -51.63 -31.13
CA ILE B 86 47.53 -50.59 -30.52
C ILE B 86 48.52 -50.09 -31.56
N ALA B 87 49.11 -51.03 -32.31
CA ALA B 87 50.13 -50.69 -33.31
C ALA B 87 49.51 -49.79 -34.37
N ALA B 88 48.24 -50.10 -34.70
CA ALA B 88 47.44 -49.38 -35.67
C ALA B 88 47.27 -47.93 -35.22
N LEU B 89 46.60 -47.78 -34.07
CA LEU B 89 46.43 -46.50 -33.41
C LEU B 89 47.77 -45.79 -33.35
N TYR B 90 48.79 -46.54 -32.89
CA TYR B 90 50.12 -45.99 -32.67
C TYR B 90 50.68 -45.46 -33.98
N ALA B 91 50.52 -46.26 -35.03
CA ALA B 91 50.99 -45.90 -36.35
C ALA B 91 50.23 -44.68 -36.86
N ARG B 92 48.90 -44.65 -36.58
CA ARG B 92 48.00 -43.56 -36.93
C ARG B 92 48.51 -42.24 -36.36
N PHE B 93 48.80 -42.22 -35.06
CA PHE B 93 49.23 -41.01 -34.38
C PHE B 93 50.57 -40.50 -34.93
N THR B 94 51.58 -41.37 -34.85
CA THR B 94 52.95 -41.06 -35.21
C THR B 94 52.98 -40.65 -36.68
N ALA B 95 52.09 -41.29 -37.45
CA ALA B 95 51.86 -40.98 -38.85
C ALA B 95 51.29 -39.57 -38.96
N GLN B 96 50.16 -39.36 -38.28
CA GLN B 96 49.52 -38.06 -38.37
C GLN B 96 50.52 -36.96 -38.04
N ILE B 97 51.27 -37.14 -36.95
CA ILE B 97 52.12 -36.08 -36.44
C ILE B 97 53.29 -35.86 -37.39
N ARG B 98 53.98 -36.95 -37.73
CA ARG B 98 55.17 -36.84 -38.55
C ARG B 98 54.77 -36.30 -39.92
N GLY B 99 53.50 -36.57 -40.30
CA GLY B 99 52.92 -36.08 -41.54
C GLY B 99 52.79 -34.56 -41.58
N ALA B 100 52.47 -33.96 -40.43
CA ALA B 100 52.11 -32.56 -40.40
C ALA B 100 53.34 -31.66 -40.22
N VAL B 101 54.38 -32.19 -39.57
CA VAL B 101 55.59 -31.42 -39.34
C VAL B 101 56.72 -31.93 -40.24
N ASP B 102 57.45 -30.98 -40.84
CA ASP B 102 58.65 -31.29 -41.59
C ASP B 102 59.84 -30.74 -40.80
N LEU B 103 60.57 -31.66 -40.16
CA LEU B 103 61.55 -31.33 -39.13
C LEU B 103 62.71 -30.49 -39.70
N SER B 104 62.91 -30.60 -41.03
CA SER B 104 64.02 -29.97 -41.72
C SER B 104 63.80 -28.48 -41.91
N LEU B 105 62.55 -28.03 -41.81
CA LEU B 105 62.23 -26.63 -42.04
C LEU B 105 62.89 -25.77 -40.95
N TYR B 106 63.25 -26.42 -39.83
CA TYR B 106 63.67 -25.71 -38.64
C TYR B 106 65.05 -26.19 -38.20
N PRO B 107 66.08 -25.31 -38.20
CA PRO B 107 67.42 -25.69 -37.74
C PRO B 107 67.52 -25.89 -36.22
N ARG B 108 67.67 -27.15 -35.79
CA ARG B 108 67.70 -27.49 -34.37
C ARG B 108 69.11 -27.85 -33.92
N GLU B 109 69.97 -26.84 -33.72
CA GLU B 109 71.39 -27.04 -33.42
C GLU B 109 71.60 -27.19 -31.91
N GLY B 110 72.33 -28.25 -31.53
CA GLY B 110 72.73 -28.50 -30.17
C GLY B 110 71.81 -29.48 -29.46
N GLY B 111 70.81 -29.98 -30.19
CA GLY B 111 69.76 -30.81 -29.61
C GLY B 111 68.71 -29.95 -28.89
N VAL B 112 68.76 -28.64 -29.15
CA VAL B 112 67.86 -27.68 -28.53
C VAL B 112 66.79 -27.30 -29.54
N SER B 113 65.53 -27.34 -29.10
CA SER B 113 64.39 -27.05 -29.96
C SER B 113 64.04 -25.57 -29.85
N SER B 114 63.66 -24.96 -30.98
CA SER B 114 63.40 -23.53 -31.02
C SER B 114 61.93 -23.27 -30.74
N ARG B 115 61.60 -22.00 -30.55
CA ARG B 115 60.25 -21.62 -30.15
C ARG B 115 59.28 -21.93 -31.29
N GLU B 116 59.70 -21.60 -32.52
CA GLU B 116 58.92 -21.77 -33.73
C GLU B 116 58.50 -23.23 -33.88
N LEU B 117 59.48 -24.14 -33.78
CA LEU B 117 59.20 -25.55 -33.93
C LEU B 117 58.06 -25.97 -32.99
N VAL B 118 58.20 -25.59 -31.70
CA VAL B 118 57.26 -25.94 -30.64
C VAL B 118 55.90 -25.27 -30.88
N LYS B 119 55.91 -24.00 -31.33
CA LYS B 119 54.67 -23.34 -31.71
C LYS B 119 53.92 -24.21 -32.72
N LYS B 120 54.62 -24.63 -33.78
CA LYS B 120 53.99 -25.39 -34.85
C LYS B 120 53.43 -26.71 -34.29
N VAL B 121 54.26 -27.49 -33.60
CA VAL B 121 53.80 -28.78 -33.11
C VAL B 121 52.53 -28.58 -32.29
N SER B 122 52.48 -27.47 -31.56
CA SER B 122 51.30 -27.12 -30.78
C SER B 122 50.12 -26.86 -31.72
N ASP B 123 50.35 -26.02 -32.75
CA ASP B 123 49.33 -25.67 -33.74
C ASP B 123 48.74 -26.92 -34.37
N VAL B 124 49.61 -27.88 -34.68
CA VAL B 124 49.19 -29.12 -35.32
C VAL B 124 48.21 -29.85 -34.41
N ILE B 125 48.44 -29.77 -33.10
CA ILE B 125 47.53 -30.41 -32.16
C ILE B 125 46.28 -29.56 -32.00
N TRP B 126 46.44 -28.25 -32.13
CA TRP B 126 45.39 -27.27 -31.88
C TRP B 126 44.26 -27.40 -32.90
N ASN B 127 44.63 -27.56 -34.19
CA ASN B 127 43.68 -27.54 -35.29
C ASN B 127 43.31 -28.96 -35.72
N SER B 128 43.61 -29.94 -34.86
CA SER B 128 43.24 -31.32 -35.10
C SER B 128 42.17 -31.71 -34.11
N LEU B 129 42.09 -31.00 -32.99
CA LEU B 129 41.23 -31.47 -31.93
C LEU B 129 39.91 -30.72 -31.97
N SER B 130 38.94 -31.31 -31.29
CA SER B 130 37.69 -30.63 -31.00
C SER B 130 37.57 -30.38 -29.50
N ARG B 131 37.37 -29.10 -29.14
CA ARG B 131 37.19 -28.68 -27.77
C ARG B 131 35.72 -28.75 -27.39
N SER B 132 35.44 -29.30 -26.20
CA SER B 132 34.08 -29.51 -25.73
C SER B 132 33.65 -28.33 -24.86
N TYR B 133 33.27 -27.22 -25.53
CA TYR B 133 33.11 -25.89 -24.93
C TYR B 133 31.90 -25.81 -24.00
N PHE B 134 30.78 -26.49 -24.31
CA PHE B 134 29.59 -26.24 -23.54
C PHE B 134 29.35 -27.38 -22.56
N LYS B 135 30.37 -28.20 -22.30
CA LYS B 135 30.24 -29.29 -21.35
C LYS B 135 31.61 -29.80 -20.92
N ASP B 136 31.66 -30.42 -19.75
CA ASP B 136 32.89 -31.01 -19.24
C ASP B 136 32.87 -32.50 -19.53
N ARG B 137 33.70 -32.92 -20.49
CA ARG B 137 33.67 -34.31 -20.91
C ARG B 137 34.83 -35.04 -20.22
N ALA B 138 34.48 -36.12 -19.50
CA ALA B 138 35.42 -37.07 -18.92
C ALA B 138 35.99 -38.01 -19.98
N HIS B 139 37.12 -38.65 -19.67
CA HIS B 139 37.69 -39.66 -20.55
C HIS B 139 38.12 -39.06 -21.88
N ILE B 140 38.57 -37.81 -21.91
CA ILE B 140 39.09 -37.27 -23.17
C ILE B 140 40.48 -36.67 -22.94
N GLN B 141 41.31 -37.38 -22.15
CA GLN B 141 42.62 -36.86 -21.75
C GLN B 141 43.69 -37.46 -22.64
N SER B 142 43.44 -38.72 -23.01
CA SER B 142 44.40 -39.59 -23.68
C SER B 142 44.57 -39.23 -25.14
N LEU B 143 45.75 -39.56 -25.68
CA LEU B 143 46.01 -39.53 -27.10
C LEU B 143 45.09 -40.51 -27.79
N PHE B 144 44.68 -41.55 -27.05
CA PHE B 144 43.76 -42.55 -27.56
C PHE B 144 42.49 -41.86 -28.00
N SER B 145 41.95 -41.05 -27.08
CA SER B 145 40.85 -40.15 -27.38
C SER B 145 41.21 -39.23 -28.55
N PHE B 146 42.40 -38.62 -28.56
CA PHE B 146 42.76 -37.68 -29.61
C PHE B 146 42.64 -38.33 -30.98
N ILE B 147 43.10 -39.57 -31.12
CA ILE B 147 43.07 -40.18 -32.44
C ILE B 147 41.65 -40.61 -32.80
N THR B 148 41.04 -41.39 -31.90
CA THR B 148 39.69 -41.90 -32.01
C THR B 148 38.70 -40.77 -32.32
N GLY B 149 38.58 -39.81 -31.42
CA GLY B 149 37.45 -38.89 -31.44
C GLY B 149 37.87 -37.46 -31.75
N THR B 150 39.18 -37.18 -31.66
CA THR B 150 39.73 -35.84 -31.79
C THR B 150 39.41 -35.00 -30.55
N LYS B 151 38.66 -35.60 -29.61
CA LYS B 151 38.26 -34.94 -28.38
C LYS B 151 39.45 -34.95 -27.40
N LEU B 152 39.69 -33.79 -26.75
CA LEU B 152 40.84 -33.55 -25.91
C LEU B 152 40.52 -32.42 -24.92
N ASP B 153 40.69 -32.69 -23.62
CA ASP B 153 40.51 -31.64 -22.62
C ASP B 153 41.78 -30.78 -22.50
N SER B 154 41.74 -29.80 -21.60
CA SER B 154 42.66 -28.67 -21.62
C SER B 154 44.12 -29.08 -21.43
N SER B 155 44.36 -29.89 -20.39
CA SER B 155 45.68 -30.38 -20.08
C SER B 155 46.08 -31.54 -21.02
N GLY B 156 45.07 -32.22 -21.56
CA GLY B 156 45.28 -33.25 -22.56
C GLY B 156 46.00 -32.70 -23.79
N VAL B 157 45.80 -31.41 -24.09
CA VAL B 157 46.41 -30.76 -25.24
C VAL B 157 47.90 -30.69 -25.01
N ALA B 158 48.28 -30.21 -23.82
CA ALA B 158 49.68 -30.03 -23.48
C ALA B 158 50.38 -31.38 -23.58
N PHE B 159 49.83 -32.39 -22.88
CA PHE B 159 50.43 -33.72 -22.88
C PHE B 159 50.57 -34.22 -24.31
N ALA B 160 49.57 -33.91 -25.15
CA ALA B 160 49.61 -34.26 -26.56
C ALA B 160 50.77 -33.56 -27.27
N VAL B 161 51.04 -32.29 -26.97
CA VAL B 161 52.17 -31.65 -27.63
C VAL B 161 53.47 -32.28 -27.13
N VAL B 162 53.49 -32.73 -25.88
CA VAL B 162 54.73 -33.27 -25.36
C VAL B 162 54.96 -34.65 -25.96
N GLY B 163 53.86 -35.38 -26.20
CA GLY B 163 53.97 -36.70 -26.81
C GLY B 163 54.35 -36.55 -28.29
N ALA B 164 53.75 -35.54 -28.92
CA ALA B 164 53.98 -35.32 -30.34
C ALA B 164 55.43 -34.91 -30.55
N CYS B 165 56.03 -34.27 -29.55
CA CYS B 165 57.41 -33.84 -29.67
C CYS B 165 58.36 -35.02 -29.46
N GLN B 166 57.96 -35.97 -28.60
CA GLN B 166 58.74 -37.18 -28.34
C GLN B 166 58.70 -38.06 -29.58
N ALA B 167 57.53 -38.06 -30.24
CA ALA B 167 57.35 -38.79 -31.49
C ALA B 167 58.28 -38.21 -32.55
N LEU B 168 58.50 -36.90 -32.52
CA LEU B 168 59.44 -36.28 -33.44
C LEU B 168 60.86 -36.39 -32.87
N GLY B 169 61.04 -37.20 -31.82
CA GLY B 169 62.32 -37.35 -31.17
C GLY B 169 62.95 -36.00 -30.82
N LEU B 170 62.19 -35.16 -30.11
CA LEU B 170 62.68 -33.95 -29.48
C LEU B 170 62.66 -34.18 -27.95
N ARG B 171 63.82 -34.59 -27.43
CA ARG B 171 63.87 -35.08 -26.06
C ARG B 171 63.96 -33.91 -25.07
N ASP B 172 63.91 -32.66 -25.57
CA ASP B 172 64.07 -31.47 -24.75
C ASP B 172 62.72 -30.88 -24.33
N VAL B 173 61.72 -30.97 -25.21
CA VAL B 173 60.41 -30.45 -24.89
C VAL B 173 59.75 -31.31 -23.81
N HIS B 174 59.35 -30.68 -22.71
CA HIS B 174 58.78 -31.39 -21.58
C HIS B 174 57.50 -30.73 -21.10
N LEU B 175 56.79 -31.43 -20.21
CA LEU B 175 55.52 -30.97 -19.68
C LEU B 175 55.71 -30.17 -18.38
N ALA B 176 55.17 -28.92 -18.42
CA ALA B 176 54.99 -28.01 -17.30
C ALA B 176 53.62 -28.21 -16.63
N LEU B 177 53.63 -28.34 -15.30
CA LEU B 177 52.41 -28.65 -14.56
C LEU B 177 52.25 -27.68 -13.38
N SER B 178 51.24 -26.80 -13.49
CA SER B 178 50.68 -26.02 -12.40
C SER B 178 49.83 -26.93 -11.50
N GLU B 179 48.91 -26.32 -10.74
CA GLU B 179 47.98 -27.12 -9.95
C GLU B 179 46.64 -27.21 -10.67
N ASP B 180 46.49 -26.43 -11.75
CA ASP B 180 45.24 -26.29 -12.47
C ASP B 180 45.51 -25.67 -13.84
N HIS B 181 46.74 -25.79 -14.32
CA HIS B 181 47.00 -25.43 -15.70
C HIS B 181 48.13 -26.31 -16.22
N ALA B 182 48.40 -26.22 -17.51
CA ALA B 182 49.49 -26.99 -18.08
C ALA B 182 50.09 -26.24 -19.26
N TRP B 183 51.42 -26.23 -19.33
CA TRP B 183 52.04 -25.68 -20.52
C TRP B 183 53.30 -26.48 -20.86
N VAL B 184 54.23 -25.85 -21.55
CA VAL B 184 55.32 -26.60 -22.14
C VAL B 184 56.64 -25.89 -21.86
N VAL B 185 57.66 -26.68 -21.47
CA VAL B 185 59.01 -26.19 -21.26
C VAL B 185 60.00 -26.82 -22.24
N PHE B 186 60.85 -25.97 -22.80
CA PHE B 186 61.91 -26.42 -23.68
C PHE B 186 63.13 -25.54 -23.48
N GLY B 187 64.01 -25.51 -24.48
CA GLY B 187 65.16 -24.62 -24.45
C GLY B 187 66.34 -25.25 -23.73
N PRO B 188 67.52 -24.60 -23.78
CA PRO B 188 68.76 -25.19 -23.28
C PRO B 188 68.66 -25.74 -21.86
N ASN B 189 68.47 -24.84 -20.88
CA ASN B 189 68.46 -25.27 -19.50
C ASN B 189 67.06 -25.79 -19.14
N GLY B 190 66.06 -25.29 -19.88
CA GLY B 190 64.67 -25.60 -19.61
C GLY B 190 63.91 -24.34 -19.20
N GLU B 191 64.42 -23.18 -19.62
CA GLU B 191 63.92 -21.93 -19.09
C GLU B 191 63.01 -21.29 -20.14
N GLN B 192 62.70 -22.08 -21.17
CA GLN B 192 61.79 -21.65 -22.23
C GLN B 192 60.37 -22.16 -21.95
N THR B 193 59.40 -21.23 -21.97
CA THR B 193 58.03 -21.56 -21.60
C THR B 193 57.06 -21.23 -22.73
N ALA B 194 56.15 -22.16 -23.01
CA ALA B 194 55.15 -21.89 -24.04
C ALA B 194 53.76 -22.32 -23.58
N GLU B 195 52.77 -21.47 -23.87
CA GLU B 195 51.36 -21.83 -23.73
C GLU B 195 50.90 -22.59 -24.98
N VAL B 196 50.21 -23.72 -24.75
CA VAL B 196 49.82 -24.62 -25.83
C VAL B 196 48.31 -24.87 -25.83
N THR B 197 47.62 -24.53 -24.72
CA THR B 197 46.22 -24.86 -24.50
C THR B 197 45.51 -23.66 -23.87
N TRP B 198 44.19 -23.81 -23.66
CA TRP B 198 43.32 -22.79 -23.08
C TRP B 198 43.23 -23.02 -21.57
N HIS B 199 42.61 -22.06 -20.87
CA HIS B 199 42.29 -22.25 -19.46
C HIS B 199 40.85 -21.84 -19.16
N GLY B 200 40.08 -22.80 -18.62
CA GLY B 200 38.68 -22.58 -18.30
C GLY B 200 37.93 -21.98 -19.50
N LYS B 201 36.95 -21.11 -19.21
CA LYS B 201 36.21 -20.40 -20.25
C LYS B 201 36.24 -18.91 -19.91
N GLY B 202 36.29 -18.07 -20.94
CA GLY B 202 36.15 -16.63 -20.74
C GLY B 202 37.48 -15.95 -20.45
N ASN B 203 38.50 -16.74 -20.08
CA ASN B 203 39.86 -16.24 -20.02
C ASN B 203 40.30 -15.96 -21.46
N GLU B 204 41.20 -14.99 -21.66
CA GLU B 204 41.61 -14.60 -23.00
C GLU B 204 42.33 -15.75 -23.68
N ASP B 205 43.33 -15.43 -24.51
CA ASP B 205 44.09 -16.47 -25.16
C ASP B 205 45.57 -16.15 -25.13
N ARG B 206 46.32 -16.90 -24.31
CA ARG B 206 47.73 -16.65 -24.06
C ARG B 206 48.59 -17.69 -24.76
N ARG B 207 48.05 -18.34 -25.81
CA ARG B 207 48.78 -19.38 -26.52
C ARG B 207 49.99 -18.78 -27.21
N GLY B 208 51.12 -19.51 -27.18
CA GLY B 208 52.33 -19.05 -27.84
C GLY B 208 53.21 -18.18 -26.94
N GLN B 209 52.60 -17.59 -25.91
CA GLN B 209 53.32 -16.71 -25.01
C GLN B 209 54.04 -17.52 -23.93
N THR B 210 54.90 -16.82 -23.17
CA THR B 210 55.59 -17.37 -22.03
C THR B 210 54.79 -17.04 -20.78
N VAL B 211 54.90 -17.91 -19.77
CA VAL B 211 54.10 -17.82 -18.57
C VAL B 211 54.68 -16.76 -17.63
N ASN B 212 55.36 -15.75 -18.17
CA ASN B 212 56.06 -14.79 -17.33
C ASN B 212 55.04 -13.98 -16.53
N ALA B 213 54.06 -13.42 -17.25
CA ALA B 213 53.00 -12.59 -16.67
C ALA B 213 52.31 -13.32 -15.51
N GLY B 214 51.97 -14.59 -15.70
CA GLY B 214 51.27 -15.34 -14.67
C GLY B 214 52.14 -15.53 -13.42
N VAL B 215 53.43 -15.76 -13.64
CA VAL B 215 54.33 -15.88 -12.51
C VAL B 215 54.37 -14.54 -11.82
N ALA B 216 54.57 -13.49 -12.63
CA ALA B 216 54.65 -12.12 -12.14
C ALA B 216 53.49 -11.81 -11.20
N GLU B 217 52.26 -12.07 -11.63
CA GLU B 217 51.09 -11.53 -10.96
C GLU B 217 50.73 -12.36 -9.72
N ARG B 218 51.52 -13.40 -9.45
CA ARG B 218 51.43 -14.12 -8.19
C ARG B 218 50.08 -14.82 -8.08
N SER B 219 49.52 -15.20 -9.25
CA SER B 219 48.33 -16.03 -9.33
C SER B 219 48.68 -17.49 -9.08
N TRP B 220 47.74 -18.23 -8.48
CA TRP B 220 47.94 -19.60 -8.08
C TRP B 220 48.03 -20.50 -9.32
N LEU B 221 47.71 -19.91 -10.47
CA LEU B 221 47.67 -20.68 -11.69
C LEU B 221 49.10 -20.96 -12.14
N TYR B 222 50.03 -20.17 -11.61
CA TYR B 222 51.40 -20.24 -12.09
C TYR B 222 52.34 -20.55 -10.94
N LEU B 223 51.78 -20.65 -9.73
CA LEU B 223 52.54 -20.95 -8.53
C LEU B 223 53.78 -20.05 -8.37
N LYS B 224 53.64 -18.76 -8.68
CA LYS B 224 54.71 -17.80 -8.41
C LYS B 224 56.02 -18.33 -9.01
N GLY B 225 55.94 -19.38 -9.82
CA GLY B 225 57.13 -19.93 -10.44
C GLY B 225 57.45 -21.35 -9.96
N SER B 226 56.87 -21.77 -8.82
CA SER B 226 57.22 -23.06 -8.24
C SER B 226 56.39 -24.20 -8.83
N TYR B 227 56.32 -24.25 -10.17
CA TYR B 227 55.54 -25.27 -10.86
C TYR B 227 56.39 -26.50 -11.15
N MET B 228 55.77 -27.52 -11.74
CA MET B 228 56.49 -28.72 -12.11
C MET B 228 57.07 -28.59 -13.52
N ARG B 229 58.35 -28.95 -13.67
CA ARG B 229 58.95 -29.24 -14.97
C ARG B 229 59.26 -30.73 -14.97
N CYS B 230 58.56 -31.49 -15.82
CA CYS B 230 58.69 -32.94 -15.73
C CYS B 230 59.95 -33.42 -16.43
N ASP B 231 60.41 -34.61 -16.02
CA ASP B 231 61.22 -35.44 -16.88
C ASP B 231 60.29 -36.50 -17.47
N ARG B 232 60.72 -37.18 -18.54
CA ARG B 232 59.85 -38.16 -19.16
C ARG B 232 59.16 -39.01 -18.10
N LYS B 233 59.88 -39.40 -17.03
CA LYS B 233 59.37 -40.38 -16.09
C LYS B 233 58.15 -39.81 -15.35
N MET B 234 58.15 -38.48 -15.17
CA MET B 234 57.08 -37.78 -14.45
C MET B 234 55.88 -37.62 -15.37
N GLU B 235 56.14 -37.36 -16.66
CA GLU B 235 55.14 -37.28 -17.71
C GLU B 235 54.36 -38.59 -17.76
N VAL B 236 55.05 -39.70 -17.50
CA VAL B 236 54.36 -40.97 -17.41
C VAL B 236 53.49 -40.99 -16.15
N ALA B 237 54.04 -40.47 -15.03
CA ALA B 237 53.32 -40.40 -13.77
C ALA B 237 52.05 -39.57 -13.94
N PHE B 238 52.15 -38.52 -14.79
CA PHE B 238 51.10 -37.55 -15.07
C PHE B 238 49.90 -38.22 -15.74
N MET B 239 50.19 -39.04 -16.76
CA MET B 239 49.17 -39.72 -17.52
C MET B 239 48.56 -40.82 -16.66
N VAL B 240 49.30 -41.28 -15.63
CA VAL B 240 48.73 -42.26 -14.73
C VAL B 240 47.73 -41.58 -13.81
N CYS B 241 48.05 -40.34 -13.42
CA CYS B 241 47.13 -39.55 -12.62
C CYS B 241 45.90 -39.24 -13.46
N ALA B 242 46.15 -38.91 -14.75
CA ALA B 242 45.13 -38.54 -15.72
C ALA B 242 44.15 -39.70 -16.02
N ILE B 243 44.45 -40.91 -15.55
CA ILE B 243 43.52 -42.02 -15.63
C ILE B 243 42.24 -41.58 -14.91
N ASN B 244 41.09 -41.97 -15.47
CA ASN B 244 39.85 -41.41 -15.00
C ASN B 244 38.79 -42.50 -14.86
N PRO B 245 38.63 -43.08 -13.65
CA PRO B 245 37.67 -44.15 -13.41
C PRO B 245 36.19 -43.80 -13.25
N SER B 246 35.84 -42.53 -13.47
CA SER B 246 34.45 -42.11 -13.34
C SER B 246 33.61 -42.77 -14.45
N ILE B 247 32.71 -43.68 -14.05
CA ILE B 247 31.76 -44.23 -15.02
C ILE B 247 30.65 -43.22 -15.24
N ASP B 248 29.98 -42.85 -14.15
CA ASP B 248 29.11 -41.68 -14.09
C ASP B 248 29.50 -40.83 -12.89
N LEU B 249 28.58 -39.99 -12.41
CA LEU B 249 28.90 -39.03 -11.35
C LEU B 249 28.91 -39.72 -9.99
N HIS B 250 28.33 -40.93 -9.89
CA HIS B 250 28.21 -41.59 -8.59
C HIS B 250 28.76 -43.00 -8.65
N THR B 251 29.46 -43.35 -9.74
CA THR B 251 29.92 -44.71 -9.94
C THR B 251 31.33 -44.75 -10.52
N ASP B 252 32.18 -45.58 -9.91
CA ASP B 252 33.59 -45.66 -10.23
C ASP B 252 33.89 -47.04 -10.81
N SER B 253 34.75 -47.07 -11.84
CA SER B 253 35.35 -48.27 -12.40
C SER B 253 36.33 -48.91 -11.42
N LEU B 254 35.94 -50.03 -10.78
CA LEU B 254 36.79 -50.64 -9.76
C LEU B 254 38.08 -51.18 -10.38
N GLU B 255 38.10 -51.38 -11.71
CA GLU B 255 39.28 -51.94 -12.38
C GLU B 255 40.26 -50.83 -12.75
N LEU B 256 39.73 -49.64 -13.04
CA LEU B 256 40.58 -48.53 -13.40
C LEU B 256 41.26 -47.95 -12.16
N LEU B 257 40.54 -47.97 -11.05
CA LEU B 257 41.09 -47.63 -9.74
C LEU B 257 42.30 -48.53 -9.48
N GLN B 258 42.09 -49.86 -9.59
CA GLN B 258 43.12 -50.82 -9.27
C GLN B 258 44.33 -50.63 -10.18
N LEU B 259 44.07 -50.48 -11.49
CA LEU B 259 45.15 -50.26 -12.46
C LEU B 259 45.96 -49.02 -12.08
N GLN B 260 45.27 -47.94 -11.68
CA GLN B 260 45.95 -46.69 -11.35
C GLN B 260 46.77 -46.85 -10.06
N GLN B 261 46.16 -47.51 -9.07
CA GLN B 261 46.76 -47.69 -7.76
C GLN B 261 48.06 -48.46 -7.89
N LYS B 262 48.08 -49.49 -8.73
CA LYS B 262 49.28 -50.28 -8.94
C LYS B 262 50.32 -49.48 -9.74
N LEU B 263 49.88 -48.75 -10.77
CA LEU B 263 50.80 -47.98 -11.59
C LEU B 263 51.47 -46.89 -10.76
N LEU B 264 50.76 -46.37 -9.74
CA LEU B 264 51.35 -45.33 -8.93
C LEU B 264 52.38 -45.92 -7.97
N TRP B 265 52.01 -47.05 -7.37
CA TRP B 265 52.91 -47.75 -6.48
C TRP B 265 54.19 -48.13 -7.23
N LEU B 266 54.05 -48.45 -8.51
CA LEU B 266 55.17 -48.84 -9.33
C LEU B 266 56.05 -47.62 -9.56
N LEU B 267 55.42 -46.50 -9.93
CA LEU B 267 56.13 -45.26 -10.11
C LEU B 267 56.75 -44.80 -8.80
N TYR B 268 56.09 -45.12 -7.68
CA TYR B 268 56.55 -44.70 -6.37
C TYR B 268 57.88 -45.38 -6.05
N ASP B 269 57.90 -46.71 -6.28
CA ASP B 269 59.02 -47.57 -5.95
C ASP B 269 60.22 -47.21 -6.81
N LEU B 270 59.97 -46.64 -7.99
CA LEU B 270 61.07 -46.32 -8.88
C LEU B 270 61.54 -44.90 -8.62
N GLY B 271 60.85 -44.23 -7.69
CA GLY B 271 61.19 -42.90 -7.20
C GLY B 271 60.76 -41.77 -8.13
N HIS B 272 59.67 -41.97 -8.86
CA HIS B 272 59.24 -41.02 -9.88
C HIS B 272 58.13 -40.11 -9.34
N LEU B 273 57.77 -40.31 -8.07
CA LEU B 273 56.73 -39.50 -7.45
C LEU B 273 57.38 -38.53 -6.45
N GLU B 274 58.70 -38.61 -6.34
CA GLU B 274 59.48 -37.89 -5.34
C GLU B 274 59.27 -36.38 -5.46
N ARG B 275 59.06 -35.87 -6.68
CA ARG B 275 58.88 -34.44 -6.86
C ARG B 275 57.49 -34.13 -7.46
N TYR B 276 56.49 -34.91 -7.06
CA TYR B 276 55.14 -34.83 -7.60
C TYR B 276 54.14 -34.95 -6.45
N PRO B 277 53.86 -33.86 -5.69
CA PRO B 277 53.01 -33.97 -4.50
C PRO B 277 51.63 -34.55 -4.78
N MET B 278 50.96 -34.06 -5.84
CA MET B 278 49.60 -34.51 -6.11
C MET B 278 49.59 -36.02 -6.36
N ALA B 279 50.55 -36.50 -7.14
CA ALA B 279 50.66 -37.93 -7.36
C ALA B 279 50.68 -38.67 -6.02
N LEU B 280 51.42 -38.12 -5.05
CA LEU B 280 51.59 -38.78 -3.77
C LEU B 280 50.28 -38.70 -3.00
N GLY B 281 49.60 -37.54 -3.11
CA GLY B 281 48.25 -37.37 -2.59
C GLY B 281 47.27 -38.35 -3.24
N ASN B 282 47.28 -38.39 -4.59
CA ASN B 282 46.46 -39.31 -5.38
C ASN B 282 46.59 -40.74 -4.83
N LEU B 283 47.83 -41.24 -4.76
CA LEU B 283 48.05 -42.59 -4.31
C LEU B 283 47.44 -42.78 -2.92
N ALA B 284 47.60 -41.75 -2.08
CA ALA B 284 47.20 -41.89 -0.69
C ALA B 284 45.69 -42.10 -0.63
N ASP B 285 44.96 -41.29 -1.38
CA ASP B 285 43.50 -41.36 -1.40
C ASP B 285 43.11 -42.79 -1.78
N LEU B 286 43.82 -43.34 -2.76
CA LEU B 286 43.58 -44.70 -3.23
C LEU B 286 43.77 -45.70 -2.09
N GLU B 287 44.79 -45.46 -1.26
CA GLU B 287 45.14 -46.40 -0.21
C GLU B 287 44.13 -46.33 0.93
N GLU B 288 43.37 -45.23 1.00
CA GLU B 288 42.29 -45.13 1.95
C GLU B 288 41.14 -46.08 1.57
N LEU B 289 40.98 -46.34 0.25
CA LEU B 289 39.87 -47.08 -0.33
C LEU B 289 40.10 -48.59 -0.21
N GLU B 290 41.05 -49.12 -0.98
CA GLU B 290 41.48 -50.50 -0.78
C GLU B 290 42.97 -50.51 -0.46
N PRO B 291 43.32 -50.60 0.84
CA PRO B 291 44.73 -50.60 1.27
C PRO B 291 45.44 -51.86 0.80
N THR B 292 46.60 -51.70 0.15
CA THR B 292 47.40 -52.84 -0.28
C THR B 292 48.38 -53.22 0.85
N PRO B 293 48.50 -54.51 1.25
CA PRO B 293 49.25 -54.86 2.46
C PRO B 293 50.76 -54.72 2.31
N GLY B 294 51.43 -54.47 3.45
CA GLY B 294 52.86 -54.27 3.48
C GLY B 294 53.25 -52.96 2.80
N ARG B 295 52.42 -51.94 2.96
CA ARG B 295 52.64 -50.64 2.34
C ARG B 295 52.44 -49.53 3.36
N PRO B 296 52.96 -48.31 3.09
CA PRO B 296 52.68 -47.14 3.93
C PRO B 296 51.19 -46.85 4.15
N ASP B 297 50.88 -46.34 5.35
CA ASP B 297 49.54 -45.88 5.68
C ASP B 297 49.22 -44.66 4.83
N PRO B 298 47.92 -44.31 4.62
CA PRO B 298 47.54 -43.10 3.90
C PRO B 298 48.23 -41.88 4.52
N LEU B 299 48.12 -41.80 5.85
CA LEU B 299 48.67 -40.71 6.63
C LEU B 299 50.09 -40.41 6.17
N THR B 300 50.92 -41.47 6.08
CA THR B 300 52.33 -41.38 5.77
C THR B 300 52.53 -40.74 4.40
N LEU B 301 51.60 -41.04 3.49
CA LEU B 301 51.78 -40.66 2.10
C LEU B 301 51.42 -39.19 1.92
N TYR B 302 50.49 -38.71 2.74
CA TYR B 302 50.09 -37.33 2.61
C TYR B 302 51.26 -36.45 3.01
N HIS B 303 51.97 -36.91 4.06
CA HIS B 303 53.07 -36.15 4.60
C HIS B 303 54.19 -36.05 3.56
N LYS B 304 54.44 -37.16 2.87
CA LYS B 304 55.50 -37.21 1.88
C LYS B 304 55.21 -36.22 0.75
N GLY B 305 53.91 -35.98 0.52
CA GLY B 305 53.43 -35.04 -0.48
C GLY B 305 53.73 -33.60 -0.07
N ILE B 306 53.45 -33.31 1.21
CA ILE B 306 53.76 -32.03 1.83
C ILE B 306 55.28 -31.86 1.84
N ALA B 307 55.97 -32.91 2.29
CA ALA B 307 57.42 -32.93 2.40
C ALA B 307 58.01 -32.53 1.05
N SER B 308 57.61 -33.28 0.01
CA SER B 308 58.02 -33.04 -1.35
C SER B 308 57.83 -31.56 -1.70
N ALA B 309 56.65 -31.04 -1.34
CA ALA B 309 56.20 -29.70 -1.68
C ALA B 309 57.17 -28.66 -1.10
N LYS B 310 57.51 -28.89 0.17
CA LYS B 310 58.48 -28.05 0.88
C LYS B 310 59.83 -28.13 0.20
N THR B 311 60.37 -29.35 0.04
CA THR B 311 61.66 -29.54 -0.60
C THR B 311 61.73 -28.87 -1.97
N TYR B 312 60.96 -29.35 -2.96
CA TYR B 312 61.22 -28.95 -4.33
C TYR B 312 60.43 -27.70 -4.77
N TYR B 313 59.30 -27.41 -4.09
CA TYR B 313 58.41 -26.37 -4.60
C TYR B 313 58.24 -25.20 -3.62
N ARG B 314 59.19 -25.04 -2.69
CA ARG B 314 59.18 -23.92 -1.75
C ARG B 314 57.89 -23.87 -0.95
N ASP B 315 57.26 -25.02 -0.73
CA ASP B 315 56.02 -25.00 0.04
C ASP B 315 55.05 -23.96 -0.49
N GLU B 316 54.88 -23.90 -1.82
CA GLU B 316 53.98 -22.94 -2.44
C GLU B 316 52.77 -23.67 -3.05
N HIS B 317 52.57 -24.93 -2.66
CA HIS B 317 51.48 -25.72 -3.21
C HIS B 317 50.31 -25.75 -2.23
N ILE B 318 49.09 -25.87 -2.76
CA ILE B 318 47.93 -25.87 -1.90
C ILE B 318 47.39 -27.29 -1.73
N TYR B 319 47.39 -28.07 -2.81
CA TYR B 319 46.66 -29.33 -2.75
C TYR B 319 47.21 -30.25 -1.67
N PRO B 320 48.54 -30.24 -1.39
CA PRO B 320 49.13 -31.26 -0.51
C PRO B 320 48.50 -31.15 0.86
N TYR B 321 48.10 -29.94 1.25
CA TYR B 321 47.53 -29.72 2.58
C TYR B 321 46.07 -30.17 2.60
N MET B 322 45.37 -29.82 1.51
CA MET B 322 43.97 -30.17 1.33
C MET B 322 43.85 -31.70 1.34
N TYR B 323 44.76 -32.35 0.63
CA TYR B 323 44.81 -33.80 0.63
C TYR B 323 44.87 -34.32 2.07
N LEU B 324 45.59 -33.62 2.96
CA LEU B 324 45.76 -34.15 4.30
C LEU B 324 44.52 -33.80 5.10
N ALA B 325 44.10 -32.53 4.94
CA ALA B 325 42.91 -32.06 5.61
C ALA B 325 41.79 -33.06 5.35
N GLY B 326 41.52 -33.30 4.06
CA GLY B 326 40.47 -34.23 3.64
C GLY B 326 40.46 -35.49 4.50
N TYR B 327 41.60 -36.18 4.53
CA TYR B 327 41.68 -37.47 5.19
C TYR B 327 41.25 -37.30 6.63
N HIS B 328 41.72 -36.20 7.25
CA HIS B 328 41.44 -35.96 8.65
C HIS B 328 39.93 -35.76 8.88
N CYS B 329 39.29 -34.94 8.04
CA CYS B 329 37.86 -34.70 8.15
C CYS B 329 37.11 -36.03 8.10
N ARG B 330 37.56 -36.93 7.23
CA ARG B 330 36.88 -38.19 7.03
C ARG B 330 37.07 -39.09 8.24
N ASN B 331 38.10 -38.81 9.05
CA ASN B 331 38.34 -39.66 10.20
C ASN B 331 37.83 -38.96 11.46
N ARG B 332 37.33 -37.74 11.26
CA ARG B 332 36.74 -36.96 12.33
C ARG B 332 37.80 -36.65 13.40
N ASN B 333 39.05 -36.47 12.93
CA ASN B 333 40.12 -35.90 13.73
C ASN B 333 40.07 -34.38 13.60
N VAL B 334 39.12 -33.77 14.34
CA VAL B 334 38.80 -32.37 14.21
C VAL B 334 40.09 -31.55 14.30
N ARG B 335 40.93 -31.90 15.28
CA ARG B 335 42.10 -31.11 15.60
C ARG B 335 43.02 -30.99 14.39
N GLU B 336 43.44 -32.13 13.81
CA GLU B 336 44.41 -32.14 12.73
C GLU B 336 43.83 -31.45 11.49
N ALA B 337 42.55 -31.72 11.26
CA ALA B 337 41.82 -31.22 10.10
C ALA B 337 41.82 -29.70 10.09
N LEU B 338 41.40 -29.11 11.22
CA LEU B 338 41.39 -27.66 11.32
C LEU B 338 42.80 -27.13 11.11
N GLN B 339 43.79 -27.85 11.65
CA GLN B 339 45.17 -27.44 11.53
C GLN B 339 45.56 -27.40 10.06
N ALA B 340 45.31 -28.54 9.39
CA ALA B 340 45.67 -28.75 8.00
C ALA B 340 45.03 -27.69 7.11
N TRP B 341 43.76 -27.33 7.42
CA TRP B 341 43.08 -26.25 6.70
C TRP B 341 43.82 -24.94 6.93
N ALA B 342 44.22 -24.71 8.19
CA ALA B 342 44.89 -23.48 8.57
C ALA B 342 46.21 -23.36 7.82
N ASP B 343 46.95 -24.47 7.71
CA ASP B 343 48.19 -24.44 6.96
C ASP B 343 47.93 -24.09 5.49
N THR B 344 46.81 -24.62 4.95
CA THR B 344 46.42 -24.40 3.57
C THR B 344 46.29 -22.90 3.33
N ALA B 345 45.58 -22.24 4.25
CA ALA B 345 45.36 -20.80 4.19
C ALA B 345 46.69 -20.04 4.31
N THR B 346 47.61 -20.57 5.13
CA THR B 346 48.86 -19.89 5.35
C THR B 346 49.64 -19.83 4.06
N VAL B 347 49.61 -20.92 3.28
CA VAL B 347 50.32 -20.96 2.01
C VAL B 347 49.70 -19.93 1.08
N ILE B 348 48.37 -19.92 1.05
CA ILE B 348 47.62 -19.15 0.09
C ILE B 348 47.76 -17.66 0.41
N GLN B 349 47.98 -17.36 1.70
CA GLN B 349 48.02 -15.97 2.14
C GLN B 349 48.97 -15.18 1.26
N ASP B 350 49.99 -15.87 0.71
CA ASP B 350 51.10 -15.20 0.07
C ASP B 350 50.87 -15.03 -1.42
N TYR B 351 49.66 -15.43 -1.87
CA TYR B 351 49.21 -15.30 -3.25
C TYR B 351 48.24 -14.12 -3.37
N ASN B 352 48.08 -13.66 -4.61
CA ASN B 352 46.99 -12.78 -5.00
C ASN B 352 45.95 -13.58 -5.79
N TYR B 353 44.74 -13.05 -5.85
CA TYR B 353 43.63 -13.81 -6.43
C TYR B 353 43.24 -13.22 -7.78
N CYS B 354 43.29 -14.05 -8.84
CA CYS B 354 42.89 -13.61 -10.17
C CYS B 354 41.73 -14.47 -10.62
N ARG B 355 41.10 -14.04 -11.72
CA ARG B 355 39.88 -14.65 -12.23
C ARG B 355 40.16 -16.12 -12.55
N GLU B 356 41.37 -16.36 -13.05
CA GLU B 356 41.76 -17.66 -13.57
C GLU B 356 41.93 -18.66 -12.42
N ASP B 357 41.80 -18.20 -11.17
CA ASP B 357 42.08 -19.06 -10.03
C ASP B 357 40.80 -19.62 -9.43
N GLU B 358 39.68 -19.46 -10.16
CA GLU B 358 38.35 -19.76 -9.64
C GLU B 358 38.32 -21.16 -9.04
N GLU B 359 39.26 -22.02 -9.44
CA GLU B 359 39.16 -23.41 -9.02
C GLU B 359 39.52 -23.59 -7.55
N ILE B 360 40.56 -22.86 -7.08
CA ILE B 360 40.99 -22.96 -5.69
C ILE B 360 40.03 -22.16 -4.81
N TYR B 361 39.44 -21.11 -5.41
CA TYR B 361 38.38 -20.34 -4.76
C TYR B 361 37.25 -21.27 -4.32
N LYS B 362 36.60 -21.92 -5.28
CA LYS B 362 35.49 -22.81 -4.97
C LYS B 362 35.90 -23.72 -3.82
N GLU B 363 37.19 -24.05 -3.79
CA GLU B 363 37.66 -25.14 -2.96
C GLU B 363 37.82 -24.64 -1.52
N PHE B 364 38.32 -23.40 -1.40
CA PHE B 364 38.44 -22.71 -0.13
C PHE B 364 37.05 -22.45 0.42
N PHE B 365 36.20 -21.87 -0.43
CA PHE B 365 34.81 -21.60 -0.10
C PHE B 365 34.14 -22.84 0.51
N GLU B 366 34.36 -24.02 -0.10
CA GLU B 366 33.70 -25.22 0.39
C GLU B 366 34.25 -25.61 1.76
N VAL B 367 35.49 -25.20 2.04
CA VAL B 367 36.09 -25.45 3.35
C VAL B 367 35.41 -24.55 4.39
N ALA B 368 35.48 -23.24 4.11
CA ALA B 368 35.03 -22.18 4.99
C ALA B 368 33.55 -22.36 5.32
N ASN B 369 32.73 -22.57 4.28
CA ASN B 369 31.30 -22.39 4.35
C ASN B 369 30.57 -23.73 4.37
N ASP B 370 31.30 -24.85 4.37
CA ASP B 370 30.61 -26.13 4.37
C ASP B 370 31.38 -27.14 5.22
N VAL B 371 32.68 -27.32 4.94
CA VAL B 371 33.38 -28.44 5.54
C VAL B 371 33.66 -28.17 7.02
N ILE B 372 34.32 -27.03 7.32
CA ILE B 372 34.67 -26.72 8.69
C ILE B 372 33.40 -26.70 9.52
N PRO B 373 32.33 -25.98 9.08
CA PRO B 373 31.06 -25.95 9.80
C PRO B 373 30.52 -27.34 10.09
N ASN B 374 30.58 -28.24 9.11
CA ASN B 374 30.14 -29.60 9.36
C ASN B 374 30.89 -30.17 10.55
N LEU B 375 32.22 -30.14 10.44
CA LEU B 375 33.10 -30.69 11.45
C LEU B 375 32.66 -30.26 12.85
N LEU B 376 32.42 -28.96 13.01
CA LEU B 376 32.17 -28.39 14.31
C LEU B 376 30.76 -28.76 14.78
N LYS B 377 29.79 -28.78 13.85
CA LYS B 377 28.42 -29.13 14.20
C LYS B 377 28.33 -30.60 14.60
N GLU B 378 29.09 -31.46 13.92
CA GLU B 378 29.05 -32.89 14.24
C GLU B 378 29.80 -33.14 15.54
N ALA B 379 30.39 -32.08 16.08
CA ALA B 379 31.19 -32.17 17.30
C ALA B 379 30.38 -31.70 18.51
N ALA B 380 29.53 -30.68 18.29
CA ALA B 380 28.60 -30.20 19.31
C ALA B 380 27.65 -31.33 19.73
N SER B 381 27.45 -32.30 18.82
CA SER B 381 26.60 -33.45 19.07
C SER B 381 27.34 -34.48 19.91
N LEU B 382 28.61 -34.71 19.57
CA LEU B 382 29.40 -35.70 20.28
C LEU B 382 29.61 -35.26 21.73
N LEU B 383 29.57 -33.93 21.97
CA LEU B 383 29.69 -33.40 23.32
C LEU B 383 28.38 -33.58 24.08
N GLU B 384 27.27 -33.09 23.51
CA GLU B 384 25.97 -33.17 24.14
C GLU B 384 25.69 -34.62 24.55
N ALA B 385 26.05 -35.57 23.68
CA ALA B 385 25.87 -36.98 23.95
C ALA B 385 26.88 -37.45 25.00
N SER B 402 37.46 -33.28 24.02
CA SER B 402 36.57 -32.83 22.91
C SER B 402 37.03 -31.47 22.38
N ALA B 403 37.01 -31.34 21.05
CA ALA B 403 37.72 -30.29 20.33
C ALA B 403 37.06 -28.93 20.48
N LEU B 404 35.73 -28.91 20.67
CA LEU B 404 35.03 -27.65 20.60
C LEU B 404 35.33 -26.81 21.84
N GLN B 405 36.12 -27.39 22.76
CA GLN B 405 36.55 -26.69 23.95
C GLN B 405 38.07 -26.79 24.10
N ASP B 406 38.77 -26.87 22.96
CA ASP B 406 40.22 -26.89 22.93
C ASP B 406 40.67 -25.63 22.20
N PRO B 407 41.21 -24.61 22.90
CA PRO B 407 41.45 -23.29 22.31
C PRO B 407 42.47 -23.31 21.17
N GLU B 408 43.23 -24.41 21.08
CA GLU B 408 44.10 -24.67 19.95
C GLU B 408 43.28 -24.58 18.67
N CYS B 409 42.23 -25.40 18.59
CA CYS B 409 41.31 -25.50 17.47
C CYS B 409 40.79 -24.12 17.09
N PHE B 410 40.30 -23.37 18.09
CA PHE B 410 39.78 -22.05 17.82
C PHE B 410 40.84 -21.20 17.13
N ALA B 411 42.11 -21.39 17.53
CA ALA B 411 43.21 -20.61 17.01
C ALA B 411 43.44 -20.97 15.54
N HIS B 412 43.42 -22.28 15.26
CA HIS B 412 43.51 -22.80 13.91
C HIS B 412 42.48 -22.14 13.01
N LEU B 413 41.26 -21.97 13.54
CA LEU B 413 40.14 -21.43 12.77
C LEU B 413 40.38 -19.96 12.46
N LEU B 414 41.05 -19.27 13.38
CA LEU B 414 41.31 -17.85 13.17
C LEU B 414 42.45 -17.69 12.17
N ARG B 415 43.42 -18.61 12.22
CA ARG B 415 44.56 -18.50 11.33
C ARG B 415 44.08 -18.73 9.91
N PHE B 416 43.24 -19.76 9.74
CA PHE B 416 42.54 -20.01 8.50
C PHE B 416 41.99 -18.71 7.91
N TYR B 417 41.05 -18.09 8.63
CA TYR B 417 40.42 -16.89 8.12
C TYR B 417 41.48 -15.82 7.81
N ASP B 418 42.54 -15.77 8.62
CA ASP B 418 43.56 -14.74 8.46
C ASP B 418 44.19 -14.88 7.07
N GLY B 419 44.46 -16.13 6.68
CA GLY B 419 45.12 -16.41 5.41
C GLY B 419 44.27 -15.92 4.23
N ILE B 420 42.98 -16.28 4.28
CA ILE B 420 42.05 -15.93 3.23
C ILE B 420 41.97 -14.41 3.13
N CYS B 421 41.86 -13.74 4.29
CA CYS B 421 41.84 -12.29 4.26
C CYS B 421 43.14 -11.79 3.62
N LYS B 422 44.27 -12.39 4.05
CA LYS B 422 45.59 -11.99 3.60
C LYS B 422 45.72 -12.24 2.09
N TRP B 423 45.26 -13.44 1.69
CA TRP B 423 45.14 -13.80 0.29
C TRP B 423 44.56 -12.62 -0.48
N GLU B 424 43.36 -12.18 -0.04
CA GLU B 424 42.57 -11.14 -0.69
C GLU B 424 43.37 -9.84 -0.82
N GLU B 425 44.21 -9.53 0.18
CA GLU B 425 44.96 -8.29 0.13
C GLU B 425 45.80 -8.24 -1.13
N GLY B 426 45.77 -7.08 -1.80
CA GLY B 426 46.54 -6.80 -2.99
C GLY B 426 46.12 -7.64 -4.20
N SER B 427 44.85 -8.08 -4.22
CA SER B 427 44.33 -8.84 -5.35
C SER B 427 43.56 -7.92 -6.27
N PRO B 428 43.50 -8.21 -7.59
CA PRO B 428 42.66 -7.44 -8.50
C PRO B 428 41.17 -7.66 -8.23
N THR B 429 40.80 -8.86 -7.77
CA THR B 429 39.40 -9.14 -7.45
C THR B 429 39.26 -9.39 -5.95
N PRO B 430 38.18 -8.90 -5.31
CA PRO B 430 37.88 -9.25 -3.94
C PRO B 430 37.62 -10.75 -3.80
N VAL B 431 37.66 -11.26 -2.58
CA VAL B 431 37.62 -12.69 -2.33
C VAL B 431 36.46 -13.00 -1.39
N LEU B 432 36.10 -12.03 -0.56
CA LEU B 432 35.12 -12.27 0.49
C LEU B 432 33.79 -11.60 0.15
N HIS B 433 32.70 -12.30 0.45
CA HIS B 433 31.37 -11.76 0.22
C HIS B 433 30.38 -12.35 1.23
N VAL B 434 29.20 -11.71 1.29
CA VAL B 434 28.15 -12.08 2.23
C VAL B 434 28.14 -13.59 2.46
N GLY B 435 28.46 -14.38 1.42
CA GLY B 435 28.26 -15.83 1.46
C GLY B 435 29.03 -16.47 2.61
N TRP B 436 30.17 -15.84 2.93
CA TRP B 436 31.12 -16.36 3.91
C TRP B 436 30.71 -15.90 5.31
N ALA B 437 30.10 -14.71 5.38
CA ALA B 437 29.90 -14.00 6.63
C ALA B 437 29.17 -14.88 7.67
N THR B 438 28.17 -15.63 7.23
CA THR B 438 27.32 -16.32 8.18
C THR B 438 28.08 -17.42 8.92
N PHE B 439 28.90 -18.18 8.21
CA PHE B 439 29.51 -19.39 8.75
C PHE B 439 30.69 -19.04 9.65
N LEU B 440 31.39 -17.94 9.33
CA LEU B 440 32.37 -17.40 10.24
C LEU B 440 31.71 -17.26 11.60
N VAL B 441 30.63 -16.47 11.63
CA VAL B 441 29.91 -16.17 12.86
C VAL B 441 29.45 -17.48 13.50
N GLN B 442 28.95 -18.39 12.68
CA GLN B 442 28.37 -19.60 13.21
C GLN B 442 29.48 -20.46 13.82
N SER B 443 30.69 -20.34 13.26
CA SER B 443 31.81 -21.16 13.69
C SER B 443 32.48 -20.55 14.93
N LEU B 444 32.52 -19.21 15.00
CA LEU B 444 33.00 -18.53 16.19
C LEU B 444 32.13 -18.93 17.38
N GLY B 445 30.82 -18.96 17.15
CA GLY B 445 29.87 -19.28 18.21
C GLY B 445 29.97 -20.75 18.63
N ARG B 446 30.74 -21.55 17.88
CA ARG B 446 30.81 -22.97 18.13
C ARG B 446 31.75 -23.24 19.29
N PHE B 447 32.47 -22.19 19.70
CA PHE B 447 33.39 -22.25 20.83
C PHE B 447 32.87 -21.32 21.92
N GLU B 448 32.77 -21.83 23.16
CA GLU B 448 32.34 -21.03 24.30
C GLU B 448 33.33 -19.89 24.53
N GLY B 449 32.82 -18.70 24.88
CA GLY B 449 33.65 -17.51 25.09
C GLY B 449 34.77 -17.75 26.12
N GLN B 450 34.58 -18.77 26.96
CA GLN B 450 35.57 -19.21 27.95
C GLN B 450 36.81 -19.69 27.20
N VAL B 451 36.56 -20.45 26.13
CA VAL B 451 37.61 -21.10 25.36
C VAL B 451 38.27 -20.08 24.45
N ARG B 452 37.46 -19.19 23.87
CA ARG B 452 37.95 -18.26 22.87
C ARG B 452 38.81 -17.18 23.51
N GLN B 453 38.62 -16.98 24.82
CA GLN B 453 39.35 -15.94 25.49
C GLN B 453 40.71 -16.49 25.91
N LYS B 454 40.78 -17.82 26.01
CA LYS B 454 42.01 -18.51 26.38
C LYS B 454 43.07 -18.27 25.31
N VAL B 455 42.67 -17.73 24.16
CA VAL B 455 43.57 -17.45 23.04
C VAL B 455 43.97 -15.99 23.09
N ARG B 456 45.26 -15.73 22.89
CA ARG B 456 45.74 -14.37 23.00
C ARG B 456 46.28 -13.93 21.64
N ILE B 457 45.82 -12.76 21.19
CA ILE B 457 46.14 -12.28 19.86
C ILE B 457 47.10 -11.10 19.96
N VAL B 458 48.40 -11.41 19.94
CA VAL B 458 49.46 -10.43 20.12
C VAL B 458 49.98 -9.99 18.76
N SER B 459 50.38 -8.70 18.65
CA SER B 459 51.05 -8.17 17.48
C SER B 459 52.57 -8.38 17.56
N GLY B 460 53.07 -8.65 18.78
CA GLY B 460 54.49 -8.65 19.09
C GLY B 460 54.98 -7.27 19.52
N THR B 461 55.79 -7.21 20.59
CA THR B 461 56.23 -5.93 21.10
C THR B 461 57.68 -5.68 20.70
N VAL B 462 58.52 -6.73 20.80
CA VAL B 462 59.93 -6.58 20.48
C VAL B 462 60.36 -7.54 19.36
N ALA B 463 61.10 -6.97 18.40
CA ALA B 463 61.63 -7.68 17.25
C ALA B 463 62.87 -8.48 17.63
N GLY B 464 62.78 -9.81 17.51
CA GLY B 464 63.91 -10.71 17.65
C GLY B 464 64.27 -10.94 19.12
N THR B 465 65.35 -11.69 19.36
CA THR B 465 65.80 -11.91 20.72
C THR B 465 67.26 -11.47 20.91
N ALA B 466 67.79 -11.72 22.12
CA ALA B 466 69.02 -11.10 22.59
C ALA B 466 69.80 -12.06 23.50
N ARG B 467 71.14 -12.04 23.38
CA ARG B 467 72.05 -12.81 24.22
C ARG B 467 72.83 -11.87 25.14
N GLY B 468 73.32 -12.41 26.27
CA GLY B 468 74.06 -11.64 27.26
C GLY B 468 75.51 -12.08 27.37
N PRO B 486 53.28 -21.51 31.70
CA PRO B 486 52.25 -22.30 30.99
C PRO B 486 51.84 -21.62 29.68
N GLU B 487 50.78 -20.80 29.77
CA GLU B 487 50.28 -20.02 28.65
C GLU B 487 49.23 -20.82 27.89
N GLY B 488 48.46 -20.12 27.06
CA GLY B 488 47.58 -20.74 26.09
C GLY B 488 48.00 -20.35 24.66
N PRO B 489 47.23 -20.73 23.63
CA PRO B 489 47.56 -20.34 22.25
C PRO B 489 47.81 -18.84 22.05
N VAL B 490 48.90 -18.53 21.36
CA VAL B 490 49.21 -17.16 20.97
C VAL B 490 49.29 -17.09 19.45
N LEU B 491 48.70 -16.03 18.87
CA LEU B 491 48.42 -16.00 17.44
C LEU B 491 48.58 -14.58 16.92
N THR B 492 49.27 -14.43 15.78
CA THR B 492 49.41 -13.10 15.19
C THR B 492 48.71 -13.04 13.83
N PHE B 493 47.87 -12.03 13.62
CA PHE B 493 47.19 -11.91 12.34
C PHE B 493 48.09 -11.16 11.37
N GLN B 494 48.10 -11.61 10.10
CA GLN B 494 48.88 -10.93 9.07
C GLN B 494 47.98 -9.98 8.26
N SER B 495 46.67 -10.19 8.37
CA SER B 495 45.74 -9.46 7.53
C SER B 495 45.17 -8.27 8.29
N GLU B 496 45.01 -7.13 7.60
CA GLU B 496 44.37 -5.97 8.18
C GLU B 496 42.93 -6.32 8.59
N LYS B 497 42.26 -7.16 7.79
CA LYS B 497 40.87 -7.48 8.08
C LYS B 497 40.70 -8.21 9.41
N MET B 498 41.57 -9.20 9.70
CA MET B 498 41.40 -9.96 10.91
C MET B 498 41.94 -9.18 12.12
N LYS B 499 42.96 -8.34 11.89
CA LYS B 499 43.52 -7.52 12.95
C LYS B 499 42.43 -6.59 13.47
N GLY B 500 41.79 -5.87 12.54
CA GLY B 500 40.79 -4.87 12.88
C GLY B 500 39.58 -5.44 13.61
N MET B 501 39.56 -6.76 13.85
CA MET B 501 38.40 -7.39 14.44
C MET B 501 38.84 -8.45 15.45
N LYS B 502 39.98 -8.18 16.10
CA LYS B 502 40.62 -9.12 17.01
C LYS B 502 39.82 -9.26 18.30
N GLU B 503 39.22 -8.15 18.77
CA GLU B 503 38.55 -8.13 20.05
C GLU B 503 37.19 -8.79 19.93
N LEU B 504 36.57 -8.61 18.74
CA LEU B 504 35.23 -9.10 18.47
C LEU B 504 35.21 -10.62 18.47
N LEU B 505 36.38 -11.23 18.29
CA LEU B 505 36.45 -12.67 18.14
C LEU B 505 36.44 -13.35 19.51
N VAL B 506 36.96 -12.66 20.54
CA VAL B 506 37.18 -13.27 21.84
C VAL B 506 36.04 -12.91 22.81
N ALA B 507 35.29 -11.85 22.48
CA ALA B 507 34.17 -11.39 23.30
C ALA B 507 33.23 -12.56 23.62
N THR B 508 32.42 -12.43 24.70
CA THR B 508 31.42 -13.48 24.96
C THR B 508 30.19 -13.26 24.09
N LYS B 509 29.76 -12.00 23.96
CA LYS B 509 28.74 -11.66 22.99
C LYS B 509 29.40 -11.54 21.62
N ILE B 510 29.13 -12.51 20.74
CA ILE B 510 29.60 -12.42 19.37
C ILE B 510 28.77 -11.38 18.64
N ASN B 511 29.37 -10.21 18.42
CA ASN B 511 28.75 -9.12 17.69
C ASN B 511 28.55 -9.51 16.24
N SER B 512 27.68 -10.51 16.04
CA SER B 512 27.36 -11.07 14.74
C SER B 512 27.41 -10.02 13.65
N SER B 513 26.65 -8.95 13.82
CA SER B 513 26.49 -7.93 12.80
C SER B 513 27.81 -7.23 12.47
N ALA B 514 28.64 -6.98 13.48
CA ALA B 514 29.81 -6.12 13.28
C ALA B 514 30.89 -6.91 12.58
N ILE B 515 30.98 -8.19 12.93
CA ILE B 515 31.94 -9.08 12.31
C ILE B 515 31.68 -9.14 10.81
N LYS B 516 30.46 -9.56 10.44
CA LYS B 516 30.03 -9.64 9.05
C LYS B 516 30.37 -8.35 8.29
N LEU B 517 30.03 -7.20 8.87
CA LEU B 517 30.31 -5.95 8.17
C LEU B 517 31.79 -5.90 7.78
N GLN B 518 32.66 -6.19 8.77
CA GLN B 518 34.09 -5.94 8.68
C GLN B 518 34.82 -6.99 7.83
N LEU B 519 34.28 -8.22 7.80
CA LEU B 519 34.77 -9.32 6.98
C LEU B 519 34.70 -8.95 5.49
N THR B 520 33.88 -7.96 5.16
CA THR B 520 33.76 -7.39 3.81
C THR B 520 34.33 -5.96 3.77
N ALA B 521 34.81 -5.53 2.60
CA ALA B 521 35.49 -4.25 2.49
C ALA B 521 35.73 -3.90 1.02
N GLN B 522 35.91 -2.60 0.73
CA GLN B 522 36.01 -2.16 -0.65
C GLN B 522 36.67 -0.78 -0.76
N SER B 523 38.00 -0.76 -0.87
CA SER B 523 38.73 0.44 -1.25
C SER B 523 38.88 0.49 -2.77
N GLN B 524 38.01 -0.26 -3.48
CA GLN B 524 38.12 -0.48 -4.91
C GLN B 524 37.57 0.74 -5.67
N GLY C 2 5.87 30.94 36.94
CA GLY C 2 6.04 30.84 38.44
C GLY C 2 4.98 31.62 39.22
N LEU C 3 4.52 31.03 40.32
CA LEU C 3 3.45 31.58 41.13
C LEU C 3 4.01 32.57 42.15
N LYS C 4 3.20 33.55 42.57
CA LYS C 4 3.57 34.39 43.69
C LYS C 4 3.50 33.58 44.97
N ALA C 5 4.38 33.92 45.92
CA ALA C 5 4.63 33.05 47.05
C ALA C 5 3.38 32.95 47.91
N ALA C 6 2.45 33.90 47.71
CA ALA C 6 1.27 33.92 48.57
C ALA C 6 0.35 32.74 48.25
N GLN C 7 0.41 32.31 46.98
CA GLN C 7 -0.46 31.28 46.41
C GLN C 7 0.06 29.90 46.83
N LYS C 8 1.39 29.73 46.74
CA LYS C 8 2.06 28.46 46.94
C LYS C 8 1.79 27.91 48.34
N THR C 9 1.49 28.82 49.26
CA THR C 9 1.33 28.44 50.66
C THR C 9 0.14 27.48 50.82
N LEU C 10 -0.79 27.49 49.85
CA LEU C 10 -2.10 26.87 50.01
C LEU C 10 -2.05 25.39 49.65
N PHE C 11 -1.10 25.04 48.78
CA PHE C 11 -0.86 23.67 48.34
C PHE C 11 -0.19 22.87 49.46
N PRO C 12 -0.38 21.54 49.52
CA PRO C 12 -1.19 20.82 48.54
C PRO C 12 -2.69 20.95 48.81
N LEU C 13 -3.50 20.57 47.82
CA LEU C 13 -4.94 20.57 47.95
C LEU C 13 -5.39 19.11 48.10
N ARG C 14 -5.91 18.75 49.26
CA ARG C 14 -6.12 17.35 49.59
C ARG C 14 -7.61 17.06 49.61
N SER C 15 -8.41 18.10 49.41
CA SER C 15 -9.83 17.89 49.55
C SER C 15 -10.60 18.90 48.73
N ILE C 16 -11.91 18.70 48.70
CA ILE C 16 -12.76 19.63 47.98
C ILE C 16 -12.63 20.98 48.68
N ASP C 17 -12.73 20.96 50.01
CA ASP C 17 -12.63 22.17 50.82
C ASP C 17 -11.33 22.92 50.49
N ASP C 18 -10.23 22.18 50.31
CA ASP C 18 -8.92 22.77 50.05
C ASP C 18 -8.98 23.50 48.72
N VAL C 19 -9.71 22.95 47.74
CA VAL C 19 -9.81 23.59 46.44
C VAL C 19 -10.65 24.85 46.57
N VAL C 20 -11.74 24.76 47.34
CA VAL C 20 -12.61 25.89 47.53
C VAL C 20 -11.83 27.05 48.16
N ARG C 21 -11.08 26.73 49.22
CA ARG C 21 -10.23 27.70 49.91
C ARG C 21 -9.35 28.45 48.90
N LEU C 22 -8.67 27.71 48.03
CA LEU C 22 -7.82 28.33 47.04
C LEU C 22 -8.64 29.34 46.23
N PHE C 23 -9.87 28.92 45.88
CA PHE C 23 -10.73 29.74 45.04
C PHE C 23 -11.08 31.00 45.82
N ALA C 24 -11.56 30.78 47.05
CA ALA C 24 -11.95 31.87 47.93
C ALA C 24 -10.81 32.89 48.03
N ALA C 25 -9.61 32.40 48.34
CA ALA C 25 -8.41 33.22 48.37
C ALA C 25 -8.29 34.05 47.08
N GLU C 26 -8.30 33.36 45.94
CA GLU C 26 -7.99 33.98 44.67
C GLU C 26 -9.06 35.00 44.28
N LEU C 27 -10.31 34.72 44.68
CA LEU C 27 -11.40 35.62 44.33
C LEU C 27 -11.31 36.88 45.19
N GLY C 28 -10.45 36.83 46.21
CA GLY C 28 -10.23 37.95 47.11
C GLY C 28 -9.17 38.92 46.60
N ARG C 29 -8.71 38.73 45.36
CA ARG C 29 -7.66 39.55 44.77
C ARG C 29 -8.22 40.28 43.54
N GLU C 30 -7.49 41.28 43.05
CA GLU C 30 -8.00 42.14 41.99
C GLU C 30 -8.21 41.31 40.73
N GLU C 31 -7.15 40.60 40.33
CA GLU C 31 -7.19 39.69 39.21
C GLU C 31 -6.89 38.29 39.72
N PRO C 32 -7.92 37.43 39.96
CA PRO C 32 -7.67 36.03 40.29
C PRO C 32 -6.98 35.38 39.10
N ASP C 33 -6.10 34.39 39.37
CA ASP C 33 -5.32 33.76 38.33
C ASP C 33 -6.17 32.73 37.60
N LEU C 34 -6.54 33.07 36.36
CA LEU C 34 -7.36 32.19 35.54
C LEU C 34 -6.59 30.90 35.30
N VAL C 35 -5.33 31.06 34.87
CA VAL C 35 -4.47 29.93 34.52
C VAL C 35 -4.30 29.00 35.72
N LEU C 36 -3.95 29.54 36.89
CA LEU C 36 -3.68 28.66 38.01
C LEU C 36 -4.94 27.86 38.33
N LEU C 37 -6.09 28.53 38.26
CA LEU C 37 -7.32 27.97 38.78
C LEU C 37 -7.87 26.92 37.81
N SER C 38 -7.69 27.22 36.51
CA SER C 38 -8.08 26.28 35.47
C SER C 38 -7.33 24.97 35.66
N LEU C 39 -5.99 25.04 35.72
CA LEU C 39 -5.19 23.84 35.81
C LEU C 39 -5.60 23.04 37.04
N VAL C 40 -5.87 23.73 38.15
CA VAL C 40 -6.18 23.00 39.36
C VAL C 40 -7.43 22.17 39.09
N LEU C 41 -8.43 22.82 38.48
CA LEU C 41 -9.72 22.20 38.19
C LEU C 41 -9.56 21.04 37.22
N GLY C 42 -8.84 21.28 36.11
CA GLY C 42 -8.52 20.23 35.14
C GLY C 42 -7.85 19.00 35.75
N PHE C 43 -6.77 19.24 36.52
CA PHE C 43 -6.06 18.19 37.24
C PHE C 43 -7.06 17.39 38.08
N VAL C 44 -7.84 18.07 38.90
CA VAL C 44 -8.72 17.39 39.81
C VAL C 44 -9.81 16.64 39.03
N GLU C 45 -10.18 17.20 37.87
CA GLU C 45 -11.21 16.59 37.04
C GLU C 45 -10.63 15.34 36.39
N HIS C 46 -9.41 15.46 35.87
CA HIS C 46 -8.77 14.32 35.24
C HIS C 46 -8.92 13.04 36.07
N PHE C 47 -8.40 13.03 37.30
CA PHE C 47 -8.41 11.82 38.12
C PHE C 47 -9.81 11.50 38.65
N LEU C 48 -10.72 12.46 38.55
CA LEU C 48 -12.02 12.24 39.17
C LEU C 48 -13.05 11.79 38.13
N ALA C 49 -12.74 11.98 36.84
CA ALA C 49 -13.62 11.57 35.76
C ALA C 49 -12.83 10.94 34.62
N VAL C 50 -11.92 11.71 33.98
CA VAL C 50 -11.17 11.21 32.83
C VAL C 50 -10.58 9.83 33.09
N ASN C 51 -9.95 9.61 34.26
CA ASN C 51 -9.16 8.41 34.46
C ASN C 51 -9.08 8.10 35.95
N ARG C 52 -10.11 7.45 36.51
CA ARG C 52 -10.20 7.22 37.94
C ARG C 52 -9.35 6.02 38.38
N VAL C 53 -8.46 5.58 37.50
CA VAL C 53 -7.52 4.51 37.85
C VAL C 53 -6.34 5.14 38.58
N ILE C 54 -6.22 4.82 39.87
CA ILE C 54 -5.15 5.41 40.67
C ILE C 54 -3.85 4.73 40.28
N PRO C 55 -2.92 5.42 39.58
CA PRO C 55 -1.69 4.78 39.09
C PRO C 55 -0.96 4.06 40.21
N THR C 56 -0.44 2.86 39.90
CA THR C 56 0.19 2.00 40.89
C THR C 56 1.69 2.30 40.98
N ASN C 57 2.28 2.76 39.87
CA ASN C 57 3.73 2.91 39.78
C ASN C 57 4.11 4.36 39.43
N VAL C 58 3.66 5.31 40.25
CA VAL C 58 3.91 6.73 39.99
C VAL C 58 4.24 7.48 41.29
N PRO C 59 5.32 8.30 41.28
CA PRO C 59 5.88 8.86 42.50
C PRO C 59 5.17 10.07 43.09
N GLU C 60 5.14 11.16 42.32
CA GLU C 60 4.67 12.44 42.83
C GLU C 60 3.14 12.48 42.84
N LEU C 61 2.50 11.32 43.03
CA LEU C 61 1.05 11.23 42.98
C LEU C 61 0.50 10.46 44.16
N THR C 62 -0.29 11.14 45.00
CA THR C 62 -0.90 10.47 46.14
C THR C 62 -2.37 10.86 46.23
N PHE C 63 -3.09 10.12 47.06
CA PHE C 63 -4.54 10.22 47.10
C PHE C 63 -4.96 10.30 48.56
N GLN C 64 -6.09 10.99 48.79
CA GLN C 64 -6.43 11.37 50.14
C GLN C 64 -7.74 10.69 50.52
N PRO C 65 -7.70 9.69 51.43
CA PRO C 65 -8.92 9.05 51.90
C PRO C 65 -9.77 10.07 52.64
N SER C 66 -11.05 9.70 52.86
CA SER C 66 -11.98 10.45 53.68
C SER C 66 -13.33 9.78 53.58
N PRO C 67 -14.15 9.82 54.65
CA PRO C 67 -15.49 9.22 54.59
C PRO C 67 -16.21 9.66 53.32
N ALA C 68 -16.74 8.68 52.60
CA ALA C 68 -17.66 8.93 51.51
C ALA C 68 -19.04 9.16 52.13
N PRO C 69 -19.89 10.02 51.54
CA PRO C 69 -21.19 10.32 52.14
C PRO C 69 -21.98 9.03 52.30
N ASP C 70 -23.01 9.02 53.16
CA ASP C 70 -23.98 7.95 53.18
C ASP C 70 -25.16 8.34 52.27
N PRO C 71 -25.84 7.38 51.61
CA PRO C 71 -25.61 5.94 51.80
C PRO C 71 -24.27 5.39 51.32
N PRO C 72 -23.64 5.94 50.26
CA PRO C 72 -22.46 5.32 49.66
C PRO C 72 -21.63 4.53 50.67
N GLY C 73 -21.08 5.24 51.68
CA GLY C 73 -20.30 4.62 52.73
C GLY C 73 -18.87 4.28 52.27
N GLY C 74 -18.03 3.85 53.22
CA GLY C 74 -16.63 3.56 52.93
C GLY C 74 -15.82 4.85 52.80
N LEU C 75 -14.83 4.83 51.90
CA LEU C 75 -13.94 5.98 51.76
C LEU C 75 -13.92 6.44 50.30
N THR C 76 -13.64 7.74 50.12
CA THR C 76 -13.42 8.33 48.80
C THR C 76 -12.01 8.89 48.76
N TYR C 77 -11.37 8.80 47.58
CA TYR C 77 -9.95 9.09 47.45
C TYR C 77 -9.74 10.30 46.53
N PHE C 78 -9.36 11.42 47.14
CA PHE C 78 -9.24 12.68 46.40
C PHE C 78 -7.83 12.83 45.83
N PRO C 79 -7.70 13.20 44.53
CA PRO C 79 -6.38 13.38 43.92
C PRO C 79 -5.68 14.63 44.47
N VAL C 80 -4.55 14.42 45.14
CA VAL C 80 -3.87 15.48 45.85
C VAL C 80 -3.09 16.36 44.87
N ALA C 81 -3.55 17.61 44.70
CA ALA C 81 -2.80 18.52 43.86
C ALA C 81 -1.54 18.96 44.59
N ASP C 82 -0.42 18.41 44.13
CA ASP C 82 0.89 18.72 44.69
C ASP C 82 1.44 19.93 43.96
N LEU C 83 2.14 20.81 44.70
CA LEU C 83 2.58 22.08 44.16
C LEU C 83 3.52 21.85 42.98
N SER C 84 4.38 20.83 43.10
CA SER C 84 5.37 20.59 42.07
C SER C 84 4.68 20.39 40.72
N ILE C 85 3.59 19.62 40.73
CA ILE C 85 2.82 19.31 39.53
C ILE C 85 2.27 20.61 38.97
N ILE C 86 1.38 21.25 39.74
CA ILE C 86 0.65 22.43 39.31
C ILE C 86 1.59 23.53 38.83
N ALA C 87 2.62 23.82 39.65
CA ALA C 87 3.57 24.88 39.35
C ALA C 87 4.27 24.56 38.03
N ALA C 88 4.54 23.27 37.83
CA ALA C 88 5.20 22.82 36.62
C ALA C 88 4.33 23.18 35.42
N LEU C 89 3.04 22.81 35.50
CA LEU C 89 2.08 23.09 34.44
C LEU C 89 1.97 24.60 34.26
N TYR C 90 1.82 25.32 35.38
CA TYR C 90 1.65 26.76 35.36
C TYR C 90 2.79 27.41 34.58
N ALA C 91 4.02 26.95 34.89
CA ALA C 91 5.20 27.48 34.26
C ALA C 91 5.28 27.07 32.78
N ARG C 92 4.75 25.89 32.45
CA ARG C 92 4.83 25.38 31.09
C ARG C 92 3.98 26.28 30.20
N PHE C 93 2.77 26.58 30.67
CA PHE C 93 1.82 27.33 29.87
C PHE C 93 2.37 28.74 29.68
N THR C 94 2.80 29.32 30.80
CA THR C 94 3.21 30.72 30.86
C THR C 94 4.45 30.91 29.98
N ALA C 95 5.38 29.96 30.06
CA ALA C 95 6.57 30.01 29.22
C ALA C 95 6.14 29.95 27.76
N GLN C 96 5.12 29.12 27.48
CA GLN C 96 4.67 28.87 26.12
C GLN C 96 4.05 30.13 25.53
N ILE C 97 3.25 30.82 26.35
CA ILE C 97 2.54 32.01 25.88
C ILE C 97 3.55 33.15 25.71
N ARG C 98 4.32 33.41 26.78
CA ARG C 98 5.21 34.56 26.81
C ARG C 98 6.34 34.38 25.80
N GLY C 99 6.72 33.12 25.59
CA GLY C 99 7.70 32.76 24.57
C GLY C 99 7.16 33.06 23.16
N ALA C 100 5.85 32.92 23.00
CA ALA C 100 5.19 32.92 21.70
C ALA C 100 4.79 34.33 21.27
N VAL C 101 4.67 35.26 22.23
CA VAL C 101 4.22 36.62 21.93
C VAL C 101 5.24 37.64 22.43
N ASP C 102 5.37 38.74 21.70
CA ASP C 102 6.33 39.78 22.02
C ASP C 102 5.61 41.12 22.17
N LEU C 103 5.25 41.48 23.40
CA LEU C 103 4.42 42.65 23.63
C LEU C 103 5.10 43.90 23.07
N SER C 104 6.41 43.82 22.86
CA SER C 104 7.19 44.97 22.43
C SER C 104 6.97 45.22 20.95
N LEU C 105 6.37 44.24 20.25
CA LEU C 105 6.10 44.39 18.83
C LEU C 105 4.78 45.15 18.64
N TYR C 106 4.00 45.26 19.72
CA TYR C 106 2.67 45.85 19.64
C TYR C 106 2.56 47.07 20.54
N PRO C 107 2.41 48.28 19.96
CA PRO C 107 2.34 49.51 20.75
C PRO C 107 1.06 49.56 21.59
N ARG C 108 1.20 49.37 22.90
CA ARG C 108 0.05 49.30 23.78
C ARG C 108 -0.07 50.62 24.57
N GLU C 109 -0.57 51.66 23.89
CA GLU C 109 -0.65 53.00 24.44
C GLU C 109 -2.04 53.25 25.04
N GLY C 110 -2.07 53.67 26.30
CA GLY C 110 -3.32 53.89 27.01
C GLY C 110 -3.73 52.66 27.82
N GLY C 111 -2.93 51.59 27.71
CA GLY C 111 -3.24 50.32 28.36
C GLY C 111 -4.40 49.62 27.68
N VAL C 112 -4.68 50.02 26.44
CA VAL C 112 -5.71 49.38 25.63
C VAL C 112 -5.03 48.45 24.66
N SER C 113 -5.56 47.23 24.54
CA SER C 113 -5.00 46.25 23.63
C SER C 113 -5.51 46.52 22.21
N SER C 114 -4.59 46.43 21.24
CA SER C 114 -4.95 46.65 19.86
C SER C 114 -5.61 45.39 19.30
N ARG C 115 -6.21 45.54 18.11
CA ARG C 115 -6.88 44.39 17.52
C ARG C 115 -5.84 43.37 17.10
N GLU C 116 -4.72 43.86 16.53
CA GLU C 116 -3.67 42.98 16.02
C GLU C 116 -3.06 42.19 17.18
N LEU C 117 -3.01 42.81 18.36
CA LEU C 117 -2.43 42.17 19.53
C LEU C 117 -3.36 41.05 20.00
N VAL C 118 -4.66 41.32 20.08
CA VAL C 118 -5.59 40.27 20.50
C VAL C 118 -5.65 39.18 19.43
N LYS C 119 -5.61 39.57 18.15
CA LYS C 119 -5.63 38.62 17.05
C LYS C 119 -4.45 37.66 17.17
N LYS C 120 -3.28 38.19 17.56
CA LYS C 120 -2.08 37.38 17.64
C LYS C 120 -2.22 36.31 18.74
N VAL C 121 -2.63 36.71 19.95
CA VAL C 121 -2.73 35.75 21.04
C VAL C 121 -3.73 34.65 20.66
N SER C 122 -4.79 35.07 19.96
CA SER C 122 -5.80 34.14 19.47
C SER C 122 -5.14 33.04 18.66
N ASP C 123 -4.33 33.45 17.65
CA ASP C 123 -3.67 32.55 16.72
C ASP C 123 -2.70 31.61 17.45
N VAL C 124 -1.85 32.18 18.30
CA VAL C 124 -0.96 31.39 19.12
C VAL C 124 -1.72 30.18 19.66
N ILE C 125 -2.91 30.44 20.23
CA ILE C 125 -3.72 29.40 20.83
C ILE C 125 -4.29 28.49 19.74
N TRP C 126 -4.67 29.10 18.62
CA TRP C 126 -5.32 28.38 17.53
C TRP C 126 -4.38 27.32 16.98
N ASN C 127 -3.09 27.67 16.90
CA ASN C 127 -2.13 26.82 16.24
C ASN C 127 -1.54 25.79 17.20
N SER C 128 -1.75 25.99 18.51
CA SER C 128 -1.16 25.12 19.52
C SER C 128 -2.11 23.98 19.84
N LEU C 129 -3.40 24.25 19.69
CA LEU C 129 -4.39 23.30 20.15
C LEU C 129 -4.61 22.27 19.06
N SER C 130 -5.18 21.13 19.45
CA SER C 130 -5.71 20.18 18.49
C SER C 130 -7.20 19.99 18.75
N ARG C 131 -8.00 20.04 17.67
CA ARG C 131 -9.45 19.93 17.74
C ARG C 131 -9.90 18.47 17.58
N SER C 132 -10.84 18.04 18.42
CA SER C 132 -11.34 16.67 18.36
C SER C 132 -12.55 16.63 17.42
N TYR C 133 -12.29 16.52 16.12
CA TYR C 133 -13.27 16.86 15.09
C TYR C 133 -14.25 15.70 14.84
N PHE C 134 -13.83 14.46 15.07
CA PHE C 134 -14.66 13.34 14.68
C PHE C 134 -15.18 12.61 15.92
N LYS C 135 -14.94 13.23 17.09
CA LYS C 135 -15.50 12.72 18.34
C LYS C 135 -15.80 13.90 19.25
N ASP C 136 -16.87 13.81 20.04
CA ASP C 136 -17.22 14.87 20.97
C ASP C 136 -16.61 14.59 22.34
N ARG C 137 -15.32 14.91 22.49
CA ARG C 137 -14.62 14.55 23.71
C ARG C 137 -15.06 15.47 24.84
N ALA C 138 -15.26 14.88 26.04
CA ALA C 138 -15.51 15.64 27.24
C ALA C 138 -14.19 15.91 27.97
N HIS C 139 -14.20 16.89 28.89
CA HIS C 139 -13.04 17.17 29.71
C HIS C 139 -11.91 17.77 28.87
N ILE C 140 -12.24 18.55 27.85
CA ILE C 140 -11.15 19.20 27.15
C ILE C 140 -11.43 20.69 27.11
N GLN C 141 -11.99 21.19 28.23
CA GLN C 141 -12.35 22.59 28.39
C GLN C 141 -11.27 23.37 29.14
N SER C 142 -10.61 22.68 30.08
CA SER C 142 -9.70 23.29 31.05
C SER C 142 -8.36 23.58 30.39
N LEU C 143 -7.60 24.49 31.02
CA LEU C 143 -6.28 24.82 30.52
C LEU C 143 -5.35 23.65 30.79
N PHE C 144 -5.72 22.84 31.81
CA PHE C 144 -5.01 21.62 32.16
C PHE C 144 -4.95 20.71 30.95
N SER C 145 -6.13 20.45 30.38
CA SER C 145 -6.23 19.68 29.15
C SER C 145 -5.36 20.29 28.07
N PHE C 146 -5.46 21.60 27.85
CA PHE C 146 -4.68 22.23 26.78
C PHE C 146 -3.20 21.96 26.95
N ILE C 147 -2.69 22.11 28.18
CA ILE C 147 -1.26 21.95 28.42
C ILE C 147 -0.85 20.50 28.20
N THR C 148 -1.48 19.59 28.95
CA THR C 148 -1.08 18.19 28.89
C THR C 148 -1.24 17.64 27.47
N GLY C 149 -2.40 17.86 26.83
CA GLY C 149 -2.77 17.09 25.65
C GLY C 149 -2.88 17.89 24.36
N THR C 150 -3.07 19.22 24.47
CA THR C 150 -3.34 20.17 23.40
C THR C 150 -4.80 20.19 22.96
N LYS C 151 -5.64 19.32 23.56
CA LYS C 151 -7.03 19.27 23.16
C LYS C 151 -7.83 20.34 23.89
N LEU C 152 -8.69 21.05 23.15
CA LEU C 152 -9.55 22.09 23.68
C LEU C 152 -10.86 22.07 22.91
N ASP C 153 -11.99 22.23 23.62
CA ASP C 153 -13.30 22.40 23.01
C ASP C 153 -13.52 23.86 22.58
N SER C 154 -14.70 24.17 22.04
CA SER C 154 -14.94 25.43 21.34
C SER C 154 -14.80 26.68 22.23
N SER C 155 -15.48 26.64 23.39
CA SER C 155 -15.36 27.74 24.34
C SER C 155 -14.01 27.69 25.04
N GLY C 156 -13.48 26.48 25.22
CA GLY C 156 -12.17 26.29 25.84
C GLY C 156 -11.10 27.14 25.15
N VAL C 157 -11.22 27.27 23.82
CA VAL C 157 -10.34 28.10 23.04
C VAL C 157 -10.46 29.54 23.53
N ALA C 158 -11.72 29.98 23.66
CA ALA C 158 -12.03 31.34 24.06
C ALA C 158 -11.47 31.60 25.45
N PHE C 159 -11.76 30.66 26.37
CA PHE C 159 -11.25 30.80 27.73
C PHE C 159 -9.73 30.85 27.70
N ALA C 160 -9.12 30.02 26.84
CA ALA C 160 -7.68 29.99 26.69
C ALA C 160 -7.18 31.36 26.26
N VAL C 161 -7.77 31.95 25.23
CA VAL C 161 -7.30 33.25 24.77
C VAL C 161 -7.32 34.26 25.92
N VAL C 162 -8.31 34.15 26.82
CA VAL C 162 -8.40 35.13 27.89
C VAL C 162 -7.34 34.83 28.96
N GLY C 163 -7.13 33.55 29.27
CA GLY C 163 -6.08 33.15 30.19
C GLY C 163 -4.71 33.54 29.66
N ALA C 164 -4.49 33.32 28.37
CA ALA C 164 -3.24 33.68 27.71
C ALA C 164 -3.01 35.19 27.82
N CYS C 165 -4.11 35.95 27.67
CA CYS C 165 -4.04 37.40 27.68
C CYS C 165 -3.73 37.93 29.08
N GLN C 166 -4.22 37.21 30.10
CA GLN C 166 -3.98 37.58 31.48
C GLN C 166 -2.55 37.21 31.85
N ALA C 167 -2.04 36.13 31.26
CA ALA C 167 -0.67 35.69 31.47
C ALA C 167 0.32 36.72 30.90
N LEU C 168 -0.07 37.44 29.86
CA LEU C 168 0.77 38.52 29.37
C LEU C 168 0.41 39.80 30.13
N GLY C 169 -0.54 39.68 31.05
CA GLY C 169 -1.07 40.81 31.82
C GLY C 169 -1.75 41.87 30.96
N LEU C 170 -2.67 41.44 30.09
CA LEU C 170 -3.52 42.37 29.36
C LEU C 170 -4.88 42.41 30.03
N ARG C 171 -5.08 43.38 30.92
CA ARG C 171 -6.23 43.30 31.80
C ARG C 171 -7.49 43.83 31.11
N ASP C 172 -7.40 44.15 29.81
CA ASP C 172 -8.53 44.74 29.10
C ASP C 172 -9.26 43.75 28.21
N VAL C 173 -8.76 42.51 28.09
CA VAL C 173 -9.36 41.50 27.22
C VAL C 173 -10.21 40.55 28.07
N HIS C 174 -11.49 40.41 27.70
CA HIS C 174 -12.38 39.60 28.51
C HIS C 174 -13.20 38.61 27.68
N LEU C 175 -13.76 37.62 28.40
CA LEU C 175 -14.53 36.56 27.80
C LEU C 175 -15.99 37.00 27.62
N ALA C 176 -16.41 37.18 26.36
CA ALA C 176 -17.82 37.35 26.03
C ALA C 176 -18.50 35.98 25.90
N LEU C 177 -19.71 35.85 26.43
CA LEU C 177 -20.45 34.60 26.37
C LEU C 177 -21.85 34.84 25.79
N SER C 178 -22.22 34.03 24.80
CA SER C 178 -23.59 33.84 24.39
C SER C 178 -24.17 32.71 25.23
N GLU C 179 -25.28 32.12 24.79
CA GLU C 179 -25.85 30.96 25.45
C GLU C 179 -25.33 29.70 24.76
N ASP C 180 -24.62 29.89 23.64
CA ASP C 180 -24.11 28.77 22.87
C ASP C 180 -22.83 29.15 22.14
N HIS C 181 -22.32 30.36 22.38
CA HIS C 181 -21.11 30.78 21.71
C HIS C 181 -20.23 31.56 22.69
N ALA C 182 -19.01 31.87 22.27
CA ALA C 182 -18.04 32.55 23.13
C ALA C 182 -17.05 33.28 22.24
N TRP C 183 -16.73 34.51 22.63
CA TRP C 183 -15.68 35.24 21.94
C TRP C 183 -14.97 36.17 22.92
N VAL C 184 -14.39 37.22 22.34
CA VAL C 184 -13.47 38.03 23.13
C VAL C 184 -13.88 39.49 22.97
N VAL C 185 -13.90 40.22 24.09
CA VAL C 185 -14.21 41.63 24.10
C VAL C 185 -13.04 42.37 24.74
N PHE C 186 -12.63 43.47 24.10
CA PHE C 186 -11.51 44.26 24.58
C PHE C 186 -11.75 45.72 24.19
N GLY C 187 -10.76 46.58 24.46
CA GLY C 187 -10.79 47.93 23.94
C GLY C 187 -11.13 48.96 25.03
N PRO C 188 -11.17 50.26 24.66
CA PRO C 188 -11.31 51.34 25.63
C PRO C 188 -12.44 51.12 26.64
N ASN C 189 -13.70 51.15 26.17
CA ASN C 189 -14.82 50.99 27.08
C ASN C 189 -15.25 49.52 27.08
N GLY C 190 -14.49 48.71 26.34
CA GLY C 190 -14.77 47.29 26.22
C GLY C 190 -15.85 47.01 25.18
N GLU C 191 -15.80 47.73 24.06
CA GLU C 191 -16.89 47.66 23.11
C GLU C 191 -16.41 47.02 21.82
N GLN C 192 -15.10 46.81 21.69
CA GLN C 192 -14.54 46.13 20.53
C GLN C 192 -14.54 44.61 20.72
N THR C 193 -14.97 43.87 19.68
CA THR C 193 -15.12 42.42 19.78
C THR C 193 -14.25 41.70 18.75
N ALA C 194 -14.02 40.39 18.99
CA ALA C 194 -13.28 39.53 18.07
C ALA C 194 -13.64 38.06 18.31
N GLU C 195 -14.08 37.38 17.24
CA GLU C 195 -14.30 35.94 17.25
C GLU C 195 -12.96 35.23 17.29
N VAL C 196 -12.84 34.20 18.13
CA VAL C 196 -11.54 33.58 18.35
C VAL C 196 -11.66 32.07 18.27
N THR C 197 -12.86 31.57 18.04
CA THR C 197 -13.05 30.13 18.02
C THR C 197 -14.06 29.74 16.95
N TRP C 198 -14.31 28.43 16.83
CA TRP C 198 -15.26 27.93 15.85
C TRP C 198 -16.61 27.75 16.55
N HIS C 199 -17.67 27.50 15.77
CA HIS C 199 -18.97 27.13 16.30
C HIS C 199 -19.56 25.95 15.50
N GLY C 200 -19.91 24.86 16.20
CA GLY C 200 -20.47 23.69 15.53
C GLY C 200 -19.60 23.27 14.36
N LYS C 201 -20.20 22.66 13.32
CA LYS C 201 -19.43 22.40 12.12
C LYS C 201 -20.27 22.69 10.87
N GLY C 202 -19.60 23.17 9.82
CA GLY C 202 -20.31 23.49 8.60
C GLY C 202 -20.71 24.97 8.55
N ASN C 203 -19.98 25.78 9.33
CA ASN C 203 -20.28 27.19 9.47
C ASN C 203 -19.16 28.03 8.86
N GLU C 204 -19.55 29.18 8.28
CA GLU C 204 -18.63 30.20 7.81
C GLU C 204 -17.56 30.43 8.87
N ASP C 205 -16.32 30.67 8.44
CA ASP C 205 -15.26 30.89 9.41
C ASP C 205 -15.11 32.39 9.64
N ARG C 206 -15.40 32.84 10.86
CA ARG C 206 -15.42 34.27 11.11
C ARG C 206 -14.42 34.65 12.20
N ARG C 207 -13.30 33.92 12.30
CA ARG C 207 -12.28 34.31 13.25
C ARG C 207 -11.71 35.67 12.83
N GLY C 208 -11.51 36.56 13.82
CA GLY C 208 -10.94 37.88 13.57
C GLY C 208 -11.98 38.93 13.23
N GLN C 209 -13.22 38.47 12.99
CA GLN C 209 -14.33 39.35 12.66
C GLN C 209 -15.02 39.80 13.95
N THR C 210 -15.79 40.89 13.83
CA THR C 210 -16.60 41.39 14.94
C THR C 210 -17.91 40.62 14.97
N VAL C 211 -18.69 40.79 16.05
CA VAL C 211 -19.96 40.10 16.12
C VAL C 211 -21.11 41.06 15.81
N ASN C 212 -20.78 42.21 15.22
CA ASN C 212 -21.82 43.15 14.81
C ASN C 212 -22.87 42.43 13.97
N ALA C 213 -22.39 41.71 12.95
CA ALA C 213 -23.30 41.08 12.01
C ALA C 213 -24.25 40.14 12.76
N GLY C 214 -23.69 39.34 13.68
CA GLY C 214 -24.52 38.35 14.37
C GLY C 214 -25.61 39.05 15.19
N VAL C 215 -25.23 40.19 15.78
CA VAL C 215 -26.14 40.95 16.60
C VAL C 215 -27.28 41.45 15.71
N ALA C 216 -26.90 42.12 14.63
CA ALA C 216 -27.82 42.73 13.69
C ALA C 216 -28.83 41.72 13.13
N GLU C 217 -28.36 40.54 12.70
CA GLU C 217 -29.18 39.56 11.99
C GLU C 217 -30.13 38.82 12.95
N ARG C 218 -30.07 39.18 14.24
CA ARG C 218 -31.05 38.76 15.24
C ARG C 218 -31.01 37.26 15.52
N SER C 219 -29.82 36.65 15.53
CA SER C 219 -29.70 35.24 15.88
C SER C 219 -29.57 35.07 17.37
N TRP C 220 -30.10 33.95 17.88
CA TRP C 220 -30.01 33.59 19.28
C TRP C 220 -28.55 33.42 19.69
N LEU C 221 -27.70 33.14 18.70
CA LEU C 221 -26.30 32.91 18.98
C LEU C 221 -25.65 34.20 19.47
N TYR C 222 -26.24 35.35 19.14
CA TYR C 222 -25.59 36.60 19.46
C TYR C 222 -26.47 37.47 20.35
N LEU C 223 -27.63 36.90 20.76
CA LEU C 223 -28.54 37.47 21.76
C LEU C 223 -28.87 38.95 21.52
N LYS C 224 -29.09 39.34 20.26
CA LYS C 224 -29.45 40.71 19.90
C LYS C 224 -28.59 41.72 20.65
N GLY C 225 -27.35 41.37 20.93
CA GLY C 225 -26.46 42.29 21.62
C GLY C 225 -26.43 42.09 23.14
N SER C 226 -27.32 41.25 23.67
CA SER C 226 -27.48 41.14 25.12
C SER C 226 -26.70 39.94 25.64
N TYR C 227 -25.41 39.86 25.28
CA TYR C 227 -24.58 38.73 25.71
C TYR C 227 -23.82 39.10 26.97
N MET C 228 -23.22 38.09 27.61
CA MET C 228 -22.45 38.30 28.83
C MET C 228 -21.12 38.95 28.49
N ARG C 229 -20.78 40.01 29.24
CA ARG C 229 -19.42 40.52 29.19
C ARG C 229 -18.78 40.27 30.54
N CYS C 230 -17.75 39.41 30.59
CA CYS C 230 -17.23 39.04 31.89
C CYS C 230 -16.16 40.03 32.36
N ASP C 231 -16.09 40.18 33.68
CA ASP C 231 -14.87 40.58 34.37
C ASP C 231 -14.21 39.30 34.88
N ARG C 232 -13.07 39.42 35.54
CA ARG C 232 -12.35 38.24 35.97
C ARG C 232 -13.22 37.39 36.90
N LYS C 233 -14.13 38.02 37.65
CA LYS C 233 -14.87 37.26 38.64
C LYS C 233 -15.84 36.32 37.94
N MET C 234 -16.39 36.80 36.83
CA MET C 234 -17.34 36.02 36.04
C MET C 234 -16.59 34.95 35.25
N GLU C 235 -15.41 35.32 34.72
CA GLU C 235 -14.55 34.35 34.07
C GLU C 235 -14.27 33.19 35.04
N VAL C 236 -14.17 33.47 36.32
CA VAL C 236 -13.93 32.38 37.25
C VAL C 236 -15.22 31.58 37.40
N ALA C 237 -16.34 32.29 37.31
CA ALA C 237 -17.65 31.65 37.35
C ALA C 237 -17.81 30.77 36.13
N PHE C 238 -17.32 31.25 34.98
CA PHE C 238 -17.40 30.51 33.74
C PHE C 238 -16.74 29.14 33.89
N MET C 239 -15.53 29.16 34.45
CA MET C 239 -14.69 27.97 34.48
C MET C 239 -15.26 27.00 35.52
N VAL C 240 -16.04 27.51 36.45
CA VAL C 240 -16.63 26.66 37.46
C VAL C 240 -17.82 25.95 36.83
N CYS C 241 -18.49 26.65 35.92
CA CYS C 241 -19.64 26.07 35.24
C CYS C 241 -19.13 25.00 34.30
N ALA C 242 -17.98 25.27 33.69
CA ALA C 242 -17.33 24.37 32.73
C ALA C 242 -16.90 23.06 33.38
N ILE C 243 -16.95 22.95 34.71
CA ILE C 243 -16.66 21.69 35.35
C ILE C 243 -17.62 20.66 34.77
N ASN C 244 -17.09 19.48 34.41
CA ASN C 244 -17.88 18.46 33.75
C ASN C 244 -17.79 17.16 34.55
N PRO C 245 -18.76 16.94 35.46
CA PRO C 245 -18.75 15.76 36.34
C PRO C 245 -18.99 14.43 35.64
N SER C 246 -19.22 14.47 34.33
CA SER C 246 -19.60 13.25 33.62
C SER C 246 -18.42 12.29 33.64
N ILE C 247 -18.65 11.09 34.18
CA ILE C 247 -17.72 9.98 34.05
C ILE C 247 -17.93 9.33 32.69
N ASP C 248 -19.18 8.91 32.46
CA ASP C 248 -19.68 8.38 31.19
C ASP C 248 -21.10 8.90 31.01
N LEU C 249 -21.83 8.37 30.03
CA LEU C 249 -23.17 8.87 29.71
C LEU C 249 -24.09 8.79 30.93
N HIS C 250 -23.98 7.70 31.70
CA HIS C 250 -24.97 7.41 32.72
C HIS C 250 -24.42 7.60 34.15
N THR C 251 -23.17 8.06 34.28
CA THR C 251 -22.57 8.19 35.60
C THR C 251 -21.97 9.58 35.83
N ASP C 252 -22.11 10.09 37.07
CA ASP C 252 -21.56 11.38 37.45
C ASP C 252 -20.67 11.24 38.69
N SER C 253 -19.53 11.96 38.68
CA SER C 253 -18.60 12.01 39.80
C SER C 253 -19.17 12.85 40.94
N LEU C 254 -19.43 12.22 42.09
CA LEU C 254 -20.11 12.91 43.17
C LEU C 254 -19.24 14.05 43.69
N GLU C 255 -17.92 13.85 43.62
CA GLU C 255 -16.98 14.83 44.11
C GLU C 255 -17.07 16.07 43.24
N LEU C 256 -16.82 15.88 41.94
CA LEU C 256 -16.84 17.02 41.03
C LEU C 256 -18.17 17.77 41.13
N LEU C 257 -19.25 17.06 41.47
CA LEU C 257 -20.54 17.70 41.65
C LEU C 257 -20.46 18.62 42.87
N GLN C 258 -19.97 18.07 43.98
CA GLN C 258 -19.87 18.82 45.22
C GLN C 258 -18.92 20.00 45.05
N LEU C 259 -17.81 19.80 44.32
CA LEU C 259 -16.82 20.85 44.15
C LEU C 259 -17.41 22.02 43.36
N GLN C 260 -18.22 21.71 42.34
CA GLN C 260 -18.88 22.73 41.54
C GLN C 260 -20.00 23.38 42.35
N GLN C 261 -20.74 22.56 43.08
CA GLN C 261 -21.78 23.07 43.96
C GLN C 261 -21.20 24.12 44.89
N LYS C 262 -20.12 23.75 45.60
CA LYS C 262 -19.50 24.60 46.59
C LYS C 262 -18.94 25.87 45.93
N LEU C 263 -18.22 25.69 44.82
CA LEU C 263 -17.60 26.84 44.18
C LEU C 263 -18.65 27.85 43.73
N LEU C 264 -19.84 27.36 43.35
CA LEU C 264 -20.90 28.23 42.86
C LEU C 264 -21.49 29.04 44.00
N TRP C 265 -21.79 28.37 45.13
CA TRP C 265 -22.29 29.04 46.32
C TRP C 265 -21.33 30.13 46.77
N LEU C 266 -20.03 29.82 46.72
CA LEU C 266 -18.99 30.76 47.10
C LEU C 266 -19.03 31.98 46.17
N LEU C 267 -19.13 31.76 44.87
CA LEU C 267 -19.21 32.87 43.92
C LEU C 267 -20.51 33.64 44.17
N TYR C 268 -21.58 32.89 44.47
CA TYR C 268 -22.89 33.45 44.75
C TYR C 268 -22.78 34.45 45.90
N ASP C 269 -22.10 34.02 46.96
CA ASP C 269 -21.98 34.79 48.20
C ASP C 269 -21.24 36.09 47.93
N LEU C 270 -20.19 36.07 47.10
CA LEU C 270 -19.51 37.30 46.74
C LEU C 270 -20.33 38.02 45.67
N GLY C 271 -21.45 37.40 45.28
CA GLY C 271 -22.41 37.95 44.33
C GLY C 271 -21.87 38.11 42.90
N HIS C 272 -21.18 37.07 42.43
CA HIS C 272 -20.61 37.09 41.09
C HIS C 272 -21.48 36.29 40.12
N LEU C 273 -22.57 35.70 40.63
CA LEU C 273 -23.58 35.08 39.79
C LEU C 273 -24.66 36.09 39.45
N GLU C 274 -24.47 37.32 39.91
CA GLU C 274 -25.48 38.36 39.81
C GLU C 274 -25.89 38.55 38.35
N ARG C 275 -24.90 38.55 37.44
CA ARG C 275 -25.20 38.81 36.04
C ARG C 275 -24.91 37.55 35.22
N TYR C 276 -25.10 36.40 35.87
CA TYR C 276 -24.81 35.13 35.22
C TYR C 276 -25.99 34.21 35.41
N PRO C 277 -27.09 34.42 34.65
CA PRO C 277 -28.31 33.63 34.83
C PRO C 277 -28.02 32.13 34.74
N MET C 278 -27.27 31.74 33.69
CA MET C 278 -26.99 30.33 33.45
C MET C 278 -26.33 29.69 34.67
N ALA C 279 -25.45 30.44 35.33
CA ALA C 279 -24.79 29.98 36.54
C ALA C 279 -25.83 29.72 37.64
N LEU C 280 -26.80 30.63 37.78
CA LEU C 280 -27.79 30.47 38.85
C LEU C 280 -28.65 29.23 38.57
N GLY C 281 -28.96 29.02 37.29
CA GLY C 281 -29.68 27.84 36.86
C GLY C 281 -28.93 26.58 37.22
N ASN C 282 -27.66 26.52 36.81
CA ASN C 282 -26.79 25.41 37.15
C ASN C 282 -26.82 25.17 38.67
N LEU C 283 -26.68 26.24 39.46
CA LEU C 283 -26.63 26.09 40.91
C LEU C 283 -27.94 25.48 41.41
N ALA C 284 -29.06 25.98 40.87
CA ALA C 284 -30.39 25.45 41.13
C ALA C 284 -30.44 23.95 40.83
N ASP C 285 -30.03 23.57 39.61
CA ASP C 285 -30.08 22.18 39.19
C ASP C 285 -29.41 21.30 40.23
N LEU C 286 -28.25 21.76 40.72
CA LEU C 286 -27.42 21.01 41.66
C LEU C 286 -28.14 20.88 43.00
N GLU C 287 -28.74 21.98 43.45
CA GLU C 287 -29.49 22.03 44.69
C GLU C 287 -30.61 20.99 44.67
N GLU C 288 -31.17 20.75 43.47
CA GLU C 288 -32.25 19.78 43.29
C GLU C 288 -31.74 18.38 43.62
N LEU C 289 -30.49 18.06 43.23
CA LEU C 289 -29.85 16.77 43.47
C LEU C 289 -29.54 16.60 44.96
N GLU C 290 -28.69 17.51 45.50
CA GLU C 290 -28.26 17.47 46.88
C GLU C 290 -28.48 18.83 47.52
N PRO C 291 -29.65 19.08 48.14
CA PRO C 291 -29.91 20.33 48.84
C PRO C 291 -28.84 20.55 49.90
N THR C 292 -28.24 21.74 49.88
CA THR C 292 -27.29 22.13 50.92
C THR C 292 -28.07 22.89 52.00
N PRO C 293 -28.14 22.34 53.24
CA PRO C 293 -29.02 22.88 54.30
C PRO C 293 -29.01 24.41 54.39
N GLY C 294 -30.21 24.99 54.42
CA GLY C 294 -30.39 26.39 54.80
C GLY C 294 -30.11 27.35 53.65
N ARG C 295 -29.80 26.81 52.48
CA ARG C 295 -29.65 27.61 51.28
C ARG C 295 -31.02 27.77 50.62
N PRO C 296 -31.20 28.77 49.73
CA PRO C 296 -32.45 28.91 48.96
C PRO C 296 -32.92 27.64 48.28
N ASP C 297 -34.20 27.63 47.89
CA ASP C 297 -34.81 26.50 47.20
C ASP C 297 -34.43 26.55 45.72
N PRO C 298 -34.38 25.38 45.04
CA PRO C 298 -34.14 25.36 43.59
C PRO C 298 -35.01 26.41 42.90
N LEU C 299 -36.30 26.37 43.23
CA LEU C 299 -37.32 27.27 42.71
C LEU C 299 -36.88 28.73 42.84
N THR C 300 -36.37 29.09 44.01
CA THR C 300 -35.94 30.46 44.27
C THR C 300 -34.82 30.81 43.30
N LEU C 301 -33.91 29.87 43.07
CA LEU C 301 -32.69 30.14 42.31
C LEU C 301 -33.03 30.27 40.84
N TYR C 302 -33.96 29.42 40.37
CA TYR C 302 -34.40 29.48 38.98
C TYR C 302 -35.01 30.86 38.71
N HIS C 303 -35.72 31.39 39.72
CA HIS C 303 -36.38 32.69 39.59
C HIS C 303 -35.36 33.82 39.61
N LYS C 304 -34.28 33.64 40.37
CA LYS C 304 -33.20 34.61 40.42
C LYS C 304 -32.52 34.67 39.05
N GLY C 305 -32.36 33.49 38.43
CA GLY C 305 -31.84 33.43 37.08
C GLY C 305 -32.66 34.29 36.13
N ILE C 306 -33.98 34.10 36.19
CA ILE C 306 -34.89 34.84 35.32
C ILE C 306 -34.78 36.32 35.66
N ALA C 307 -34.80 36.60 36.97
CA ALA C 307 -34.74 37.97 37.47
C ALA C 307 -33.49 38.65 36.94
N SER C 308 -32.38 37.90 36.94
CA SER C 308 -31.10 38.42 36.51
C SER C 308 -31.13 38.70 35.01
N ALA C 309 -31.71 37.77 34.26
CA ALA C 309 -31.69 37.85 32.82
C ALA C 309 -32.50 39.08 32.43
N LYS C 310 -33.64 39.21 33.11
CA LYS C 310 -34.64 40.25 32.91
C LYS C 310 -34.04 41.62 33.24
N THR C 311 -33.22 41.67 34.29
CA THR C 311 -32.61 42.91 34.73
C THR C 311 -31.43 43.30 33.83
N TYR C 312 -30.50 42.37 33.55
CA TYR C 312 -29.22 42.79 32.99
C TYR C 312 -29.10 42.49 31.50
N TYR C 313 -30.04 41.70 30.93
CA TYR C 313 -29.89 41.24 29.56
C TYR C 313 -31.19 41.39 28.77
N ARG C 314 -32.07 42.29 29.22
CA ARG C 314 -33.24 42.70 28.46
C ARG C 314 -34.22 41.54 28.33
N ASP C 315 -34.00 40.51 29.15
CA ASP C 315 -34.87 39.34 29.10
C ASP C 315 -34.86 38.74 27.68
N GLU C 316 -33.66 38.47 27.16
CA GLU C 316 -33.48 37.97 25.80
C GLU C 316 -32.75 36.64 25.88
N HIS C 317 -32.71 36.06 27.09
CA HIS C 317 -32.07 34.78 27.31
C HIS C 317 -33.15 33.72 27.32
N ILE C 318 -32.84 32.52 26.81
CA ILE C 318 -33.81 31.44 26.67
C ILE C 318 -33.66 30.43 27.82
N TYR C 319 -32.41 30.19 28.24
CA TYR C 319 -32.19 29.09 29.16
C TYR C 319 -32.83 29.36 30.51
N PRO C 320 -32.88 30.62 31.00
CA PRO C 320 -33.36 30.89 32.35
C PRO C 320 -34.73 30.24 32.55
N TYR C 321 -35.58 30.36 31.50
CA TYR C 321 -36.94 29.85 31.47
C TYR C 321 -36.94 28.33 31.28
N MET C 322 -36.07 27.84 30.39
CA MET C 322 -35.99 26.41 30.17
C MET C 322 -35.56 25.69 31.44
N TYR C 323 -34.57 26.25 32.14
CA TYR C 323 -34.16 25.70 33.41
C TYR C 323 -35.40 25.47 34.27
N LEU C 324 -36.25 26.51 34.32
CA LEU C 324 -37.38 26.55 35.25
C LEU C 324 -38.42 25.53 34.81
N ALA C 325 -38.74 25.57 33.51
CA ALA C 325 -39.68 24.62 32.94
C ALA C 325 -39.24 23.20 33.31
N GLY C 326 -37.99 22.86 32.99
CA GLY C 326 -37.46 21.54 33.26
C GLY C 326 -37.80 21.07 34.68
N TYR C 327 -37.49 21.91 35.67
CA TYR C 327 -37.74 21.59 37.06
C TYR C 327 -39.20 21.14 37.22
N HIS C 328 -40.13 21.98 36.74
CA HIS C 328 -41.55 21.68 36.85
C HIS C 328 -41.88 20.38 36.13
N CYS C 329 -41.25 20.14 34.96
CA CYS C 329 -41.50 18.91 34.23
C CYS C 329 -41.13 17.72 35.10
N ARG C 330 -39.97 17.83 35.77
CA ARG C 330 -39.45 16.72 36.55
C ARG C 330 -40.33 16.52 37.79
N ASN C 331 -41.18 17.52 38.08
CA ASN C 331 -42.01 17.46 39.28
C ASN C 331 -43.48 17.31 38.92
N ARG C 332 -43.75 17.14 37.62
CA ARG C 332 -45.09 16.89 37.11
C ARG C 332 -46.07 17.98 37.59
N ASN C 333 -45.57 19.23 37.68
CA ASN C 333 -46.41 20.40 37.88
C ASN C 333 -46.93 20.89 36.52
N VAL C 334 -48.05 20.31 36.08
CA VAL C 334 -48.40 20.37 34.67
C VAL C 334 -48.76 21.79 34.27
N ARG C 335 -49.36 22.54 35.20
CA ARG C 335 -49.72 23.92 34.92
C ARG C 335 -48.46 24.76 34.74
N GLU C 336 -47.54 24.69 35.72
CA GLU C 336 -46.37 25.57 35.73
C GLU C 336 -45.46 25.24 34.55
N ALA C 337 -45.29 23.93 34.30
CA ALA C 337 -44.42 23.44 33.24
C ALA C 337 -44.80 24.13 31.94
N LEU C 338 -46.10 24.09 31.63
CA LEU C 338 -46.59 24.56 30.36
C LEU C 338 -46.49 26.09 30.28
N GLN C 339 -46.61 26.75 31.44
CA GLN C 339 -46.54 28.20 31.45
C GLN C 339 -45.11 28.64 31.16
N ALA C 340 -44.18 27.96 31.84
CA ALA C 340 -42.77 28.20 31.63
C ALA C 340 -42.42 28.03 30.14
N TRP C 341 -42.82 26.89 29.56
CA TRP C 341 -42.54 26.63 28.16
C TRP C 341 -43.06 27.77 27.31
N ALA C 342 -44.23 28.29 27.69
CA ALA C 342 -44.85 29.38 26.97
C ALA C 342 -43.97 30.62 27.07
N ASP C 343 -43.44 30.88 28.27
CA ASP C 343 -42.60 32.05 28.47
C ASP C 343 -41.36 31.93 27.60
N THR C 344 -40.83 30.70 27.50
CA THR C 344 -39.63 30.45 26.72
C THR C 344 -39.87 30.88 25.29
N ALA C 345 -41.02 30.48 24.76
CA ALA C 345 -41.36 30.76 23.38
C ALA C 345 -41.60 32.26 23.22
N THR C 346 -42.04 32.87 24.32
CA THR C 346 -42.35 34.29 24.27
C THR C 346 -41.07 35.06 24.02
N VAL C 347 -39.95 34.53 24.52
CA VAL C 347 -38.70 35.24 24.38
C VAL C 347 -38.19 35.06 22.96
N ILE C 348 -38.18 33.80 22.50
CA ILE C 348 -37.62 33.43 21.21
C ILE C 348 -38.31 34.17 20.07
N GLN C 349 -39.62 34.49 20.24
CA GLN C 349 -40.46 35.00 19.18
C GLN C 349 -39.85 36.23 18.51
N ASP C 350 -39.01 36.95 19.26
CA ASP C 350 -38.49 38.21 18.76
C ASP C 350 -37.12 37.98 18.15
N TYR C 351 -36.80 36.69 17.93
CA TYR C 351 -35.62 36.25 17.21
C TYR C 351 -35.98 35.82 15.78
N ASN C 352 -34.94 35.75 14.95
CA ASN C 352 -34.99 35.19 13.62
C ASN C 352 -34.07 33.96 13.59
N TYR C 353 -34.62 32.85 13.08
CA TYR C 353 -33.89 31.60 13.09
C TYR C 353 -32.82 31.59 12.01
N CYS C 354 -31.61 31.13 12.38
CA CYS C 354 -30.46 30.96 11.50
C CYS C 354 -29.95 29.53 11.66
N ARG C 355 -29.20 29.07 10.65
CA ARG C 355 -28.69 27.71 10.64
C ARG C 355 -27.82 27.52 11.89
N GLU C 356 -27.22 28.63 12.34
CA GLU C 356 -26.27 28.63 13.44
C GLU C 356 -26.97 28.47 14.80
N ASP C 357 -28.30 28.59 14.82
CA ASP C 357 -29.03 28.58 16.08
C ASP C 357 -29.49 27.16 16.38
N GLU C 358 -28.88 26.20 15.69
CA GLU C 358 -29.52 24.89 15.55
C GLU C 358 -29.75 24.25 16.92
N GLU C 359 -29.07 24.77 17.95
CA GLU C 359 -29.03 24.04 19.21
C GLU C 359 -30.31 24.33 19.98
N ILE C 360 -30.83 25.53 19.79
CA ILE C 360 -32.01 25.93 20.54
C ILE C 360 -33.22 25.41 19.77
N TYR C 361 -33.06 25.27 18.45
CA TYR C 361 -34.10 24.61 17.69
C TYR C 361 -34.26 23.18 18.19
N LYS C 362 -33.12 22.50 18.41
CA LYS C 362 -33.13 21.14 18.92
C LYS C 362 -33.95 21.13 20.20
N GLU C 363 -33.93 22.25 20.88
CA GLU C 363 -34.38 22.26 22.26
C GLU C 363 -35.90 22.45 22.28
N PHE C 364 -36.39 23.38 21.44
CA PHE C 364 -37.81 23.63 21.36
C PHE C 364 -38.47 22.39 20.78
N PHE C 365 -37.90 21.87 19.68
CA PHE C 365 -38.41 20.68 19.02
C PHE C 365 -38.66 19.57 20.04
N GLU C 366 -37.72 19.37 20.96
CA GLU C 366 -37.92 18.36 21.98
C GLU C 366 -39.08 18.76 22.89
N VAL C 367 -39.31 20.06 23.07
CA VAL C 367 -40.38 20.50 23.96
C VAL C 367 -41.72 20.14 23.34
N ALA C 368 -41.92 20.60 22.09
CA ALA C 368 -43.17 20.47 21.37
C ALA C 368 -43.50 18.99 21.13
N ASN C 369 -42.49 18.24 20.69
CA ASN C 369 -42.70 16.95 20.05
C ASN C 369 -42.38 15.79 21.01
N ASP C 370 -42.00 16.11 22.25
CA ASP C 370 -41.58 15.04 23.15
C ASP C 370 -42.01 15.33 24.58
N VAL C 371 -41.59 16.48 25.10
CA VAL C 371 -41.69 16.76 26.53
C VAL C 371 -43.15 17.02 26.91
N ILE C 372 -43.78 17.97 26.20
CA ILE C 372 -45.17 18.31 26.41
C ILE C 372 -46.02 17.05 26.25
N PRO C 373 -45.99 16.38 25.07
CA PRO C 373 -46.74 15.15 24.88
C PRO C 373 -46.67 14.24 26.11
N ASN C 374 -45.44 13.92 26.54
CA ASN C 374 -45.23 12.95 27.60
C ASN C 374 -45.80 13.48 28.92
N LEU C 375 -45.95 14.80 29.02
CA LEU C 375 -46.50 15.40 30.21
C LEU C 375 -48.03 15.36 30.16
N LEU C 376 -48.60 15.31 28.94
CA LEU C 376 -50.04 15.26 28.75
C LEU C 376 -50.54 13.82 28.75
N LYS C 377 -49.68 12.86 28.37
CA LYS C 377 -50.05 11.46 28.42
C LYS C 377 -50.05 11.00 29.87
N GLU C 378 -49.17 11.59 30.69
CA GLU C 378 -49.12 11.25 32.10
C GLU C 378 -50.32 11.86 32.81
N ALA C 379 -50.78 13.01 32.29
CA ALA C 379 -51.91 13.74 32.85
C ALA C 379 -53.21 13.02 32.50
N ALA C 380 -53.21 12.32 31.37
CA ALA C 380 -54.33 11.48 30.95
C ALA C 380 -54.46 10.29 31.90
N SER C 381 -53.39 9.48 32.01
CA SER C 381 -53.36 8.38 32.96
C SER C 381 -53.96 8.83 34.28
N LEU C 382 -53.31 9.80 34.93
CA LEU C 382 -53.76 10.37 36.19
C LEU C 382 -55.01 11.23 35.95
N SER C 402 -57.15 18.21 38.31
CA SER C 402 -56.38 17.79 37.10
C SER C 402 -56.15 18.98 36.19
N ALA C 403 -55.42 18.75 35.09
CA ALA C 403 -54.88 19.82 34.28
C ALA C 403 -55.38 19.72 32.84
N LEU C 404 -55.89 18.54 32.47
CA LEU C 404 -56.46 18.40 31.14
C LEU C 404 -57.84 19.06 31.15
N GLN C 405 -58.31 19.34 32.37
CA GLN C 405 -59.59 19.97 32.62
C GLN C 405 -59.42 21.49 32.70
N ASP C 406 -58.18 21.92 32.92
CA ASP C 406 -57.86 23.32 33.22
C ASP C 406 -57.65 24.09 31.92
N PRO C 407 -58.53 25.05 31.58
CA PRO C 407 -58.40 25.83 30.34
C PRO C 407 -57.13 26.66 30.32
N GLU C 408 -56.57 26.91 31.50
CA GLU C 408 -55.34 27.67 31.65
C GLU C 408 -54.21 26.95 30.90
N CYS C 409 -54.02 25.68 31.26
CA CYS C 409 -53.00 24.83 30.65
C CYS C 409 -53.14 24.85 29.13
N PHE C 410 -54.40 24.83 28.66
CA PHE C 410 -54.65 24.80 27.23
C PHE C 410 -54.13 26.08 26.58
N ALA C 411 -54.40 27.24 27.20
CA ALA C 411 -54.02 28.52 26.63
C ALA C 411 -52.50 28.62 26.55
N HIS C 412 -51.83 28.12 27.60
CA HIS C 412 -50.37 28.04 27.60
C HIS C 412 -49.88 27.36 26.33
N LEU C 413 -50.46 26.18 26.06
CA LEU C 413 -50.05 25.38 24.93
C LEU C 413 -50.19 26.18 23.64
N LEU C 414 -51.17 27.08 23.60
CA LEU C 414 -51.43 27.83 22.38
C LEU C 414 -50.43 28.98 22.29
N ARG C 415 -50.06 29.53 23.45
CA ARG C 415 -49.13 30.65 23.47
C ARG C 415 -47.74 30.15 23.07
N PHE C 416 -47.43 28.93 23.53
CA PHE C 416 -46.17 28.27 23.17
C PHE C 416 -46.03 28.18 21.65
N TYR C 417 -47.07 27.62 20.98
CA TYR C 417 -47.01 27.49 19.54
C TYR C 417 -47.00 28.87 18.89
N ASP C 418 -47.70 29.84 19.50
CA ASP C 418 -47.76 31.18 18.96
C ASP C 418 -46.33 31.72 18.83
N GLY C 419 -45.56 31.59 19.92
CA GLY C 419 -44.20 32.10 19.95
C GLY C 419 -43.34 31.46 18.86
N ILE C 420 -43.41 30.12 18.79
CA ILE C 420 -42.62 29.39 17.83
C ILE C 420 -42.94 29.84 16.40
N CYS C 421 -44.22 30.11 16.11
CA CYS C 421 -44.58 30.59 14.80
C CYS C 421 -44.04 32.01 14.60
N LYS C 422 -44.14 32.81 15.66
CA LYS C 422 -43.76 34.20 15.57
C LYS C 422 -42.25 34.27 15.35
N TRP C 423 -41.55 33.33 15.99
CA TRP C 423 -40.12 33.12 15.82
C TRP C 423 -39.80 33.02 14.32
N GLU C 424 -40.43 32.01 13.69
CA GLU C 424 -40.28 31.63 12.30
C GLU C 424 -40.51 32.83 11.38
N GLU C 425 -41.48 33.70 11.71
CA GLU C 425 -41.72 34.85 10.85
C GLU C 425 -40.43 35.67 10.73
N GLY C 426 -40.05 35.95 9.48
CA GLY C 426 -38.93 36.84 9.20
C GLY C 426 -37.58 36.13 9.26
N SER C 427 -37.60 34.80 9.31
CA SER C 427 -36.37 34.03 9.39
C SER C 427 -35.91 33.57 8.01
N PRO C 428 -34.58 33.56 7.74
CA PRO C 428 -34.05 33.03 6.47
C PRO C 428 -34.21 31.52 6.32
N THR C 429 -34.76 30.86 7.34
CA THR C 429 -35.00 29.43 7.26
C THR C 429 -36.29 29.11 8.01
N PRO C 430 -37.23 28.40 7.36
CA PRO C 430 -38.47 27.98 8.04
C PRO C 430 -38.14 27.12 9.25
N VAL C 431 -39.09 27.06 10.19
CA VAL C 431 -38.86 26.36 11.44
C VAL C 431 -39.80 25.16 11.53
N LEU C 432 -41.06 25.39 11.16
CA LEU C 432 -42.10 24.40 11.35
C LEU C 432 -42.23 23.49 10.12
N HIS C 433 -42.44 22.20 10.37
CA HIS C 433 -42.62 21.22 9.30
C HIS C 433 -43.49 20.08 9.83
N VAL C 434 -43.77 19.11 8.95
CA VAL C 434 -44.72 18.04 9.20
C VAL C 434 -44.37 17.30 10.49
N GLY C 435 -43.15 17.53 11.01
CA GLY C 435 -42.71 16.84 12.20
C GLY C 435 -43.44 17.31 13.46
N TRP C 436 -43.78 18.61 13.48
CA TRP C 436 -44.44 19.22 14.61
C TRP C 436 -45.93 18.90 14.56
N ALA C 437 -46.47 18.93 13.34
CA ALA C 437 -47.90 18.87 13.07
C ALA C 437 -48.58 17.69 13.78
N THR C 438 -48.03 16.48 13.63
CA THR C 438 -48.63 15.32 14.27
C THR C 438 -48.79 15.56 15.78
N PHE C 439 -47.78 16.15 16.41
CA PHE C 439 -47.76 16.24 17.87
C PHE C 439 -48.64 17.39 18.35
N LEU C 440 -48.75 18.43 17.51
CA LEU C 440 -49.59 19.58 17.85
C LEU C 440 -51.02 19.08 17.97
N VAL C 441 -51.46 18.34 16.94
CA VAL C 441 -52.80 17.82 16.78
C VAL C 441 -53.09 16.82 17.91
N GLN C 442 -52.11 15.97 18.22
CA GLN C 442 -52.29 15.01 19.29
C GLN C 442 -52.47 15.77 20.61
N SER C 443 -51.73 16.88 20.75
CA SER C 443 -51.63 17.63 22.00
C SER C 443 -52.90 18.45 22.25
N LEU C 444 -53.46 19.00 21.18
CA LEU C 444 -54.77 19.66 21.24
C LEU C 444 -55.79 18.66 21.76
N GLY C 445 -55.79 17.49 21.11
CA GLY C 445 -56.74 16.42 21.40
C GLY C 445 -56.64 15.90 22.82
N ARG C 446 -55.59 16.30 23.56
CA ARG C 446 -55.49 15.90 24.95
C ARG C 446 -56.53 16.69 25.76
N PHE C 447 -57.12 17.70 25.10
CA PHE C 447 -58.11 18.57 25.72
C PHE C 447 -59.45 18.42 25.00
N GLU C 448 -60.53 18.24 25.77
CA GLU C 448 -61.87 18.09 25.23
C GLU C 448 -62.41 19.45 24.79
N GLY C 449 -63.24 19.44 23.74
CA GLY C 449 -63.77 20.65 23.15
C GLY C 449 -64.49 21.52 24.18
N GLN C 450 -64.92 20.91 25.28
CA GLN C 450 -65.61 21.61 26.35
C GLN C 450 -64.65 22.58 27.01
N VAL C 451 -63.43 22.09 27.28
CA VAL C 451 -62.39 22.83 27.97
C VAL C 451 -61.77 23.86 27.01
N ARG C 452 -61.57 23.47 25.74
CA ARG C 452 -60.85 24.28 24.79
C ARG C 452 -61.67 25.51 24.40
N GLN C 453 -62.98 25.43 24.57
CA GLN C 453 -63.86 26.48 24.09
C GLN C 453 -63.91 27.61 25.11
N LYS C 454 -63.64 27.26 26.38
CA LYS C 454 -63.65 28.17 27.53
C LYS C 454 -62.55 29.21 27.38
N VAL C 455 -61.94 29.28 26.19
CA VAL C 455 -60.74 30.07 25.98
C VAL C 455 -61.00 31.06 24.84
N ARG C 456 -61.07 32.35 25.17
CA ARG C 456 -61.47 33.36 24.21
C ARG C 456 -60.23 33.98 23.57
N ILE C 457 -60.15 33.88 22.23
CA ILE C 457 -59.01 34.41 21.51
C ILE C 457 -59.39 35.78 20.94
N VAL C 458 -58.88 36.83 21.58
CA VAL C 458 -59.21 38.23 21.29
C VAL C 458 -58.05 38.91 20.56
N SER C 459 -58.30 40.15 20.13
CA SER C 459 -57.27 41.02 19.56
C SER C 459 -57.11 42.28 20.40
N GLY C 460 -57.57 42.21 21.65
CA GLY C 460 -57.60 43.38 22.52
C GLY C 460 -58.87 44.20 22.28
N THR C 461 -59.16 45.09 23.21
CA THR C 461 -60.41 45.81 23.15
C THR C 461 -60.14 47.29 23.40
N VAL C 462 -59.53 47.59 24.57
CA VAL C 462 -59.18 48.93 25.01
C VAL C 462 -57.79 48.90 25.66
N ALA C 463 -56.88 49.73 25.10
CA ALA C 463 -55.49 49.76 25.53
C ALA C 463 -55.34 50.56 26.83
N GLY C 464 -54.70 49.96 27.84
CA GLY C 464 -54.34 50.70 29.04
C GLY C 464 -55.44 50.66 30.09
N THR C 465 -55.30 51.53 31.11
CA THR C 465 -56.08 51.48 32.34
C THR C 465 -56.35 52.91 32.84
N ALA C 466 -57.26 53.05 33.81
CA ALA C 466 -57.70 54.35 34.31
C ALA C 466 -57.21 54.57 35.75
N ARG C 467 -57.68 55.66 36.37
CA ARG C 467 -57.35 55.97 37.77
C ARG C 467 -58.18 57.15 38.28
N GLY C 468 -59.48 57.14 37.98
CA GLY C 468 -60.38 58.20 38.44
C GLY C 468 -60.97 57.89 39.81
N PRO C 489 -60.40 32.41 30.29
CA PRO C 489 -59.02 32.65 29.83
C PRO C 489 -58.99 33.34 28.48
N VAL C 490 -58.31 34.49 28.44
CA VAL C 490 -58.20 35.30 27.23
C VAL C 490 -56.79 35.15 26.67
N LEU C 491 -56.61 35.52 25.40
CA LEU C 491 -55.36 35.22 24.71
C LEU C 491 -55.28 36.05 23.43
N THR C 492 -54.08 36.59 23.15
CA THR C 492 -53.81 37.23 21.88
C THR C 492 -52.63 36.56 21.20
N PHE C 493 -52.85 36.20 19.93
CA PHE C 493 -51.84 35.59 19.10
C PHE C 493 -51.00 36.70 18.49
N GLN C 494 -49.68 36.48 18.51
CA GLN C 494 -48.77 37.42 17.90
C GLN C 494 -48.46 36.95 16.48
N SER C 495 -48.60 35.64 16.25
CA SER C 495 -48.19 35.02 14.99
C SER C 495 -49.31 35.01 13.97
N GLU C 496 -48.94 35.19 12.70
CA GLU C 496 -49.84 35.21 11.56
C GLU C 496 -50.54 33.87 11.42
N LYS C 497 -49.76 32.79 11.56
CA LYS C 497 -50.24 31.45 11.33
C LYS C 497 -51.29 31.07 12.38
N MET C 498 -51.05 31.42 13.64
CA MET C 498 -51.92 30.98 14.73
C MET C 498 -53.20 31.80 14.70
N LYS C 499 -53.09 33.06 14.28
CA LYS C 499 -54.25 33.93 14.10
C LYS C 499 -55.16 33.29 13.05
N GLY C 500 -54.56 32.86 11.94
CA GLY C 500 -55.32 32.32 10.82
C GLY C 500 -55.85 30.92 11.09
N MET C 501 -55.81 30.46 12.35
CA MET C 501 -56.32 29.12 12.60
C MET C 501 -56.94 29.08 14.00
N LYS C 502 -57.37 30.25 14.47
CA LYS C 502 -57.97 30.36 15.79
C LYS C 502 -59.16 29.42 15.89
N GLU C 503 -60.02 29.42 14.86
CA GLU C 503 -61.28 28.70 14.91
C GLU C 503 -61.03 27.20 14.92
N LEU C 504 -60.02 26.77 14.16
CA LEU C 504 -59.73 25.35 14.05
C LEU C 504 -59.32 24.79 15.40
N LEU C 505 -58.79 25.65 16.29
CA LEU C 505 -58.22 25.22 17.56
C LEU C 505 -59.31 24.99 18.61
N VAL C 506 -60.48 25.60 18.39
CA VAL C 506 -61.53 25.60 19.40
C VAL C 506 -62.75 24.80 18.93
N ALA C 507 -62.72 24.34 17.68
CA ALA C 507 -63.82 23.59 17.10
C ALA C 507 -64.13 22.37 17.97
N THR C 508 -65.35 21.83 17.84
CA THR C 508 -65.78 20.74 18.69
C THR C 508 -64.99 19.48 18.34
N LYS C 509 -64.72 19.31 17.04
CA LYS C 509 -63.87 18.26 16.52
C LYS C 509 -62.63 18.92 15.91
N ILE C 510 -61.45 18.31 16.12
CA ILE C 510 -60.20 18.85 15.61
C ILE C 510 -60.06 18.50 14.13
N ASN C 511 -60.16 19.50 13.24
CA ASN C 511 -59.88 19.28 11.83
C ASN C 511 -58.39 19.05 11.63
N SER C 512 -57.90 17.94 12.22
CA SER C 512 -56.52 17.50 12.16
C SER C 512 -55.86 17.88 10.83
N SER C 513 -56.47 17.47 9.73
CA SER C 513 -55.86 17.61 8.41
C SER C 513 -55.58 19.07 8.08
N ALA C 514 -56.39 19.99 8.61
CA ALA C 514 -56.38 21.36 8.12
C ALA C 514 -55.41 22.20 8.96
N ILE C 515 -55.16 21.73 10.17
CA ILE C 515 -54.24 22.38 11.08
C ILE C 515 -52.80 22.18 10.57
N LYS C 516 -52.44 20.92 10.26
CA LYS C 516 -51.16 20.56 9.69
C LYS C 516 -50.88 21.35 8.41
N LEU C 517 -51.91 21.48 7.56
CA LEU C 517 -51.69 22.16 6.29
C LEU C 517 -51.33 23.62 6.57
N GLN C 518 -51.77 24.14 7.71
CA GLN C 518 -51.64 25.56 8.01
C GLN C 518 -50.42 25.86 8.88
N LEU C 519 -50.02 24.87 9.70
CA LEU C 519 -48.85 24.98 10.57
C LEU C 519 -47.58 25.08 9.73
N THR C 520 -47.62 24.50 8.53
CA THR C 520 -46.52 24.52 7.57
C THR C 520 -46.89 25.45 6.41
N ALA C 521 -45.91 26.16 5.84
CA ALA C 521 -46.22 27.09 4.76
C ALA C 521 -44.95 27.76 4.22
N GLN C 522 -45.16 28.91 3.56
CA GLN C 522 -44.11 29.52 2.75
C GLN C 522 -43.67 30.85 3.36
N SER C 523 -42.39 31.19 3.10
CA SER C 523 -41.71 32.39 3.57
C SER C 523 -40.90 33.01 2.42
N GLY D 2 -11.68 -3.58 13.05
CA GLY D 2 -10.33 -3.39 12.38
C GLY D 2 -10.23 -4.10 11.02
N LEU D 3 -9.66 -3.41 10.03
CA LEU D 3 -9.65 -3.79 8.62
C LEU D 3 -8.54 -4.80 8.34
N LYS D 4 -8.61 -5.48 7.20
CA LYS D 4 -7.52 -6.35 6.77
C LYS D 4 -6.46 -5.51 6.03
N ALA D 5 -5.26 -6.08 5.86
CA ALA D 5 -4.15 -5.37 5.27
C ALA D 5 -4.37 -5.19 3.77
N ALA D 6 -5.32 -5.95 3.23
CA ALA D 6 -5.66 -5.86 1.83
C ALA D 6 -6.37 -4.53 1.55
N GLN D 7 -6.78 -3.86 2.63
CA GLN D 7 -7.55 -2.63 2.49
C GLN D 7 -6.68 -1.46 2.91
N LYS D 8 -5.86 -1.69 3.95
CA LYS D 8 -5.09 -0.61 4.54
C LYS D 8 -4.09 -0.07 3.51
N THR D 9 -3.79 -0.86 2.48
CA THR D 9 -2.69 -0.50 1.60
C THR D 9 -3.19 0.42 0.51
N LEU D 10 -4.51 0.59 0.41
CA LEU D 10 -5.06 1.49 -0.60
C LEU D 10 -5.14 2.92 -0.07
N PHE D 11 -4.94 3.07 1.25
CA PHE D 11 -4.98 4.37 1.91
C PHE D 11 -3.57 4.93 2.00
N PRO D 12 -3.41 6.26 2.09
CA PRO D 12 -4.55 7.19 2.14
C PRO D 12 -5.10 7.50 0.75
N LEU D 13 -6.32 8.03 0.70
CA LEU D 13 -6.92 8.50 -0.54
C LEU D 13 -6.69 10.00 -0.66
N ARG D 14 -5.94 10.42 -1.69
CA ARG D 14 -5.58 11.82 -1.85
C ARG D 14 -6.41 12.45 -2.97
N SER D 15 -7.30 11.67 -3.61
CA SER D 15 -7.98 12.18 -4.78
C SER D 15 -9.23 11.37 -5.08
N ILE D 16 -9.98 11.82 -6.09
CA ILE D 16 -11.14 11.13 -6.61
C ILE D 16 -10.69 9.75 -7.11
N ASP D 17 -9.64 9.77 -7.93
CA ASP D 17 -9.09 8.56 -8.54
C ASP D 17 -8.70 7.54 -7.46
N ASP D 18 -8.22 8.02 -6.31
CA ASP D 18 -7.85 7.14 -5.22
C ASP D 18 -9.11 6.44 -4.71
N VAL D 19 -10.23 7.18 -4.70
CA VAL D 19 -11.45 6.71 -4.09
C VAL D 19 -12.06 5.66 -5.01
N VAL D 20 -11.90 5.85 -6.32
CA VAL D 20 -12.33 4.86 -7.29
C VAL D 20 -11.49 3.59 -7.15
N ARG D 21 -10.16 3.75 -7.05
CA ARG D 21 -9.29 2.61 -6.83
C ARG D 21 -9.87 1.73 -5.73
N LEU D 22 -10.37 2.37 -4.67
CA LEU D 22 -10.80 1.63 -3.50
C LEU D 22 -12.05 0.85 -3.86
N PHE D 23 -12.93 1.46 -4.64
CA PHE D 23 -14.18 0.81 -4.96
C PHE D 23 -13.89 -0.37 -5.88
N ALA D 24 -12.97 -0.13 -6.83
CA ALA D 24 -12.47 -1.16 -7.74
C ALA D 24 -11.96 -2.36 -6.93
N ALA D 25 -10.98 -2.10 -6.07
CA ALA D 25 -10.43 -3.11 -5.18
C ALA D 25 -11.54 -3.91 -4.51
N GLU D 26 -12.53 -3.19 -3.99
CA GLU D 26 -13.51 -3.80 -3.10
C GLU D 26 -14.55 -4.54 -3.93
N LEU D 27 -14.81 -4.08 -5.15
CA LEU D 27 -15.86 -4.70 -5.94
C LEU D 27 -15.37 -6.04 -6.48
N GLY D 28 -14.04 -6.20 -6.55
CA GLY D 28 -13.45 -7.46 -6.96
C GLY D 28 -13.67 -8.56 -5.93
N ARG D 29 -13.61 -8.19 -4.64
CA ARG D 29 -13.84 -9.12 -3.55
C ARG D 29 -15.27 -9.61 -3.65
N GLU D 30 -15.58 -10.68 -2.90
CA GLU D 30 -16.89 -11.28 -3.03
C GLU D 30 -17.85 -10.55 -2.09
N GLU D 31 -17.30 -10.13 -0.96
CA GLU D 31 -18.02 -9.31 0.00
C GLU D 31 -17.33 -7.96 0.09
N PRO D 32 -17.64 -7.00 -0.82
CA PRO D 32 -17.18 -5.62 -0.67
C PRO D 32 -17.66 -5.12 0.69
N ASP D 33 -16.85 -4.25 1.29
CA ASP D 33 -17.05 -3.86 2.68
C ASP D 33 -17.92 -2.60 2.71
N LEU D 34 -19.22 -2.81 2.94
CA LEU D 34 -20.17 -1.73 2.82
C LEU D 34 -19.83 -0.62 3.81
N VAL D 35 -19.46 -1.04 5.02
CA VAL D 35 -19.18 -0.08 6.07
C VAL D 35 -18.01 0.79 5.65
N LEU D 36 -16.96 0.14 5.13
CA LEU D 36 -15.77 0.90 4.79
C LEU D 36 -16.09 1.83 3.62
N LEU D 37 -16.76 1.28 2.61
CA LEU D 37 -16.99 2.08 1.42
C LEU D 37 -17.87 3.29 1.78
N SER D 38 -18.81 3.06 2.71
CA SER D 38 -19.76 4.12 3.07
C SER D 38 -19.06 5.21 3.86
N LEU D 39 -18.33 4.79 4.90
CA LEU D 39 -17.54 5.73 5.68
C LEU D 39 -16.79 6.65 4.73
N VAL D 40 -16.14 6.07 3.72
CA VAL D 40 -15.19 6.84 2.94
C VAL D 40 -15.95 7.90 2.16
N LEU D 41 -17.11 7.49 1.62
CA LEU D 41 -17.96 8.34 0.82
C LEU D 41 -18.50 9.45 1.71
N GLY D 42 -18.93 9.05 2.92
CA GLY D 42 -19.39 9.96 3.96
C GLY D 42 -18.36 11.04 4.31
N PHE D 43 -17.14 10.61 4.68
CA PHE D 43 -16.00 11.48 4.94
C PHE D 43 -15.77 12.46 3.78
N VAL D 44 -15.80 11.97 2.54
CA VAL D 44 -15.42 12.83 1.44
C VAL D 44 -16.51 13.88 1.24
N GLU D 45 -17.77 13.44 1.36
CA GLU D 45 -18.91 14.29 1.06
C GLU D 45 -18.97 15.42 2.09
N HIS D 46 -18.70 15.02 3.34
CA HIS D 46 -18.71 15.91 4.49
C HIS D 46 -17.83 17.14 4.28
N PHE D 47 -16.60 16.94 3.78
CA PHE D 47 -15.67 18.05 3.63
C PHE D 47 -15.85 18.74 2.29
N LEU D 48 -16.63 18.12 1.40
CA LEU D 48 -16.70 18.64 0.05
C LEU D 48 -18.01 19.40 -0.14
N ALA D 49 -18.98 19.11 0.73
CA ALA D 49 -20.29 19.71 0.57
C ALA D 49 -20.86 20.24 1.88
N VAL D 50 -20.68 19.53 2.99
CA VAL D 50 -21.22 19.95 4.28
C VAL D 50 -20.39 21.07 4.91
N ASN D 51 -19.11 20.81 5.18
CA ASN D 51 -18.25 21.73 5.91
C ASN D 51 -16.98 22.05 5.12
N ARG D 52 -17.08 22.91 4.12
CA ARG D 52 -16.02 23.00 3.14
C ARG D 52 -14.87 23.88 3.65
N VAL D 53 -14.99 24.35 4.89
CA VAL D 53 -13.93 25.18 5.46
C VAL D 53 -12.85 24.27 6.03
N ILE D 54 -11.64 24.42 5.47
CA ILE D 54 -10.58 23.48 5.75
C ILE D 54 -10.00 23.77 7.13
N PRO D 55 -10.17 22.85 8.12
CA PRO D 55 -9.56 22.99 9.44
C PRO D 55 -8.04 23.05 9.38
N THR D 56 -7.43 23.79 10.32
CA THR D 56 -5.99 23.92 10.42
C THR D 56 -5.48 23.13 11.62
N ASN D 57 -6.37 22.87 12.57
CA ASN D 57 -5.91 22.40 13.87
C ASN D 57 -6.53 21.06 14.20
N VAL D 58 -6.67 20.20 13.20
CA VAL D 58 -7.22 18.88 13.48
C VAL D 58 -6.13 17.83 13.24
N PRO D 59 -5.91 16.93 14.23
CA PRO D 59 -4.95 15.82 14.08
C PRO D 59 -5.34 14.86 12.97
N GLU D 60 -4.40 14.71 12.01
CA GLU D 60 -4.42 13.70 10.96
C GLU D 60 -5.22 14.19 9.75
N LEU D 61 -5.72 15.42 9.77
CA LEU D 61 -6.58 15.85 8.68
C LEU D 61 -5.87 16.86 7.77
N THR D 62 -5.62 16.45 6.54
CA THR D 62 -4.89 17.26 5.56
C THR D 62 -5.66 17.31 4.25
N PHE D 63 -5.40 18.33 3.44
CA PHE D 63 -6.04 18.40 2.15
C PHE D 63 -5.00 18.28 1.05
N GLN D 64 -5.47 17.90 -0.14
CA GLN D 64 -4.57 17.68 -1.25
C GLN D 64 -4.95 18.64 -2.36
N PRO D 65 -4.05 19.56 -2.74
CA PRO D 65 -4.26 20.44 -3.89
C PRO D 65 -4.14 19.68 -5.21
N SER D 66 -4.81 20.20 -6.24
CA SER D 66 -4.68 19.72 -7.60
C SER D 66 -5.31 20.74 -8.54
N PRO D 67 -5.03 20.69 -9.86
CA PRO D 67 -5.61 21.66 -10.80
C PRO D 67 -7.12 21.49 -10.94
N ALA D 68 -7.82 22.63 -10.87
CA ALA D 68 -9.25 22.69 -11.10
C ALA D 68 -9.50 22.92 -12.59
N PRO D 69 -10.54 22.30 -13.19
CA PRO D 69 -10.81 22.45 -14.62
C PRO D 69 -10.91 23.92 -15.01
N ASP D 70 -10.88 24.21 -16.31
CA ASP D 70 -11.24 25.52 -16.82
C ASP D 70 -12.71 25.53 -17.23
N PRO D 71 -13.40 26.67 -17.09
CA PRO D 71 -12.76 27.92 -16.69
C PRO D 71 -12.53 28.22 -15.20
N PRO D 72 -13.10 27.44 -14.23
CA PRO D 72 -12.92 27.74 -12.81
C PRO D 72 -11.51 28.23 -12.47
N GLY D 73 -10.50 27.57 -13.04
CA GLY D 73 -9.11 28.00 -12.88
C GLY D 73 -8.59 27.71 -11.48
N GLY D 74 -7.28 27.93 -11.28
CA GLY D 74 -6.68 27.78 -9.96
C GLY D 74 -6.77 26.35 -9.43
N LEU D 75 -6.95 26.21 -8.12
CA LEU D 75 -6.76 24.92 -7.49
C LEU D 75 -8.05 24.42 -6.83
N THR D 76 -8.11 23.11 -6.61
CA THR D 76 -9.12 22.45 -5.80
C THR D 76 -8.45 21.59 -4.72
N TYR D 77 -9.02 21.63 -3.51
CA TYR D 77 -8.44 20.90 -2.39
C TYR D 77 -9.35 19.71 -2.03
N PHE D 78 -8.79 18.50 -2.10
CA PHE D 78 -9.55 17.29 -1.83
C PHE D 78 -9.19 16.74 -0.46
N PRO D 79 -10.17 16.38 0.41
CA PRO D 79 -9.86 15.94 1.77
C PRO D 79 -9.20 14.58 1.78
N VAL D 80 -8.00 14.50 2.36
CA VAL D 80 -7.19 13.29 2.32
C VAL D 80 -7.74 12.27 3.32
N ALA D 81 -8.35 11.21 2.79
CA ALA D 81 -8.87 10.13 3.61
C ALA D 81 -7.72 9.33 4.20
N ASP D 82 -7.15 9.86 5.27
CA ASP D 82 -6.05 9.21 5.95
C ASP D 82 -6.57 7.93 6.60
N LEU D 83 -5.69 6.94 6.74
CA LEU D 83 -6.07 5.63 7.27
C LEU D 83 -6.48 5.75 8.74
N SER D 84 -5.73 6.52 9.53
CA SER D 84 -5.93 6.51 10.98
C SER D 84 -7.32 7.00 11.32
N ILE D 85 -7.74 8.08 10.66
CA ILE D 85 -9.09 8.61 10.77
C ILE D 85 -10.11 7.53 10.40
N ILE D 86 -10.08 7.08 9.13
CA ILE D 86 -11.08 6.14 8.67
C ILE D 86 -11.08 4.88 9.53
N ALA D 87 -9.89 4.37 9.84
CA ALA D 87 -9.78 3.13 10.59
C ALA D 87 -10.48 3.27 11.94
N ALA D 88 -10.44 4.48 12.50
CA ALA D 88 -10.89 4.73 13.85
C ALA D 88 -12.42 4.71 13.88
N LEU D 89 -13.03 5.43 12.92
CA LEU D 89 -14.47 5.43 12.71
C LEU D 89 -14.93 4.00 12.46
N TYR D 90 -14.23 3.30 11.57
CA TYR D 90 -14.58 1.93 11.22
C TYR D 90 -14.64 1.06 12.46
N ALA D 91 -13.68 1.22 13.36
CA ALA D 91 -13.54 0.28 14.47
C ALA D 91 -14.63 0.56 15.49
N ARG D 92 -15.07 1.81 15.50
CA ARG D 92 -16.13 2.23 16.40
C ARG D 92 -17.44 1.60 15.95
N PHE D 93 -17.65 1.51 14.63
CA PHE D 93 -18.88 0.93 14.15
C PHE D 93 -18.91 -0.56 14.47
N THR D 94 -17.80 -1.24 14.18
CA THR D 94 -17.77 -2.68 14.30
C THR D 94 -17.79 -3.05 15.78
N ALA D 95 -17.28 -2.13 16.60
CA ALA D 95 -17.20 -2.36 18.03
C ALA D 95 -18.59 -2.24 18.64
N GLN D 96 -19.36 -1.25 18.17
CA GLN D 96 -20.72 -1.04 18.64
C GLN D 96 -21.53 -2.30 18.37
N ILE D 97 -21.61 -2.68 17.09
CA ILE D 97 -22.45 -3.77 16.62
C ILE D 97 -22.01 -5.10 17.27
N ARG D 98 -20.72 -5.43 17.15
CA ARG D 98 -20.25 -6.73 17.58
C ARG D 98 -20.46 -6.88 19.08
N GLY D 99 -20.34 -5.75 19.78
CA GLY D 99 -20.45 -5.75 21.23
C GLY D 99 -21.90 -5.77 21.71
N ALA D 100 -22.84 -5.54 20.78
CA ALA D 100 -24.23 -5.43 21.18
C ALA D 100 -25.03 -6.66 20.77
N VAL D 101 -24.43 -7.48 19.90
CA VAL D 101 -25.14 -8.60 19.29
C VAL D 101 -24.39 -9.89 19.57
N ASP D 102 -25.01 -10.76 20.36
CA ASP D 102 -24.39 -12.03 20.71
C ASP D 102 -24.85 -13.11 19.72
N LEU D 103 -24.01 -13.41 18.74
CA LEU D 103 -24.33 -14.39 17.72
C LEU D 103 -24.43 -15.79 18.34
N SER D 104 -24.16 -15.88 19.65
CA SER D 104 -24.20 -17.17 20.31
C SER D 104 -25.62 -17.41 20.85
N LEU D 105 -26.36 -16.33 21.06
CA LEU D 105 -27.73 -16.43 21.54
C LEU D 105 -28.65 -16.93 20.42
N TYR D 106 -28.46 -16.40 19.20
CA TYR D 106 -29.36 -16.69 18.09
C TYR D 106 -28.78 -17.83 17.24
N PRO D 107 -29.30 -19.06 17.38
CA PRO D 107 -28.74 -20.22 16.68
C PRO D 107 -28.96 -20.03 15.18
N ARG D 108 -27.87 -20.03 14.43
CA ARG D 108 -27.95 -19.75 13.01
C ARG D 108 -28.14 -21.07 12.26
N GLU D 109 -29.41 -21.41 11.98
CA GLU D 109 -29.76 -22.68 11.39
C GLU D 109 -29.31 -22.72 9.92
N GLY D 110 -28.19 -23.40 9.69
CA GLY D 110 -27.73 -23.69 8.34
C GLY D 110 -27.41 -22.41 7.55
N GLY D 111 -26.71 -21.48 8.19
CA GLY D 111 -26.19 -20.31 7.50
C GLY D 111 -27.30 -19.40 7.00
N VAL D 112 -28.48 -19.51 7.62
CA VAL D 112 -29.59 -18.62 7.33
C VAL D 112 -29.93 -17.84 8.60
N SER D 113 -30.13 -16.54 8.43
CA SER D 113 -30.41 -15.67 9.56
C SER D 113 -31.89 -15.76 9.94
N SER D 114 -32.15 -15.88 11.24
CA SER D 114 -33.48 -15.91 11.82
C SER D 114 -34.04 -14.50 11.90
N ARG D 115 -35.36 -14.40 12.04
CA ARG D 115 -36.01 -13.09 12.01
C ARG D 115 -35.66 -12.32 13.27
N GLU D 116 -35.47 -13.03 14.38
CA GLU D 116 -35.13 -12.37 15.64
C GLU D 116 -33.77 -11.71 15.51
N LEU D 117 -32.83 -12.40 14.84
CA LEU D 117 -31.50 -11.87 14.66
C LEU D 117 -31.59 -10.55 13.89
N VAL D 118 -32.34 -10.57 12.78
CA VAL D 118 -32.41 -9.44 11.86
C VAL D 118 -33.01 -8.26 12.62
N LYS D 119 -34.07 -8.55 13.37
CA LYS D 119 -34.77 -7.52 14.13
C LYS D 119 -33.86 -6.98 15.23
N LYS D 120 -33.11 -7.88 15.88
CA LYS D 120 -32.17 -7.45 16.92
C LYS D 120 -31.21 -6.42 16.33
N VAL D 121 -30.60 -6.75 15.18
CA VAL D 121 -29.65 -5.86 14.55
C VAL D 121 -30.34 -4.56 14.17
N SER D 122 -31.53 -4.69 13.59
CA SER D 122 -32.28 -3.52 13.18
C SER D 122 -32.41 -2.61 14.40
N ASP D 123 -32.69 -3.24 15.54
CA ASP D 123 -32.92 -2.53 16.80
C ASP D 123 -31.65 -1.75 17.14
N VAL D 124 -30.54 -2.49 17.22
CA VAL D 124 -29.26 -1.89 17.60
C VAL D 124 -29.05 -0.59 16.83
N ILE D 125 -29.27 -0.62 15.51
CA ILE D 125 -29.08 0.59 14.73
C ILE D 125 -30.08 1.64 15.21
N TRP D 126 -31.34 1.25 15.28
CA TRP D 126 -32.45 2.17 15.48
C TRP D 126 -32.30 2.87 16.82
N ASN D 127 -31.84 2.11 17.82
CA ASN D 127 -31.77 2.59 19.20
C ASN D 127 -30.65 3.62 19.36
N SER D 128 -29.72 3.65 18.39
CA SER D 128 -28.56 4.53 18.46
C SER D 128 -28.88 5.87 17.82
N LEU D 129 -30.08 6.00 17.26
CA LEU D 129 -30.35 7.17 16.44
C LEU D 129 -30.80 8.33 17.31
N SER D 130 -30.33 9.54 16.94
CA SER D 130 -30.84 10.79 17.48
C SER D 130 -32.27 11.00 16.98
N ARG D 131 -33.05 11.87 17.67
CA ARG D 131 -34.32 12.29 17.09
C ARG D 131 -34.03 13.00 15.77
N SER D 132 -34.91 12.84 14.77
CA SER D 132 -34.68 13.44 13.46
C SER D 132 -35.29 14.84 13.42
N TYR D 133 -34.43 15.86 13.60
CA TYR D 133 -34.89 17.19 13.97
C TYR D 133 -35.42 17.96 12.77
N PHE D 134 -34.62 18.02 11.70
CA PHE D 134 -34.96 18.82 10.53
C PHE D 134 -35.73 17.96 9.53
N LYS D 135 -36.04 18.55 8.38
CA LYS D 135 -36.89 17.91 7.39
C LYS D 135 -36.12 16.75 6.76
N ASP D 136 -35.89 16.86 5.45
CA ASP D 136 -35.04 15.91 4.77
C ASP D 136 -33.62 16.46 4.84
N ARG D 137 -32.92 16.16 5.94
CA ARG D 137 -31.57 16.66 6.06
C ARG D 137 -30.68 15.97 5.01
N ALA D 138 -30.10 16.77 4.12
CA ALA D 138 -29.16 16.25 3.14
C ALA D 138 -27.90 15.78 3.88
N HIS D 139 -27.20 14.81 3.29
CA HIS D 139 -25.94 14.30 3.80
C HIS D 139 -26.07 13.58 5.14
N ILE D 140 -27.08 12.71 5.32
CA ILE D 140 -27.03 11.83 6.48
C ILE D 140 -27.35 10.40 6.08
N GLN D 141 -26.78 9.97 4.95
CA GLN D 141 -27.06 8.65 4.41
C GLN D 141 -25.89 7.73 4.74
N SER D 142 -24.71 8.33 4.86
CA SER D 142 -23.47 7.59 5.06
C SER D 142 -23.35 7.11 6.50
N LEU D 143 -22.64 5.99 6.67
CA LEU D 143 -22.33 5.50 8.00
C LEU D 143 -21.34 6.46 8.64
N PHE D 144 -20.78 7.37 7.84
CA PHE D 144 -19.93 8.38 8.45
C PHE D 144 -20.82 9.24 9.31
N SER D 145 -21.95 9.63 8.74
CA SER D 145 -22.92 10.42 9.44
C SER D 145 -23.47 9.63 10.64
N PHE D 146 -23.79 8.35 10.45
CA PHE D 146 -24.27 7.57 11.58
C PHE D 146 -23.26 7.54 12.72
N ILE D 147 -21.98 7.25 12.44
CA ILE D 147 -21.01 7.20 13.52
C ILE D 147 -20.80 8.59 14.13
N THR D 148 -20.44 9.56 13.29
CA THR D 148 -20.04 10.86 13.79
C THR D 148 -21.20 11.62 14.44
N GLY D 149 -22.45 11.30 14.06
CA GLY D 149 -23.53 12.18 14.48
C GLY D 149 -24.77 11.44 14.97
N THR D 150 -24.73 10.11 14.94
CA THR D 150 -25.91 9.30 15.16
C THR D 150 -27.14 9.86 14.43
N LYS D 151 -26.95 10.32 13.18
CA LYS D 151 -28.06 10.79 12.36
C LYS D 151 -28.07 10.03 11.02
N LEU D 152 -29.22 9.46 10.67
CA LEU D 152 -29.41 8.81 9.37
C LEU D 152 -30.80 9.14 8.83
N ASP D 153 -30.90 9.38 7.52
CA ASP D 153 -32.19 9.47 6.85
C ASP D 153 -32.83 8.10 6.67
N SER D 154 -33.97 8.09 5.96
CA SER D 154 -34.87 6.93 5.92
C SER D 154 -34.14 5.67 5.47
N SER D 155 -33.72 5.66 4.19
CA SER D 155 -33.10 4.52 3.55
C SER D 155 -31.75 4.26 4.19
N GLY D 156 -31.05 5.36 4.53
CA GLY D 156 -29.84 5.32 5.32
C GLY D 156 -29.89 4.25 6.43
N VAL D 157 -30.99 4.24 7.21
CA VAL D 157 -31.12 3.28 8.30
C VAL D 157 -30.98 1.87 7.75
N ALA D 158 -31.80 1.61 6.71
CA ALA D 158 -31.90 0.31 6.07
C ALA D 158 -30.50 -0.11 5.65
N PHE D 159 -29.83 0.78 4.92
CA PHE D 159 -28.47 0.50 4.48
C PHE D 159 -27.63 0.11 5.69
N ALA D 160 -27.71 0.90 6.75
CA ALA D 160 -26.89 0.63 7.92
C ALA D 160 -27.28 -0.70 8.55
N VAL D 161 -28.52 -1.14 8.42
CA VAL D 161 -28.82 -2.40 9.05
C VAL D 161 -28.13 -3.51 8.29
N VAL D 162 -27.96 -3.29 6.99
CA VAL D 162 -27.34 -4.30 6.14
C VAL D 162 -25.84 -4.29 6.40
N GLY D 163 -25.25 -3.09 6.44
CA GLY D 163 -23.87 -2.93 6.86
C GLY D 163 -23.60 -3.64 8.18
N ALA D 164 -24.48 -3.44 9.15
CA ALA D 164 -24.34 -4.07 10.45
C ALA D 164 -24.33 -5.57 10.27
N CYS D 165 -25.30 -6.06 9.50
CA CYS D 165 -25.44 -7.50 9.31
C CYS D 165 -24.21 -8.05 8.62
N GLN D 166 -23.68 -7.32 7.65
CA GLN D 166 -22.44 -7.74 7.01
C GLN D 166 -21.38 -7.90 8.08
N ALA D 167 -21.24 -6.89 8.94
CA ALA D 167 -20.18 -6.87 9.93
C ALA D 167 -20.28 -8.05 10.89
N LEU D 168 -21.48 -8.65 10.97
CA LEU D 168 -21.67 -9.76 11.89
C LEU D 168 -21.48 -11.08 11.16
N GLY D 169 -21.20 -10.99 9.85
CA GLY D 169 -20.98 -12.15 9.01
C GLY D 169 -22.29 -12.83 8.60
N LEU D 170 -23.41 -12.14 8.80
CA LEU D 170 -24.69 -12.58 8.27
C LEU D 170 -24.72 -12.30 6.77
N ARG D 171 -24.38 -13.31 5.97
CA ARG D 171 -24.15 -13.06 4.57
C ARG D 171 -25.47 -13.01 3.81
N ASP D 172 -26.59 -13.28 4.50
CA ASP D 172 -27.83 -13.54 3.79
C ASP D 172 -28.83 -12.39 3.96
N VAL D 173 -28.45 -11.31 4.65
CA VAL D 173 -29.37 -10.19 4.78
C VAL D 173 -29.01 -9.18 3.71
N HIS D 174 -30.00 -8.81 2.87
CA HIS D 174 -29.73 -7.93 1.75
C HIS D 174 -30.69 -6.74 1.73
N LEU D 175 -30.26 -5.66 1.05
CA LEU D 175 -31.06 -4.45 0.93
C LEU D 175 -32.13 -4.60 -0.17
N ALA D 176 -33.40 -4.38 0.19
CA ALA D 176 -34.49 -4.29 -0.76
C ALA D 176 -34.79 -2.82 -1.05
N LEU D 177 -34.95 -2.44 -2.33
CA LEU D 177 -35.17 -1.05 -2.66
C LEU D 177 -36.44 -0.90 -3.51
N SER D 178 -37.37 -0.08 -3.02
CA SER D 178 -38.50 0.36 -3.80
C SER D 178 -38.07 1.56 -4.65
N GLU D 179 -39.03 2.39 -5.09
CA GLU D 179 -38.68 3.63 -5.78
C GLU D 179 -38.72 4.79 -4.77
N ASP D 180 -39.05 4.46 -3.51
CA ASP D 180 -39.23 5.53 -2.55
C ASP D 180 -39.17 4.98 -1.13
N HIS D 181 -38.95 3.67 -1.00
CA HIS D 181 -38.80 3.08 0.32
C HIS D 181 -37.69 2.05 0.28
N ALA D 182 -37.40 1.42 1.42
CA ALA D 182 -36.28 0.52 1.53
C ALA D 182 -36.48 -0.37 2.75
N TRP D 183 -36.09 -1.64 2.64
CA TRP D 183 -36.20 -2.55 3.76
C TRP D 183 -35.16 -3.64 3.59
N VAL D 184 -35.47 -4.81 4.13
CA VAL D 184 -34.46 -5.84 4.19
C VAL D 184 -35.08 -7.17 3.75
N VAL D 185 -34.34 -7.92 2.94
CA VAL D 185 -34.71 -9.29 2.63
C VAL D 185 -33.64 -10.20 3.22
N PHE D 186 -34.07 -11.41 3.58
CA PHE D 186 -33.15 -12.40 4.10
C PHE D 186 -33.76 -13.79 3.92
N GLY D 187 -33.16 -14.78 4.57
CA GLY D 187 -33.77 -16.09 4.66
C GLY D 187 -33.39 -16.96 3.47
N PRO D 188 -33.77 -18.27 3.51
CA PRO D 188 -33.41 -19.23 2.47
C PRO D 188 -33.32 -18.67 1.06
N ASN D 189 -34.42 -18.16 0.52
CA ASN D 189 -34.41 -17.85 -0.90
C ASN D 189 -34.22 -16.34 -1.11
N GLY D 190 -34.06 -15.61 0.00
CA GLY D 190 -34.16 -14.17 -0.04
C GLY D 190 -35.62 -13.77 -0.12
N GLU D 191 -36.45 -14.53 0.61
CA GLU D 191 -37.89 -14.52 0.43
C GLU D 191 -38.58 -14.01 1.70
N GLN D 192 -37.85 -14.00 2.81
CA GLN D 192 -38.34 -13.36 4.03
C GLN D 192 -38.06 -11.87 3.97
N THR D 193 -39.00 -11.06 4.47
CA THR D 193 -38.78 -9.62 4.50
C THR D 193 -39.09 -9.03 5.88
N ALA D 194 -38.41 -7.92 6.20
CA ALA D 194 -38.64 -7.17 7.42
C ALA D 194 -38.36 -5.68 7.16
N GLU D 195 -39.28 -4.85 7.65
CA GLU D 195 -39.10 -3.40 7.69
C GLU D 195 -38.08 -3.05 8.77
N VAL D 196 -37.30 -1.99 8.52
CA VAL D 196 -36.27 -1.59 9.46
C VAL D 196 -36.17 -0.07 9.56
N THR D 197 -37.01 0.63 8.80
CA THR D 197 -36.93 2.07 8.83
C THR D 197 -38.33 2.67 8.83
N TRP D 198 -38.42 3.99 8.77
CA TRP D 198 -39.71 4.65 8.80
C TRP D 198 -40.03 5.05 7.36
N HIS D 199 -41.26 5.50 7.09
CA HIS D 199 -41.53 6.13 5.81
C HIS D 199 -42.41 7.37 5.98
N GLY D 200 -42.12 8.41 5.19
CA GLY D 200 -42.89 9.65 5.20
C GLY D 200 -42.75 10.38 6.54
N LYS D 201 -43.75 11.17 6.92
CA LYS D 201 -43.75 11.77 8.24
C LYS D 201 -44.23 10.76 9.29
N GLY D 202 -43.31 10.37 10.18
CA GLY D 202 -43.61 9.42 11.26
C GLY D 202 -43.59 7.98 10.77
N ASN D 203 -44.51 7.16 11.31
CA ASN D 203 -44.78 5.81 10.80
C ASN D 203 -43.56 4.91 10.94
N GLU D 204 -42.93 4.94 12.13
CA GLU D 204 -41.78 4.11 12.45
C GLU D 204 -42.27 2.83 13.12
N ASP D 205 -43.54 2.49 12.83
CA ASP D 205 -44.23 1.42 13.52
C ASP D 205 -44.13 0.15 12.71
N ARG D 206 -44.03 0.30 11.38
CA ARG D 206 -44.10 -0.83 10.47
C ARG D 206 -42.97 -1.82 10.77
N ARG D 207 -41.96 -1.36 11.52
CA ARG D 207 -40.71 -2.07 11.69
C ARG D 207 -40.99 -3.46 12.27
N GLY D 208 -40.37 -4.49 11.68
CA GLY D 208 -40.54 -5.84 12.20
C GLY D 208 -41.54 -6.67 11.39
N GLN D 209 -42.50 -6.00 10.75
CA GLN D 209 -43.49 -6.70 9.95
C GLN D 209 -42.88 -7.00 8.59
N THR D 210 -43.60 -7.82 7.80
CA THR D 210 -43.21 -8.12 6.44
C THR D 210 -43.67 -6.99 5.51
N VAL D 211 -43.50 -7.17 4.20
CA VAL D 211 -43.98 -6.16 3.28
C VAL D 211 -45.18 -6.69 2.51
N ASN D 212 -45.79 -7.77 3.03
CA ASN D 212 -46.77 -8.53 2.27
C ASN D 212 -47.98 -7.67 1.96
N ALA D 213 -48.57 -7.12 3.03
CA ALA D 213 -49.76 -6.31 2.91
C ALA D 213 -49.50 -5.12 1.98
N GLY D 214 -48.25 -4.66 1.93
CA GLY D 214 -47.94 -3.51 1.10
C GLY D 214 -47.98 -3.89 -0.39
N VAL D 215 -47.51 -5.11 -0.67
CA VAL D 215 -47.51 -5.60 -2.04
C VAL D 215 -48.96 -5.92 -2.42
N ALA D 216 -49.69 -6.48 -1.46
CA ALA D 216 -51.07 -6.92 -1.66
C ALA D 216 -51.96 -5.75 -2.07
N GLU D 217 -51.82 -4.60 -1.40
CA GLU D 217 -52.69 -3.45 -1.61
C GLU D 217 -52.27 -2.67 -2.86
N ARG D 218 -51.34 -3.23 -3.63
CA ARG D 218 -51.01 -2.71 -4.95
C ARG D 218 -50.62 -1.24 -4.88
N SER D 219 -49.91 -0.86 -3.80
CA SER D 219 -49.32 0.47 -3.67
C SER D 219 -48.02 0.56 -4.46
N TRP D 220 -47.58 1.79 -4.74
CA TRP D 220 -46.40 2.05 -5.56
C TRP D 220 -45.17 1.95 -4.67
N LEU D 221 -45.42 2.07 -3.36
CA LEU D 221 -44.35 2.00 -2.38
C LEU D 221 -43.68 0.62 -2.44
N TYR D 222 -44.45 -0.41 -2.75
CA TYR D 222 -43.90 -1.74 -2.73
C TYR D 222 -43.92 -2.33 -4.13
N LEU D 223 -44.19 -1.47 -5.11
CA LEU D 223 -44.04 -1.82 -6.51
C LEU D 223 -44.71 -3.16 -6.84
N LYS D 224 -45.81 -3.46 -6.12
CA LYS D 224 -46.61 -4.65 -6.36
C LYS D 224 -45.73 -5.90 -6.33
N GLY D 225 -44.59 -5.83 -5.65
CA GLY D 225 -43.69 -6.96 -5.54
C GLY D 225 -42.50 -6.90 -6.50
N SER D 226 -42.51 -5.98 -7.47
CA SER D 226 -41.40 -5.89 -8.42
C SER D 226 -40.37 -4.85 -7.99
N TYR D 227 -40.03 -4.86 -6.70
CA TYR D 227 -38.97 -4.01 -6.19
C TYR D 227 -37.61 -4.63 -6.46
N MET D 228 -36.53 -3.92 -6.08
CA MET D 228 -35.17 -4.41 -6.24
C MET D 228 -34.78 -5.24 -5.02
N ARG D 229 -34.12 -6.38 -5.26
CA ARG D 229 -33.45 -7.13 -4.20
C ARG D 229 -31.95 -7.13 -4.50
N CYS D 230 -31.19 -6.41 -3.67
CA CYS D 230 -29.80 -6.18 -4.02
C CYS D 230 -28.99 -7.39 -3.60
N ASP D 231 -27.86 -7.58 -4.31
CA ASP D 231 -26.72 -8.34 -3.82
C ASP D 231 -25.68 -7.34 -3.30
N ARG D 232 -24.54 -7.82 -2.82
CA ARG D 232 -23.57 -6.90 -2.25
C ARG D 232 -23.17 -5.86 -3.29
N LYS D 233 -23.30 -6.20 -4.57
CA LYS D 233 -22.69 -5.34 -5.57
C LYS D 233 -23.64 -4.18 -5.84
N MET D 234 -24.94 -4.47 -5.74
CA MET D 234 -25.95 -3.45 -5.98
C MET D 234 -26.06 -2.56 -4.75
N GLU D 235 -25.84 -3.16 -3.56
CA GLU D 235 -25.72 -2.38 -2.35
C GLU D 235 -24.63 -1.33 -2.52
N VAL D 236 -23.54 -1.66 -3.21
CA VAL D 236 -22.53 -0.66 -3.47
C VAL D 236 -23.05 0.37 -4.47
N ALA D 237 -23.87 -0.08 -5.42
CA ALA D 237 -24.39 0.85 -6.42
C ALA D 237 -25.29 1.85 -5.72
N PHE D 238 -26.03 1.36 -4.71
CA PHE D 238 -27.01 2.18 -4.04
C PHE D 238 -26.34 3.37 -3.35
N MET D 239 -25.26 3.08 -2.61
CA MET D 239 -24.56 4.06 -1.81
C MET D 239 -23.87 5.09 -2.70
N VAL D 240 -23.53 4.68 -3.93
CA VAL D 240 -22.95 5.60 -4.89
C VAL D 240 -24.03 6.53 -5.41
N CYS D 241 -25.26 5.99 -5.48
CA CYS D 241 -26.40 6.78 -5.89
C CYS D 241 -26.73 7.74 -4.75
N ALA D 242 -26.38 7.31 -3.53
CA ALA D 242 -26.71 8.05 -2.32
C ALA D 242 -25.78 9.24 -2.16
N ILE D 243 -24.65 9.23 -2.89
CA ILE D 243 -23.79 10.41 -2.85
C ILE D 243 -24.65 11.62 -3.22
N ASN D 244 -24.50 12.70 -2.44
CA ASN D 244 -25.39 13.83 -2.57
C ASN D 244 -24.59 15.11 -2.81
N PRO D 245 -24.24 15.45 -4.07
CA PRO D 245 -23.37 16.60 -4.34
C PRO D 245 -23.87 17.98 -3.93
N SER D 246 -25.07 18.03 -3.35
CA SER D 246 -25.71 19.30 -3.01
C SER D 246 -24.98 20.03 -1.90
N ILE D 247 -24.46 21.22 -2.23
CA ILE D 247 -23.90 22.11 -1.24
C ILE D 247 -25.07 22.85 -0.60
N ASP D 248 -25.90 23.49 -1.44
CA ASP D 248 -27.13 24.09 -0.98
C ASP D 248 -28.20 23.94 -2.06
N LEU D 249 -29.09 24.94 -2.14
CA LEU D 249 -30.26 24.91 -3.02
C LEU D 249 -29.85 24.90 -4.48
N HIS D 250 -28.82 25.67 -4.84
CA HIS D 250 -28.49 25.90 -6.24
C HIS D 250 -27.00 25.75 -6.52
N THR D 251 -26.29 25.07 -5.62
CA THR D 251 -24.86 24.88 -5.79
C THR D 251 -24.53 23.41 -5.54
N ASP D 252 -23.73 22.84 -6.46
CA ASP D 252 -23.31 21.45 -6.37
C ASP D 252 -21.79 21.37 -6.24
N SER D 253 -21.31 20.36 -5.52
CA SER D 253 -19.88 20.09 -5.45
C SER D 253 -19.42 19.46 -6.75
N LEU D 254 -18.55 20.15 -7.52
CA LEU D 254 -18.10 19.57 -8.78
C LEU D 254 -17.40 18.24 -8.52
N GLU D 255 -16.58 18.21 -7.47
CA GLU D 255 -15.82 17.01 -7.15
C GLU D 255 -16.76 15.86 -6.84
N LEU D 256 -17.79 16.10 -6.03
CA LEU D 256 -18.67 15.01 -5.67
C LEU D 256 -19.45 14.53 -6.91
N LEU D 257 -19.68 15.44 -7.85
CA LEU D 257 -20.35 15.02 -9.07
C LEU D 257 -19.42 14.06 -9.79
N GLN D 258 -18.22 14.57 -10.07
CA GLN D 258 -17.18 13.85 -10.80
C GLN D 258 -16.95 12.48 -10.15
N LEU D 259 -16.95 12.40 -8.82
CA LEU D 259 -16.76 11.13 -8.16
C LEU D 259 -17.94 10.19 -8.45
N GLN D 260 -19.17 10.69 -8.27
CA GLN D 260 -20.35 9.86 -8.47
C GLN D 260 -20.40 9.37 -9.92
N GLN D 261 -20.23 10.29 -10.86
CA GLN D 261 -20.13 9.98 -12.26
C GLN D 261 -19.17 8.81 -12.47
N LYS D 262 -17.92 8.93 -12.00
CA LYS D 262 -16.92 7.89 -12.20
C LYS D 262 -17.33 6.56 -11.58
N LEU D 263 -17.71 6.60 -10.31
CA LEU D 263 -18.14 5.40 -9.60
C LEU D 263 -19.28 4.69 -10.32
N LEU D 264 -20.16 5.44 -11.00
CA LEU D 264 -21.27 4.78 -11.65
C LEU D 264 -20.82 4.13 -12.95
N TRP D 265 -19.80 4.73 -13.58
CA TRP D 265 -19.20 4.12 -14.76
C TRP D 265 -18.50 2.82 -14.35
N LEU D 266 -17.68 2.91 -13.30
CA LEU D 266 -17.03 1.71 -12.80
C LEU D 266 -18.06 0.59 -12.60
N LEU D 267 -19.21 0.92 -12.01
CA LEU D 267 -20.20 -0.09 -11.67
C LEU D 267 -20.88 -0.56 -12.95
N TYR D 268 -20.91 0.34 -13.94
CA TYR D 268 -21.59 0.06 -15.19
C TYR D 268 -20.78 -0.94 -16.00
N ASP D 269 -19.47 -0.69 -16.14
CA ASP D 269 -18.57 -1.60 -16.83
C ASP D 269 -18.67 -2.99 -16.22
N LEU D 270 -18.63 -3.08 -14.89
CA LEU D 270 -18.66 -4.37 -14.24
C LEU D 270 -20.05 -4.97 -14.32
N GLY D 271 -20.97 -4.28 -15.03
CA GLY D 271 -22.31 -4.78 -15.28
C GLY D 271 -23.20 -4.84 -14.05
N HIS D 272 -22.96 -3.96 -13.07
CA HIS D 272 -23.66 -3.94 -11.80
C HIS D 272 -24.83 -2.94 -11.79
N LEU D 273 -24.97 -2.15 -12.86
CA LEU D 273 -26.17 -1.36 -12.97
C LEU D 273 -27.21 -2.09 -13.82
N GLU D 274 -26.96 -3.38 -14.10
CA GLU D 274 -27.78 -4.10 -15.07
C GLU D 274 -29.24 -4.08 -14.62
N ARG D 275 -29.47 -4.31 -13.32
CA ARG D 275 -30.81 -4.43 -12.81
C ARG D 275 -31.17 -3.20 -11.98
N TYR D 276 -30.55 -2.06 -12.30
CA TYR D 276 -30.70 -0.88 -11.47
C TYR D 276 -31.13 0.32 -12.32
N PRO D 277 -32.41 0.38 -12.74
CA PRO D 277 -32.91 1.44 -13.62
C PRO D 277 -32.59 2.85 -13.10
N MET D 278 -33.01 3.14 -11.86
CA MET D 278 -32.80 4.46 -11.28
C MET D 278 -31.34 4.85 -11.47
N ALA D 279 -30.45 3.88 -11.21
CA ALA D 279 -29.03 4.13 -11.23
C ALA D 279 -28.58 4.54 -12.62
N LEU D 280 -29.21 3.91 -13.62
CA LEU D 280 -28.87 4.18 -15.02
C LEU D 280 -29.44 5.53 -15.41
N GLY D 281 -30.63 5.84 -14.87
CA GLY D 281 -31.23 7.15 -15.02
C GLY D 281 -30.38 8.24 -14.38
N ASN D 282 -29.81 7.93 -13.20
CA ASN D 282 -28.96 8.85 -12.46
C ASN D 282 -27.70 9.12 -13.29
N LEU D 283 -27.05 8.06 -13.79
CA LEU D 283 -25.83 8.24 -14.57
C LEU D 283 -26.13 9.08 -15.81
N ALA D 284 -27.33 8.88 -16.37
CA ALA D 284 -27.71 9.60 -17.57
C ALA D 284 -27.81 11.09 -17.26
N ASP D 285 -28.46 11.42 -16.13
CA ASP D 285 -28.65 12.79 -15.66
C ASP D 285 -27.28 13.45 -15.49
N LEU D 286 -26.28 12.67 -15.04
CA LEU D 286 -24.94 13.16 -14.78
C LEU D 286 -24.20 13.41 -16.09
N GLU D 287 -24.57 12.66 -17.13
CA GLU D 287 -23.89 12.78 -18.41
C GLU D 287 -24.42 14.00 -19.17
N GLU D 288 -25.69 14.35 -18.92
CA GLU D 288 -26.28 15.53 -19.55
C GLU D 288 -25.48 16.77 -19.19
N LEU D 289 -25.10 16.91 -17.90
CA LEU D 289 -24.34 18.06 -17.44
C LEU D 289 -22.90 17.95 -17.91
N GLU D 290 -22.23 16.85 -17.55
CA GLU D 290 -20.81 16.66 -17.87
C GLU D 290 -20.63 15.39 -18.69
N PRO D 291 -20.69 15.45 -20.03
CA PRO D 291 -20.53 14.26 -20.86
C PRO D 291 -19.08 13.80 -20.77
N THR D 292 -18.86 12.50 -20.54
CA THR D 292 -17.51 11.94 -20.52
C THR D 292 -17.24 11.28 -21.88
N PRO D 293 -16.11 11.63 -22.52
CA PRO D 293 -15.86 11.26 -23.91
C PRO D 293 -15.89 9.74 -24.14
N GLY D 294 -16.56 9.33 -25.21
CA GLY D 294 -16.53 7.93 -25.62
C GLY D 294 -17.42 7.07 -24.73
N ARG D 295 -18.47 7.70 -24.18
CA ARG D 295 -19.47 6.99 -23.41
C ARG D 295 -20.83 7.23 -24.07
N PRO D 296 -21.76 6.27 -23.94
CA PRO D 296 -23.13 6.47 -24.41
C PRO D 296 -23.69 7.87 -24.19
N ASP D 297 -24.65 8.26 -25.05
CA ASP D 297 -25.51 9.43 -24.91
C ASP D 297 -26.40 9.27 -23.69
N PRO D 298 -26.79 10.39 -23.03
CA PRO D 298 -27.87 10.34 -22.06
C PRO D 298 -29.04 9.48 -22.54
N LEU D 299 -29.52 9.80 -23.74
CA LEU D 299 -30.68 9.15 -24.33
C LEU D 299 -30.50 7.63 -24.30
N THR D 300 -29.30 7.19 -24.69
CA THR D 300 -28.99 5.77 -24.72
C THR D 300 -29.18 5.16 -23.32
N LEU D 301 -28.74 5.89 -22.30
CA LEU D 301 -28.79 5.34 -20.96
C LEU D 301 -30.22 5.34 -20.44
N TYR D 302 -30.97 6.42 -20.70
CA TYR D 302 -32.34 6.46 -20.21
C TYR D 302 -33.08 5.24 -20.74
N HIS D 303 -32.83 4.94 -22.02
CA HIS D 303 -33.48 3.84 -22.71
C HIS D 303 -33.06 2.52 -22.06
N LYS D 304 -31.75 2.38 -21.77
CA LYS D 304 -31.23 1.22 -21.07
C LYS D 304 -31.98 1.03 -19.75
N GLY D 305 -32.33 2.12 -19.10
CA GLY D 305 -32.99 2.00 -17.80
C GLY D 305 -34.40 1.45 -17.94
N ILE D 306 -35.09 1.92 -19.00
CA ILE D 306 -36.43 1.47 -19.32
C ILE D 306 -36.38 -0.01 -19.69
N ALA D 307 -35.33 -0.36 -20.45
CA ALA D 307 -34.95 -1.74 -20.75
C ALA D 307 -34.95 -2.57 -19.47
N SER D 308 -34.06 -2.16 -18.54
CA SER D 308 -33.82 -2.86 -17.30
C SER D 308 -35.14 -3.16 -16.59
N ALA D 309 -35.97 -2.12 -16.45
CA ALA D 309 -37.18 -2.22 -15.66
C ALA D 309 -38.14 -3.18 -16.34
N LYS D 310 -38.09 -3.15 -17.68
CA LYS D 310 -38.95 -3.96 -18.52
C LYS D 310 -38.58 -5.43 -18.37
N THR D 311 -37.29 -5.73 -18.55
CA THR D 311 -36.79 -7.08 -18.36
C THR D 311 -37.00 -7.56 -16.92
N TYR D 312 -36.35 -6.90 -15.93
CA TYR D 312 -36.19 -7.50 -14.63
C TYR D 312 -37.32 -7.15 -13.65
N TYR D 313 -38.08 -6.09 -13.92
CA TYR D 313 -39.07 -5.64 -12.95
C TYR D 313 -40.49 -5.61 -13.51
N ARG D 314 -40.76 -6.48 -14.49
CA ARG D 314 -42.12 -6.67 -15.00
C ARG D 314 -42.66 -5.35 -15.55
N ASP D 315 -41.74 -4.42 -15.86
CA ASP D 315 -42.10 -3.09 -16.31
C ASP D 315 -43.11 -2.43 -15.38
N GLU D 316 -42.79 -2.36 -14.09
CA GLU D 316 -43.66 -1.81 -13.07
C GLU D 316 -43.06 -0.54 -12.46
N HIS D 317 -41.93 -0.08 -13.04
CA HIS D 317 -41.23 1.05 -12.48
C HIS D 317 -41.72 2.33 -13.15
N ILE D 318 -41.72 3.43 -12.38
CA ILE D 318 -42.25 4.71 -12.82
C ILE D 318 -41.12 5.64 -13.24
N TYR D 319 -40.05 5.69 -12.44
CA TYR D 319 -39.11 6.78 -12.65
C TYR D 319 -38.41 6.64 -13.99
N PRO D 320 -38.19 5.42 -14.53
CA PRO D 320 -37.41 5.27 -15.75
C PRO D 320 -38.04 6.10 -16.86
N TYR D 321 -39.38 6.25 -16.82
CA TYR D 321 -40.14 6.97 -17.84
C TYR D 321 -40.08 8.49 -17.63
N MET D 322 -40.28 8.92 -16.38
CA MET D 322 -40.10 10.31 -15.97
C MET D 322 -38.68 10.79 -16.30
N TYR D 323 -37.67 9.99 -15.93
CA TYR D 323 -36.29 10.24 -16.35
C TYR D 323 -36.32 10.61 -17.82
N LEU D 324 -37.01 9.80 -18.64
CA LEU D 324 -36.95 9.98 -20.08
C LEU D 324 -37.71 11.23 -20.45
N ALA D 325 -38.89 11.38 -19.86
CA ALA D 325 -39.73 12.54 -20.11
C ALA D 325 -38.91 13.80 -19.85
N GLY D 326 -38.38 13.88 -18.63
CA GLY D 326 -37.57 14.98 -18.14
C GLY D 326 -36.51 15.43 -19.14
N TYR D 327 -35.84 14.47 -19.76
CA TYR D 327 -34.81 14.81 -20.73
C TYR D 327 -35.46 15.50 -21.93
N HIS D 328 -36.63 15.00 -22.35
CA HIS D 328 -37.24 15.50 -23.58
C HIS D 328 -37.81 16.89 -23.33
N CYS D 329 -38.25 17.11 -22.08
CA CYS D 329 -38.81 18.38 -21.66
C CYS D 329 -37.71 19.45 -21.74
N ARG D 330 -36.54 19.12 -21.22
CA ARG D 330 -35.43 20.05 -21.17
C ARG D 330 -34.89 20.31 -22.58
N ASN D 331 -35.31 19.52 -23.58
CA ASN D 331 -34.84 19.73 -24.93
C ASN D 331 -35.96 20.28 -25.82
N ARG D 332 -37.13 20.50 -25.21
CA ARG D 332 -38.33 20.98 -25.89
C ARG D 332 -38.65 20.08 -27.08
N ASN D 333 -38.75 18.77 -26.83
CA ASN D 333 -39.21 17.82 -27.82
C ASN D 333 -40.62 17.37 -27.41
N VAL D 334 -41.62 18.17 -27.80
CA VAL D 334 -42.94 18.14 -27.20
C VAL D 334 -43.59 16.78 -27.42
N ARG D 335 -43.38 16.21 -28.62
CA ARG D 335 -43.95 14.93 -28.99
C ARG D 335 -43.47 13.86 -28.00
N GLU D 336 -42.17 13.53 -28.11
CA GLU D 336 -41.52 12.53 -27.28
C GLU D 336 -41.92 12.70 -25.81
N ALA D 337 -41.86 13.97 -25.37
CA ALA D 337 -42.08 14.34 -23.98
C ALA D 337 -43.48 13.92 -23.52
N LEU D 338 -44.47 14.14 -24.39
CA LEU D 338 -45.85 13.84 -24.06
C LEU D 338 -46.07 12.33 -24.12
N GLN D 339 -45.48 11.70 -25.13
CA GLN D 339 -45.48 10.25 -25.25
C GLN D 339 -45.03 9.65 -23.93
N ALA D 340 -43.85 10.09 -23.48
CA ALA D 340 -43.20 9.54 -22.30
C ALA D 340 -44.06 9.76 -21.05
N TRP D 341 -44.71 10.92 -20.95
CA TRP D 341 -45.55 11.16 -19.79
C TRP D 341 -46.67 10.13 -19.78
N ALA D 342 -47.22 9.88 -20.97
CA ALA D 342 -48.33 8.95 -21.14
C ALA D 342 -47.85 7.54 -20.74
N ASP D 343 -46.73 7.13 -21.32
CA ASP D 343 -46.09 5.87 -20.96
C ASP D 343 -46.02 5.76 -19.43
N THR D 344 -45.51 6.81 -18.80
CA THR D 344 -45.39 6.88 -17.36
C THR D 344 -46.74 6.58 -16.71
N ALA D 345 -47.77 7.29 -17.17
CA ALA D 345 -49.09 7.13 -16.60
C ALA D 345 -49.60 5.73 -16.91
N THR D 346 -49.26 5.24 -18.11
CA THR D 346 -49.72 3.93 -18.50
C THR D 346 -49.30 2.93 -17.45
N VAL D 347 -48.08 3.08 -16.93
CA VAL D 347 -47.52 2.15 -15.97
C VAL D 347 -48.20 2.28 -14.61
N ILE D 348 -48.58 3.51 -14.24
CA ILE D 348 -49.16 3.73 -12.93
C ILE D 348 -50.59 3.21 -12.90
N GLN D 349 -51.22 3.12 -14.08
CA GLN D 349 -52.66 2.88 -14.21
C GLN D 349 -53.05 1.60 -13.46
N ASP D 350 -52.07 0.69 -13.36
CA ASP D 350 -52.31 -0.64 -12.84
C ASP D 350 -51.98 -0.71 -11.35
N TYR D 351 -51.91 0.48 -10.72
CA TYR D 351 -51.66 0.59 -9.30
C TYR D 351 -52.88 1.18 -8.60
N ASN D 352 -52.83 1.20 -7.26
CA ASN D 352 -53.89 1.73 -6.43
C ASN D 352 -53.30 2.68 -5.38
N TYR D 353 -53.45 3.98 -5.65
CA TYR D 353 -52.88 5.05 -4.85
C TYR D 353 -53.19 4.89 -3.37
N CYS D 354 -52.14 4.84 -2.54
CA CYS D 354 -52.32 4.75 -1.10
C CYS D 354 -51.75 6.00 -0.43
N ARG D 355 -51.87 6.03 0.90
CA ARG D 355 -51.48 7.20 1.66
C ARG D 355 -50.01 7.48 1.34
N GLU D 356 -49.21 6.42 1.50
CA GLU D 356 -47.77 6.50 1.55
C GLU D 356 -47.18 6.69 0.14
N ASP D 357 -48.04 6.81 -0.88
CA ASP D 357 -47.54 7.01 -2.24
C ASP D 357 -47.46 8.50 -2.54
N GLU D 358 -47.75 9.31 -1.51
CA GLU D 358 -47.81 10.77 -1.59
C GLU D 358 -46.76 11.30 -2.56
N GLU D 359 -45.57 10.68 -2.58
CA GLU D 359 -44.43 11.22 -3.30
C GLU D 359 -44.67 11.24 -4.81
N ILE D 360 -45.33 10.21 -5.32
CA ILE D 360 -45.46 10.06 -6.77
C ILE D 360 -46.68 10.86 -7.20
N TYR D 361 -47.62 11.05 -6.25
CA TYR D 361 -48.75 11.94 -6.48
C TYR D 361 -48.24 13.33 -6.82
N LYS D 362 -47.33 13.84 -5.98
CA LYS D 362 -46.72 15.15 -6.16
C LYS D 362 -46.13 15.20 -7.57
N GLU D 363 -45.48 14.10 -7.96
CA GLU D 363 -44.73 14.14 -9.19
C GLU D 363 -45.68 14.20 -10.39
N PHE D 364 -46.81 13.51 -10.28
CA PHE D 364 -47.76 13.45 -11.37
C PHE D 364 -48.52 14.77 -11.42
N PHE D 365 -48.78 15.32 -10.24
CA PHE D 365 -49.43 16.61 -10.10
C PHE D 365 -48.63 17.69 -10.84
N GLU D 366 -47.32 17.74 -10.61
CA GLU D 366 -46.52 18.74 -11.28
C GLU D 366 -46.59 18.52 -12.80
N VAL D 367 -46.74 17.26 -13.22
CA VAL D 367 -46.71 16.96 -14.64
C VAL D 367 -47.98 17.49 -15.28
N ALA D 368 -49.10 17.28 -14.57
CA ALA D 368 -50.40 17.64 -15.11
C ALA D 368 -50.64 19.15 -14.94
N ASN D 369 -50.28 19.66 -13.75
CA ASN D 369 -50.67 21.01 -13.36
C ASN D 369 -49.50 21.99 -13.47
N ASP D 370 -48.43 21.62 -14.18
CA ASP D 370 -47.31 22.53 -14.32
C ASP D 370 -46.52 22.21 -15.58
N VAL D 371 -45.89 21.03 -15.62
CA VAL D 371 -44.88 20.77 -16.64
C VAL D 371 -45.52 20.71 -18.02
N ILE D 372 -46.57 19.90 -18.19
CA ILE D 372 -47.21 19.80 -19.50
C ILE D 372 -47.77 21.17 -19.90
N PRO D 373 -48.54 21.86 -19.03
CA PRO D 373 -49.07 23.19 -19.35
C PRO D 373 -47.97 24.14 -19.85
N ASN D 374 -46.87 24.22 -19.10
CA ASN D 374 -45.75 25.10 -19.43
C ASN D 374 -45.11 24.64 -20.74
N LEU D 375 -45.10 23.32 -20.98
CA LEU D 375 -44.44 22.73 -22.15
C LEU D 375 -45.18 23.16 -23.41
N LEU D 376 -46.51 23.19 -23.32
CA LEU D 376 -47.36 23.51 -24.44
C LEU D 376 -47.35 25.02 -24.71
N LYS D 377 -47.44 25.82 -23.65
CA LYS D 377 -47.41 27.27 -23.77
C LYS D 377 -46.18 27.68 -24.59
N GLU D 378 -45.06 26.99 -24.37
CA GLU D 378 -43.81 27.30 -25.05
C GLU D 378 -43.95 26.98 -26.53
N ALA D 379 -44.75 25.95 -26.83
CA ALA D 379 -44.92 25.49 -28.20
C ALA D 379 -45.97 26.36 -28.88
N ALA D 380 -46.82 27.00 -28.06
CA ALA D 380 -47.89 27.88 -28.51
C ALA D 380 -47.33 29.25 -28.87
N SER D 381 -46.41 29.73 -28.02
CA SER D 381 -45.75 31.00 -28.25
C SER D 381 -44.72 30.86 -29.37
N LEU D 382 -44.28 29.63 -29.65
CA LEU D 382 -43.32 29.39 -30.71
C LEU D 382 -44.07 29.33 -32.05
N LEU D 383 -45.40 29.17 -31.97
CA LEU D 383 -46.24 29.09 -33.14
C LEU D 383 -46.61 30.50 -33.60
N GLU D 384 -47.01 31.34 -32.63
CA GLU D 384 -47.34 32.72 -32.92
C GLU D 384 -46.10 33.60 -32.70
N ALA D 385 -45.13 33.48 -33.62
CA ALA D 385 -43.88 34.24 -33.56
C ALA D 385 -43.49 34.69 -34.98
N SER D 402 -44.79 21.31 -36.39
CA SER D 402 -45.08 21.91 -35.07
C SER D 402 -46.20 21.15 -34.35
N ALA D 403 -46.06 21.06 -33.02
CA ALA D 403 -46.64 19.98 -32.26
C ALA D 403 -48.05 20.28 -31.78
N LEU D 404 -48.51 21.53 -31.93
CA LEU D 404 -49.87 21.79 -31.48
C LEU D 404 -50.86 21.51 -32.60
N GLN D 405 -50.33 21.32 -33.81
CA GLN D 405 -51.12 21.03 -34.99
C GLN D 405 -51.23 19.51 -35.16
N ASP D 406 -50.35 18.77 -34.48
CA ASP D 406 -50.19 17.32 -34.63
C ASP D 406 -51.03 16.58 -33.60
N PRO D 407 -51.91 15.64 -34.03
CA PRO D 407 -52.87 15.01 -33.13
C PRO D 407 -52.24 13.93 -32.23
N GLU D 408 -51.13 13.35 -32.70
CA GLU D 408 -50.39 12.35 -31.95
C GLU D 408 -50.28 12.84 -30.51
N CYS D 409 -49.88 14.12 -30.40
CA CYS D 409 -49.58 14.79 -29.15
C CYS D 409 -50.86 14.95 -28.33
N PHE D 410 -51.99 15.15 -29.02
CA PHE D 410 -53.24 15.33 -28.31
C PHE D 410 -53.72 14.00 -27.72
N ALA D 411 -53.43 12.92 -28.45
CA ALA D 411 -53.68 11.57 -27.97
C ALA D 411 -52.81 11.32 -26.74
N HIS D 412 -51.50 11.53 -26.89
CA HIS D 412 -50.55 11.39 -25.81
C HIS D 412 -51.06 12.06 -24.53
N LEU D 413 -51.66 13.25 -24.67
CA LEU D 413 -52.20 13.94 -23.51
C LEU D 413 -53.38 13.16 -22.95
N LEU D 414 -54.23 12.65 -23.85
CA LEU D 414 -55.47 12.05 -23.39
C LEU D 414 -55.15 10.74 -22.69
N ARG D 415 -54.21 9.99 -23.27
CA ARG D 415 -53.76 8.73 -22.70
C ARG D 415 -53.24 8.98 -21.29
N PHE D 416 -52.46 10.07 -21.16
CA PHE D 416 -51.85 10.48 -19.90
C PHE D 416 -52.93 10.59 -18.82
N TYR D 417 -53.99 11.30 -19.17
CA TYR D 417 -55.05 11.57 -18.21
C TYR D 417 -55.85 10.28 -17.98
N ASP D 418 -55.88 9.41 -19.00
CA ASP D 418 -56.57 8.14 -18.86
C ASP D 418 -55.85 7.34 -17.78
N GLY D 419 -54.51 7.35 -17.88
CA GLY D 419 -53.65 6.65 -16.94
C GLY D 419 -53.94 7.08 -15.50
N ILE D 420 -54.07 8.40 -15.31
CA ILE D 420 -54.26 8.92 -13.97
C ILE D 420 -55.65 8.55 -13.45
N CYS D 421 -56.63 8.49 -14.35
CA CYS D 421 -58.00 8.16 -13.99
C CYS D 421 -58.10 6.69 -13.60
N LYS D 422 -57.50 5.83 -14.44
CA LYS D 422 -57.50 4.39 -14.23
C LYS D 422 -56.81 4.08 -12.90
N TRP D 423 -55.64 4.70 -12.70
CA TRP D 423 -54.88 4.64 -11.45
C TRP D 423 -55.79 4.90 -10.25
N GLU D 424 -56.68 5.90 -10.41
CA GLU D 424 -57.58 6.30 -9.35
C GLU D 424 -58.55 5.18 -8.99
N GLU D 425 -59.06 4.44 -9.99
CA GLU D 425 -60.05 3.41 -9.74
C GLU D 425 -59.51 2.34 -8.77
N GLY D 426 -60.36 1.97 -7.82
CA GLY D 426 -60.03 0.91 -6.88
C GLY D 426 -59.27 1.43 -5.66
N SER D 427 -58.84 2.71 -5.72
CA SER D 427 -57.94 3.32 -4.75
C SER D 427 -58.69 3.73 -3.48
N PRO D 428 -58.14 3.44 -2.28
CA PRO D 428 -58.78 3.83 -1.02
C PRO D 428 -58.80 5.33 -0.77
N THR D 429 -58.19 6.10 -1.68
CA THR D 429 -58.09 7.55 -1.60
C THR D 429 -58.26 8.12 -3.00
N PRO D 430 -59.04 9.22 -3.16
CA PRO D 430 -59.22 9.83 -4.48
C PRO D 430 -57.91 10.43 -4.98
N VAL D 431 -57.78 10.61 -6.29
CA VAL D 431 -56.56 11.17 -6.84
C VAL D 431 -56.83 12.57 -7.35
N LEU D 432 -57.85 12.69 -8.22
CA LEU D 432 -58.16 13.93 -8.91
C LEU D 432 -59.12 14.78 -8.06
N HIS D 433 -58.86 16.08 -8.05
CA HIS D 433 -59.79 17.08 -7.55
C HIS D 433 -59.82 18.25 -8.52
N VAL D 434 -60.71 19.20 -8.25
CA VAL D 434 -60.94 20.35 -9.10
C VAL D 434 -59.63 20.91 -9.63
N GLY D 435 -58.60 20.87 -8.76
CA GLY D 435 -57.29 21.46 -9.03
C GLY D 435 -56.72 21.01 -10.36
N TRP D 436 -56.86 19.69 -10.62
CA TRP D 436 -56.42 19.06 -11.85
C TRP D 436 -57.27 19.52 -13.04
N ALA D 437 -58.56 19.73 -12.76
CA ALA D 437 -59.58 19.94 -13.77
C ALA D 437 -59.34 21.25 -14.54
N THR D 438 -58.91 22.30 -13.83
CA THR D 438 -58.63 23.57 -14.47
C THR D 438 -57.63 23.38 -15.61
N PHE D 439 -56.53 22.68 -15.31
CA PHE D 439 -55.41 22.60 -16.23
C PHE D 439 -55.72 21.59 -17.33
N LEU D 440 -56.61 20.65 -17.00
CA LEU D 440 -57.15 19.75 -18.02
C LEU D 440 -57.81 20.58 -19.11
N VAL D 441 -58.76 21.43 -18.69
CA VAL D 441 -59.49 22.31 -19.60
C VAL D 441 -58.49 23.15 -20.39
N GLN D 442 -57.52 23.73 -19.68
CA GLN D 442 -56.55 24.61 -20.31
C GLN D 442 -55.67 23.81 -21.26
N SER D 443 -55.26 22.61 -20.82
CA SER D 443 -54.33 21.77 -21.55
C SER D 443 -55.00 21.21 -22.80
N LEU D 444 -56.29 20.88 -22.66
CA LEU D 444 -57.16 20.55 -23.77
C LEU D 444 -57.14 21.74 -24.73
N GLY D 445 -57.48 22.91 -24.17
CA GLY D 445 -57.58 24.18 -24.88
C GLY D 445 -56.49 24.37 -25.93
N ARG D 446 -55.24 24.11 -25.56
CA ARG D 446 -54.11 24.46 -26.40
C ARG D 446 -54.17 23.77 -27.76
N PHE D 447 -55.25 23.01 -28.00
CA PHE D 447 -55.35 22.22 -29.22
C PHE D 447 -56.58 22.64 -30.01
N GLU D 448 -56.37 22.99 -31.29
CA GLU D 448 -57.44 23.41 -32.18
C GLU D 448 -58.43 22.26 -32.32
N GLY D 449 -59.73 22.57 -32.19
CA GLY D 449 -60.78 21.57 -32.41
C GLY D 449 -60.58 20.80 -33.71
N GLN D 450 -59.93 21.45 -34.68
CA GLN D 450 -59.64 20.86 -35.98
C GLN D 450 -58.71 19.66 -35.78
N VAL D 451 -57.80 19.77 -34.79
CA VAL D 451 -56.77 18.78 -34.54
C VAL D 451 -57.30 17.73 -33.57
N ARG D 452 -58.11 18.19 -32.60
CA ARG D 452 -58.66 17.37 -31.52
C ARG D 452 -59.73 16.41 -32.02
N GLN D 453 -60.01 16.42 -33.33
CA GLN D 453 -61.05 15.56 -33.84
C GLN D 453 -60.45 14.57 -34.83
N LYS D 454 -59.18 14.79 -35.19
CA LYS D 454 -58.49 13.84 -36.05
C LYS D 454 -58.09 12.62 -35.22
N VAL D 455 -58.69 12.51 -34.02
CA VAL D 455 -58.36 11.49 -33.03
C VAL D 455 -59.61 10.65 -32.74
N ARG D 456 -59.59 9.38 -33.16
CA ARG D 456 -60.75 8.51 -33.01
C ARG D 456 -60.68 7.77 -31.69
N ILE D 457 -61.59 8.12 -30.77
CA ILE D 457 -61.62 7.51 -29.44
C ILE D 457 -62.58 6.32 -29.43
N VAL D 458 -62.03 5.13 -29.71
CA VAL D 458 -62.82 3.92 -29.91
C VAL D 458 -62.77 3.05 -28.64
N SER D 459 -63.58 1.97 -28.65
CA SER D 459 -63.59 0.95 -27.60
C SER D 459 -63.04 -0.37 -28.13
N GLY D 460 -62.75 -0.40 -29.45
CA GLY D 460 -62.51 -1.64 -30.17
C GLY D 460 -63.81 -2.13 -30.80
N THR D 461 -63.69 -2.95 -31.84
CA THR D 461 -64.84 -3.44 -32.58
C THR D 461 -64.94 -4.97 -32.45
N VAL D 462 -63.93 -5.67 -32.99
CA VAL D 462 -63.78 -7.10 -32.80
C VAL D 462 -62.45 -7.35 -32.09
N ALA D 463 -62.37 -8.45 -31.33
CA ALA D 463 -61.14 -8.87 -30.67
C ALA D 463 -60.26 -9.71 -31.59
N GLY D 464 -58.94 -9.48 -31.51
CA GLY D 464 -57.96 -10.27 -32.24
C GLY D 464 -58.04 -10.05 -33.75
N THR D 465 -57.18 -10.73 -34.51
CA THR D 465 -57.26 -10.76 -35.96
C THR D 465 -57.38 -12.21 -36.41
N ALA D 466 -57.45 -12.47 -37.73
CA ALA D 466 -57.66 -13.82 -38.24
C ALA D 466 -56.71 -14.16 -39.39
N ARG D 467 -56.52 -15.46 -39.63
CA ARG D 467 -55.79 -15.93 -40.79
C ARG D 467 -56.61 -17.04 -41.45
N GLY D 468 -56.61 -17.05 -42.79
CA GLY D 468 -57.28 -18.08 -43.56
C GLY D 468 -56.29 -19.06 -44.18
N GLY D 488 -56.38 10.22 -38.96
CA GLY D 488 -55.26 10.35 -38.01
C GLY D 488 -55.13 9.14 -37.09
N PRO D 489 -54.74 9.34 -35.81
CA PRO D 489 -54.52 8.22 -34.90
C PRO D 489 -55.74 7.71 -34.15
N VAL D 490 -55.65 6.47 -33.65
CA VAL D 490 -56.73 5.82 -32.92
C VAL D 490 -56.35 5.69 -31.45
N LEU D 491 -57.33 5.89 -30.55
CA LEU D 491 -57.06 5.83 -29.13
C LEU D 491 -58.17 5.05 -28.43
N THR D 492 -57.82 4.30 -27.37
CA THR D 492 -58.84 3.61 -26.58
C THR D 492 -58.62 3.92 -25.10
N PHE D 493 -59.69 4.30 -24.41
CA PHE D 493 -59.60 4.56 -22.99
C PHE D 493 -59.76 3.26 -22.22
N GLN D 494 -59.39 3.29 -20.94
CA GLN D 494 -59.43 2.12 -20.05
C GLN D 494 -60.02 2.54 -18.71
N SER D 495 -60.12 3.85 -18.50
CA SER D 495 -60.75 4.33 -17.28
C SER D 495 -62.19 4.69 -17.61
N GLU D 496 -63.05 4.63 -16.59
CA GLU D 496 -64.42 5.05 -16.79
C GLU D 496 -64.49 6.55 -16.92
N LYS D 497 -63.80 7.27 -16.04
CA LYS D 497 -63.89 8.72 -16.03
C LYS D 497 -63.64 9.26 -17.45
N MET D 498 -62.57 8.80 -18.09
CA MET D 498 -62.22 9.37 -19.37
C MET D 498 -63.21 8.90 -20.45
N LYS D 499 -63.71 7.67 -20.32
CA LYS D 499 -64.61 7.14 -21.34
C LYS D 499 -66.00 7.76 -21.18
N GLY D 500 -66.34 8.11 -19.94
CA GLY D 500 -67.62 8.74 -19.65
C GLY D 500 -67.67 10.19 -20.12
N MET D 501 -66.56 10.66 -20.70
CA MET D 501 -66.50 12.02 -21.20
C MET D 501 -65.73 12.03 -22.52
N LYS D 502 -65.96 11.00 -23.35
CA LYS D 502 -65.18 10.81 -24.57
C LYS D 502 -65.62 11.81 -25.64
N GLU D 503 -66.87 12.28 -25.51
CA GLU D 503 -67.50 13.23 -26.42
C GLU D 503 -66.91 14.61 -26.21
N LEU D 504 -66.86 15.03 -24.93
CA LEU D 504 -66.51 16.39 -24.56
C LEU D 504 -65.11 16.72 -25.06
N LEU D 505 -64.26 15.70 -25.14
CA LEU D 505 -62.85 15.94 -25.40
C LEU D 505 -62.67 16.22 -26.89
N VAL D 506 -63.71 15.93 -27.67
CA VAL D 506 -63.57 16.04 -29.12
C VAL D 506 -64.46 17.17 -29.65
N ALA D 507 -65.35 17.70 -28.78
CA ALA D 507 -66.21 18.80 -29.15
C ALA D 507 -65.37 20.04 -29.45
N THR D 508 -65.92 20.96 -30.25
CA THR D 508 -65.18 22.15 -30.68
C THR D 508 -65.35 23.27 -29.64
N LYS D 509 -66.27 23.08 -28.70
CA LYS D 509 -66.38 23.97 -27.55
C LYS D 509 -66.25 23.14 -26.26
N ILE D 510 -65.10 23.30 -25.60
CA ILE D 510 -64.79 22.53 -24.42
C ILE D 510 -65.79 22.87 -23.32
N ASN D 511 -66.81 22.03 -23.12
CA ASN D 511 -67.78 22.25 -22.06
C ASN D 511 -67.12 22.12 -20.69
N SER D 512 -66.52 23.23 -20.24
CA SER D 512 -65.68 23.27 -19.05
C SER D 512 -66.49 22.90 -17.81
N SER D 513 -67.74 23.33 -17.75
CA SER D 513 -68.55 23.16 -16.55
C SER D 513 -68.81 21.68 -16.27
N ALA D 514 -68.58 20.82 -17.28
CA ALA D 514 -68.91 19.42 -17.15
C ALA D 514 -67.64 18.60 -16.98
N ILE D 515 -66.64 18.90 -17.82
CA ILE D 515 -65.35 18.22 -17.77
C ILE D 515 -64.82 18.26 -16.35
N LYS D 516 -64.81 19.44 -15.73
CA LYS D 516 -64.45 19.58 -14.33
C LYS D 516 -65.33 18.68 -13.47
N LEU D 517 -66.62 18.59 -13.82
CA LEU D 517 -67.59 17.90 -12.99
C LEU D 517 -67.32 16.39 -13.05
N GLN D 518 -67.04 15.89 -14.27
CA GLN D 518 -66.96 14.48 -14.56
C GLN D 518 -65.60 13.91 -14.11
N LEU D 519 -64.58 14.78 -14.04
CA LEU D 519 -63.25 14.36 -13.66
C LEU D 519 -63.19 14.12 -12.15
N THR D 520 -64.29 14.40 -11.45
CA THR D 520 -64.38 14.27 -10.01
C THR D 520 -65.50 13.28 -9.63
N ALA D 521 -65.35 12.59 -8.48
CA ALA D 521 -66.34 11.61 -8.06
C ALA D 521 -65.77 10.68 -6.97
F3 7IX E . 13.66 -8.46 -9.32
C21 7IX E . 13.68 -7.96 -10.56
F1 7IX E . 13.24 -8.94 -11.35
F2 7IX E . 14.88 -7.54 -10.98
C20 7IX E . 12.79 -6.72 -10.55
C18 7IX E . 12.96 -5.98 -11.83
S1 7IX E . 12.02 -6.56 -13.16
C17 7IX E . 12.69 -5.31 -14.19
N4 7IX E . 12.34 -5.20 -15.50
C16 7IX E . 12.98 -4.20 -16.07
N3 7IX E . 13.86 -3.33 -15.55
C19 7IX E . 13.75 -4.90 -12.10
C15 7IX E . 13.61 -4.48 -13.47
C14 7IX E . 14.20 -3.44 -14.23
N2 7IX E . 15.12 -2.50 -13.71
C13 7IX E . 15.67 -2.75 -12.40
C12 7IX E . 15.33 -1.21 -14.36
C10 7IX E . 16.62 -1.19 -15.19
O1 7IX E . 17.43 -2.25 -14.71
C9 7IX E . 17.23 0.21 -15.08
C11 7IX E . 15.56 -0.05 -13.40
C8 7IX E . 16.15 1.00 -14.35
N1 7IX E . 16.65 2.19 -13.65
C7 7IX E . 15.57 3.13 -13.29
C6 7IX E . 16.23 4.46 -13.07
C3 7IX E . 16.91 4.63 -11.88
C2 7IX E . 17.57 5.84 -11.65
C5 7IX E . 16.20 5.49 -14.02
C4 7IX E . 16.85 6.72 -13.77
C1 7IX E . 17.50 6.88 -12.56
C23 7IX E . 18.28 8.06 -12.28
C25 7IX E . 18.89 8.34 -11.04
C26 7IX E . 19.69 9.51 -10.94
O3 7IX E . 20.30 9.93 -9.80
C27 7IX E . 20.12 9.12 -8.65
N6 7IX E . 18.51 8.82 -13.39
N5 7IX E . 19.27 9.92 -13.28
C22 7IX E . 19.85 10.26 -12.11
O2 7IX E . 20.62 11.40 -12.10
C24 7IX E . 20.72 12.11 -13.32
UNK UNX F . 5.32 7.13 5.13
S DMS G . 17.14 -6.72 -14.08
O DMS G . 17.06 -5.99 -15.41
C1 DMS G . 18.35 -5.87 -13.08
C2 DMS G . 18.06 -8.23 -14.36
F3 7IX H . 46.49 -28.66 -15.95
C21 7IX H . 46.66 -29.80 -15.24
F1 7IX H . 47.71 -30.44 -15.75
F2 7IX H . 45.58 -30.62 -15.24
C20 7IX H . 46.99 -29.52 -13.79
C18 7IX H . 47.02 -30.79 -12.95
S1 7IX H . 48.38 -31.87 -13.08
C17 7IX H . 47.66 -32.93 -11.90
N4 7IX H . 48.29 -34.03 -11.51
C16 7IX H . 47.59 -34.74 -10.61
N3 7IX H . 46.40 -34.45 -10.06
C19 7IX H . 46.07 -31.20 -12.05
C15 7IX H . 46.42 -32.45 -11.43
C14 7IX H . 45.81 -33.30 -10.47
N2 7IX H . 44.58 -33.00 -9.87
C13 7IX H . 43.99 -31.74 -10.29
C12 7IX H . 44.34 -33.57 -8.52
C10 7IX H . 43.24 -34.61 -8.60
O1 7IX H . 42.62 -34.41 -9.88
C9 7IX H . 42.32 -34.43 -7.38
C11 7IX H . 43.86 -32.59 -7.44
C8 7IX H . 43.09 -33.49 -6.45
N1 7IX H . 42.22 -32.76 -5.54
C7 7IX H . 43.01 -32.11 -4.48
C6 7IX H . 42.07 -32.02 -3.30
C3 7IX H . 41.29 -30.84 -3.15
C2 7IX H . 40.37 -30.72 -2.10
C5 7IX H . 41.92 -33.11 -2.40
C4 7IX H . 40.99 -32.99 -1.34
C1 7IX H . 40.25 -31.78 -1.19
C23 7IX H . 39.25 -31.65 -0.15
C25 7IX H . 38.42 -30.52 -0.07
C26 7IX H . 37.44 -30.50 0.96
O3 7IX H . 36.61 -29.42 1.15
C27 7IX H . 36.83 -28.34 0.23
N6 7IX H . 39.12 -32.75 0.65
N5 7IX H . 38.19 -32.74 1.63
C22 7IX H . 37.37 -31.66 1.79
O2 7IX H . 36.47 -31.80 2.82
C24 7IX H . 36.60 -33.06 3.50
UNK UNX I . 47.75 -11.42 -0.92
S DMS J . 44.19 -34.23 -14.22
O DMS J . 44.06 -35.31 -13.15
C1 DMS J . 42.71 -33.23 -14.12
C2 DMS J . 43.86 -34.98 -15.80
F3 7IX K . -20.11 29.19 24.27
C21 7IX K . -20.18 28.93 25.58
F1 7IX K . -19.02 29.32 26.09
F2 7IX K . -20.37 27.64 25.91
C20 7IX K . -21.33 29.76 26.11
C18 7IX K . -21.83 29.24 27.42
S1 7IX K . -21.19 30.03 28.83
C17 7IX K . -22.16 28.96 29.83
N4 7IX K . -22.12 29.06 31.16
C16 7IX K . -22.89 28.17 31.78
N3 7IX K . -23.66 27.25 31.22
C19 7IX K . -22.72 28.21 27.64
C15 7IX K . -22.93 28.03 29.07
C14 7IX K . -23.71 27.15 29.87
N2 7IX K . -24.56 26.15 29.38
C13 7IX K . -24.65 26.05 27.94
C12 7IX K . -25.65 25.66 30.26
C10 7IX K . -25.39 24.24 30.76
O1 7IX K . -24.50 23.66 29.85
C9 7IX K . -26.73 23.50 30.86
C11 7IX K . -27.00 25.51 29.57
C8 7IX K . -27.77 24.56 30.49
N1 7IX K . -28.89 23.96 29.81
C7 7IX K . -30.02 24.89 29.70
C6 7IX K . -31.23 24.00 29.66
C3 7IX K . -31.72 23.58 28.40
C2 7IX K . -32.81 22.71 28.30
C5 7IX K . -31.82 23.53 30.85
C4 7IX K . -32.91 22.65 30.76
C1 7IX K . -33.43 22.27 29.49
C23 7IX K . -34.56 21.35 29.39
C25 7IX K . -35.06 20.95 28.14
C26 7IX K . -36.12 20.02 28.15
O3 7IX K . -36.72 19.56 27.03
C27 7IX K . -36.17 20.10 25.84
N6 7IX K . -35.03 20.85 30.56
N5 7IX K . -36.03 19.97 30.56
C22 7IX K . -36.58 19.56 29.39
O2 7IX K . -37.58 18.66 29.44
C24 7IX K . -37.98 18.25 30.74
UNK UNX L . -39.19 36.48 14.30
S DMS M . -20.28 25.04 28.54
O DMS M . -20.80 24.71 29.92
C1 DMS M . -19.85 23.50 27.77
C2 DMS M . -18.64 25.66 28.78
F3 7IX N . -35.89 4.45 -0.32
C21 7IX N . -34.86 4.39 -1.16
F1 7IX N . -34.09 3.43 -0.63
F2 7IX N . -34.17 5.55 -1.25
C20 7IX N . -35.42 4.02 -2.55
C18 7IX N . -34.54 4.57 -3.63
S1 7IX N . -33.19 3.59 -4.07
C17 7IX N . -32.73 4.81 -5.24
N4 7IX N . -31.63 4.64 -6.00
C16 7IX N . -31.43 5.66 -6.81
N3 7IX N . -32.16 6.76 -6.95
C19 7IX N . -34.66 5.75 -4.31
C15 7IX N . -33.61 5.90 -5.27
C14 7IX N . -33.26 6.90 -6.19
N2 7IX N . -33.99 8.10 -6.43
C13 7IX N . -35.25 8.22 -5.73
C12 7IX N . -33.74 8.81 -7.69
C10 7IX N . -33.08 10.18 -7.52
O1 7IX N . -33.01 10.56 -6.15
C9 7IX N . -33.89 11.18 -8.36
C11 7IX N . -35.00 9.06 -8.52
C8 7IX N . -34.67 10.32 -9.33
N1 7IX N . -35.88 11.03 -9.70
C7 7IX N . -36.54 10.35 -10.82
C6 7IX N . -37.21 11.44 -11.60
C3 7IX N . -38.33 12.03 -11.00
C2 7IX N . -38.99 13.08 -11.65
C5 7IX N . -36.71 11.89 -12.83
C4 7IX N . -37.38 12.94 -13.47
C1 7IX N . -38.52 13.53 -12.89
C23 7IX N . -39.19 14.64 -13.54
C25 7IX N . -40.43 15.17 -13.15
C26 7IX N . -40.88 16.28 -13.89
O3 7IX N . -42.07 16.90 -13.69
C27 7IX N . -42.86 16.34 -12.64
N6 7IX N . -38.41 15.17 -14.52
N5 7IX N . -38.85 16.21 -15.21
C22 7IX N . -40.04 16.77 -14.91
O2 7IX N . -40.39 17.84 -15.68
C24 7IX N . -39.42 18.18 -16.68
UNK UNX O . -56.06 1.50 -10.38
S DMS P . -31.88 8.31 -2.21
O DMS P . -30.89 8.58 -3.33
C1 DMS P . -33.06 9.65 -2.23
C2 DMS P . -31.05 8.73 -0.68
#